data_3Q3M
#
_entry.id   3Q3M
#
_cell.length_a   100.044
_cell.length_b   115.718
_cell.length_c   181.282
_cell.angle_alpha   90.000
_cell.angle_beta   90.000
_cell.angle_gamma   90.000
#
_symmetry.space_group_name_H-M   'P 21 21 21'
#
loop_
_entity.id
_entity.type
_entity.pdbx_description
1 polymer 'Toluene-4-monooxygenase system protein A'
2 polymer 'Toluene-4-monooxygenase system protein E'
3 polymer 'Toluene-4-monooxygenase system protein B'
4 polymer 'Toluene-4-monooxygenase system protein D'
5 non-polymer 'FE (III) ION'
6 non-polymer '4-bromobenzoic acid'
7 water water
#
loop_
_entity_poly.entity_id
_entity_poly.type
_entity_poly.pdbx_seq_one_letter_code
_entity_poly.pdbx_strand_id
1 'polypeptide(L)'
;MAMHPRKDWYELTRATNWTPSYVTEEQLFPERMSGHMGIPLEKWESYDEPYKTSYPEYVSIQREKDAGAYSVKAALERAK
IYENSDPGWISTLKSHYGAIAVGEYAAVTGEGRMARFSKAPGNRNMATFGMMDELRHGQLQLFFPHEYCKKDRQFDWAWR
AYHSNEWAAIAAKHFFDDIITGRDAISVAIMLTFSFETGFTNMQFLGLAADAAEAGDYTFANLISSIQTDESRHAQQGGP
ALQLLIENGKREEAQKKVDMAIWRAWRLFAVLTGPVMDYYTPLEDRSQSFKEFMYEWIIGQFERSLIDLGLDKPWYWDLF
LKDIDELHHSYHMGVWYWRTTAWWNPAAGVTPEERDWLEEKYPGWNKRWGRCWDVITENVLNDRMDLVSPETLPSVCNMS
QIPLVGVPGDDWNIEVFSLEHNGRLYHFGSEVDRWVFQQDPVQYQNHMNIVDRFLAGQIQPMTLEGALKYMGFQSIEEMG
KDAHDFAWADKCKPAMKKSA
;
A,D
2 'polypeptide(L)'
;MSFESKKPMRTWSHLAEMRKKPSEYDIVSRKLHYSTNNPDSPWELSPDSPMNLWYKQYRNASPLKHDNWDAFTDPDQLVY
RTYNLMQDGQESYVQSLFDQFNEREHDQMVREGWEHTMARCYSPLRYLFHCLQMSSAYVQQMAPASTISNCCILQTADSL
RWLTHTAYRTHELSLTYPDAGLGEHERELWEKEPGWQGLRELMEKQLTAFDWGEAFVSLNLVVKPMIVESIFKPLQQQAW
ENNDTLLPLLIDSQLKDAERHSRWSKALVKHALENPDNHAVIEGWIEKWRPLADRAAEAYLSMLSSD
;
B,F
3 'polypeptide(L)'
;MSAFPVHAAFEKDFLVQLVVVDLNDSMDQVAEKVAYHCVNRRVAPREGVMRVRKHRSTELFPRDMTIAESGLNPTEVIDV
VFEE
;
C,G
4 'polypeptide(L)'
;MSTLADQALHNNNVGPIIRAGDLVEPVIETAEIDNPGKEITVEDRRAYVRIAAEGELILTRKTLEEQLGRPFNMQELEIN
LASFAGQIQADEDQIRFYFDKTM
;
E,H
#
# COMPACT_ATOMS: atom_id res chain seq x y z
N ALA A 2 -27.86 -14.90 -3.47
CA ALA A 2 -26.88 -15.12 -4.52
C ALA A 2 -26.76 -13.89 -5.44
N MET A 3 -25.66 -13.84 -6.18
CA MET A 3 -25.40 -12.77 -7.16
C MET A 3 -25.40 -13.39 -8.56
N HIS A 4 -25.79 -12.61 -9.56
CA HIS A 4 -25.84 -13.11 -10.94
C HIS A 4 -24.61 -12.59 -11.69
N PRO A 5 -23.94 -13.48 -12.43
CA PRO A 5 -22.68 -13.09 -13.07
C PRO A 5 -22.85 -12.03 -14.15
N ARG A 6 -21.84 -11.19 -14.29
CA ARG A 6 -21.92 -10.07 -15.24
C ARG A 6 -22.36 -10.47 -16.64
N LYS A 7 -21.88 -11.60 -17.16
CA LYS A 7 -22.23 -12.00 -18.53
C LYS A 7 -23.76 -12.03 -18.77
N ASP A 8 -24.54 -12.30 -17.71
CA ASP A 8 -25.98 -12.45 -17.85
C ASP A 8 -26.75 -11.12 -17.87
N TRP A 9 -26.14 -10.03 -17.40
CA TRP A 9 -26.82 -8.74 -17.42
C TRP A 9 -26.07 -7.64 -18.12
N TYR A 10 -24.86 -7.94 -18.60
CA TYR A 10 -24.02 -6.94 -19.25
C TYR A 10 -24.72 -6.27 -20.44
N GLU A 11 -25.43 -7.04 -21.25
CA GLU A 11 -26.03 -6.43 -22.43
C GLU A 11 -27.00 -5.32 -22.09
N LEU A 12 -27.72 -5.48 -20.98
CA LEU A 12 -28.68 -4.46 -20.58
C LEU A 12 -27.95 -3.17 -20.20
N THR A 13 -26.69 -3.26 -19.78
CA THR A 13 -25.99 -2.03 -19.38
C THR A 13 -25.69 -1.17 -20.60
N ARG A 14 -25.57 -1.79 -21.75
CA ARG A 14 -25.30 -1.03 -22.96
C ARG A 14 -26.45 -1.03 -23.99
N ALA A 15 -27.64 -1.44 -23.55
CA ALA A 15 -28.84 -1.35 -24.39
C ALA A 15 -29.47 0.04 -24.20
N THR A 16 -28.82 1.04 -24.78
CA THR A 16 -29.18 2.42 -24.48
C THR A 16 -29.39 3.28 -25.71
N ASN A 17 -29.13 2.75 -26.90
CA ASN A 17 -29.49 3.48 -28.12
C ASN A 17 -31.00 3.50 -28.32
N TRP A 18 -31.52 4.61 -28.79
CA TRP A 18 -32.95 4.67 -29.13
C TRP A 18 -33.10 5.56 -30.36
N THR A 19 -34.29 5.51 -30.98
CA THR A 19 -34.54 6.27 -32.20
C THR A 19 -35.15 7.63 -31.86
N PRO A 20 -34.41 8.72 -32.08
CA PRO A 20 -34.94 10.02 -31.63
C PRO A 20 -36.16 10.45 -32.45
N SER A 21 -37.10 11.17 -31.82
CA SER A 21 -38.37 11.54 -32.43
C SER A 21 -38.66 13.04 -32.27
N TYR A 22 -38.09 13.65 -31.25
CA TYR A 22 -38.40 15.04 -30.94
C TYR A 22 -37.30 15.99 -31.41
N VAL A 23 -36.11 15.42 -31.64
CA VAL A 23 -35.08 16.07 -32.42
C VAL A 23 -34.62 15.03 -33.44
N THR A 24 -33.85 15.42 -34.45
CA THR A 24 -33.35 14.45 -35.42
C THR A 24 -32.11 13.74 -34.86
N GLU A 25 -31.79 12.59 -35.44
CA GLU A 25 -30.59 11.84 -35.09
C GLU A 25 -29.35 12.71 -35.27
N GLU A 26 -29.35 13.51 -36.34
CA GLU A 26 -28.21 14.39 -36.62
C GLU A 26 -28.15 15.59 -35.64
N GLN A 27 -29.29 16.04 -35.14
CA GLN A 27 -29.27 17.07 -34.11
C GLN A 27 -28.70 16.50 -32.80
N LEU A 28 -29.06 15.27 -32.47
CA LEU A 28 -28.60 14.63 -31.25
C LEU A 28 -27.11 14.25 -31.34
N PHE A 29 -26.68 13.80 -32.52
CA PHE A 29 -25.29 13.37 -32.72
C PHE A 29 -24.70 14.12 -33.90
N PRO A 30 -24.43 15.42 -33.71
CA PRO A 30 -23.94 16.23 -34.84
C PRO A 30 -22.56 15.74 -35.31
N GLU A 31 -22.41 15.60 -36.62
CA GLU A 31 -21.17 15.04 -37.16
C GLU A 31 -19.93 15.76 -36.66
N ARG A 32 -20.01 17.08 -36.45
CA ARG A 32 -18.78 17.77 -36.04
C ARG A 32 -18.28 17.32 -34.66
N MET A 33 -19.20 16.84 -33.82
CA MET A 33 -18.83 16.38 -32.48
C MET A 33 -18.79 14.86 -32.37
N SER A 34 -19.59 14.20 -33.19
CA SER A 34 -19.74 12.73 -33.15
C SER A 34 -18.81 11.97 -34.13
N GLY A 35 -18.66 12.45 -35.36
CA GLY A 35 -17.73 11.83 -36.29
C GLY A 35 -18.21 10.49 -36.83
N HIS A 36 -19.52 10.29 -36.92
CA HIS A 36 -20.09 8.98 -37.29
C HIS A 36 -19.94 8.69 -38.78
N MET A 37 -19.51 9.69 -39.55
CA MET A 37 -19.28 9.55 -41.00
C MET A 37 -20.53 9.09 -41.77
N GLY A 38 -21.70 9.38 -41.21
CA GLY A 38 -22.95 9.05 -41.82
C GLY A 38 -23.35 7.60 -41.60
N ILE A 39 -22.59 6.88 -40.79
CA ILE A 39 -22.95 5.49 -40.50
C ILE A 39 -24.16 5.52 -39.57
N PRO A 40 -25.27 4.86 -39.96
CA PRO A 40 -26.55 4.93 -39.24
C PRO A 40 -26.46 4.32 -37.85
N LEU A 41 -27.26 4.89 -36.94
CA LEU A 41 -27.29 4.50 -35.53
C LEU A 41 -27.29 2.98 -35.34
N GLU A 42 -28.12 2.28 -36.10
CA GLU A 42 -28.26 0.85 -35.90
C GLU A 42 -26.92 0.11 -36.11
N LYS A 43 -26.06 0.64 -36.98
CA LYS A 43 -24.80 -0.06 -37.25
C LYS A 43 -23.86 -0.05 -36.05
N TRP A 44 -23.99 0.98 -35.22
CA TRP A 44 -23.07 1.19 -34.11
C TRP A 44 -23.34 0.22 -32.96
N GLU A 45 -24.51 -0.41 -33.00
CA GLU A 45 -24.89 -1.31 -31.91
C GLU A 45 -24.06 -2.60 -31.90
N SER A 46 -23.31 -2.86 -32.97
CA SER A 46 -22.47 -4.05 -33.00
C SER A 46 -21.09 -3.81 -32.31
N TYR A 47 -20.83 -2.56 -31.91
CA TYR A 47 -19.59 -2.22 -31.20
C TYR A 47 -19.48 -3.09 -29.93
N ASP A 48 -18.37 -3.79 -29.79
CA ASP A 48 -18.22 -4.71 -28.65
C ASP A 48 -16.86 -4.54 -27.98
N GLU A 49 -16.80 -3.67 -26.98
CA GLU A 49 -15.57 -3.43 -26.23
C GLU A 49 -14.98 -4.74 -25.68
N PRO A 50 -13.72 -5.07 -25.99
CA PRO A 50 -13.20 -6.37 -25.53
C PRO A 50 -12.68 -6.42 -24.07
N TYR A 51 -12.54 -5.27 -23.45
CA TYR A 51 -12.05 -5.21 -22.07
C TYR A 51 -13.14 -4.53 -21.25
N LYS A 52 -14.04 -5.34 -20.69
CA LYS A 52 -15.23 -4.82 -20.02
C LYS A 52 -15.00 -4.66 -18.52
N THR A 53 -15.76 -3.75 -17.91
CA THR A 53 -15.92 -3.74 -16.46
C THR A 53 -17.32 -3.20 -16.13
N SER A 54 -17.66 -3.17 -14.85
CA SER A 54 -18.96 -2.67 -14.43
C SER A 54 -18.73 -1.75 -13.23
N TYR A 55 -19.68 -0.87 -12.97
CA TYR A 55 -19.52 0.12 -11.90
C TYR A 55 -19.05 -0.47 -10.54
N PRO A 56 -19.76 -1.49 -10.03
CA PRO A 56 -19.29 -1.97 -8.72
C PRO A 56 -17.86 -2.51 -8.74
N GLU A 57 -17.47 -3.14 -9.83
CA GLU A 57 -16.13 -3.67 -9.90
C GLU A 57 -15.09 -2.56 -10.05
N TYR A 58 -15.43 -1.57 -10.89
CA TYR A 58 -14.56 -0.40 -11.11
C TYR A 58 -14.20 0.28 -9.78
N VAL A 59 -15.21 0.67 -9.00
CA VAL A 59 -14.91 1.42 -7.78
C VAL A 59 -14.05 0.60 -6.79
N SER A 60 -14.31 -0.71 -6.72
CA SER A 60 -13.59 -1.59 -5.81
C SER A 60 -12.12 -1.73 -6.26
N ILE A 61 -11.94 -2.03 -7.53
CA ILE A 61 -10.61 -2.27 -8.04
C ILE A 61 -9.78 -0.97 -8.05
N GLN A 62 -10.38 0.14 -8.46
CA GLN A 62 -9.64 1.41 -8.49
C GLN A 62 -9.31 1.89 -7.09
N ARG A 63 -10.17 1.57 -6.12
CA ARG A 63 -9.85 1.85 -4.71
C ARG A 63 -8.54 1.14 -4.35
N GLU A 64 -8.43 -0.13 -4.74
CA GLU A 64 -7.27 -0.93 -4.41
C GLU A 64 -6.02 -0.37 -5.09
N LYS A 65 -6.16 0.04 -6.35
CA LYS A 65 -4.99 0.50 -7.13
C LYS A 65 -4.41 1.74 -6.47
N ASP A 66 -5.28 2.70 -6.11
CA ASP A 66 -4.81 3.91 -5.42
C ASP A 66 -4.24 3.62 -4.06
N ALA A 67 -4.85 2.72 -3.30
CA ALA A 67 -4.30 2.48 -1.95
C ALA A 67 -2.84 2.06 -2.03
N GLY A 68 -2.52 1.18 -3.00
CA GLY A 68 -1.14 0.75 -3.20
C GLY A 68 -0.25 1.92 -3.64
N ALA A 69 -0.70 2.72 -4.59
CA ALA A 69 0.16 3.79 -5.12
C ALA A 69 0.51 4.78 -4.02
N TYR A 70 -0.49 5.18 -3.24
CA TYR A 70 -0.24 6.12 -2.15
C TYR A 70 0.54 5.52 -0.98
N SER A 71 0.31 4.26 -0.66
N SER A 71 0.30 4.25 -0.66
CA SER A 71 1.04 3.68 0.48
CA SER A 71 1.05 3.64 0.43
C SER A 71 2.52 3.45 0.14
C SER A 71 2.54 3.57 0.10
N VAL A 72 2.82 3.19 -1.14
CA VAL A 72 4.21 3.12 -1.58
C VAL A 72 4.86 4.49 -1.49
N LYS A 73 4.20 5.52 -1.99
CA LYS A 73 4.73 6.87 -1.89
C LYS A 73 5.02 7.20 -0.41
N ALA A 74 4.05 6.94 0.47
CA ALA A 74 4.21 7.32 1.86
C ALA A 74 5.38 6.57 2.50
N ALA A 75 5.56 5.28 2.17
CA ALA A 75 6.60 4.47 2.81
C ALA A 75 8.01 4.84 2.36
N LEU A 76 8.12 5.50 1.20
CA LEU A 76 9.43 5.85 0.63
C LEU A 76 9.79 7.33 0.70
N GLU A 77 8.99 8.15 1.39
CA GLU A 77 9.28 9.59 1.45
C GLU A 77 10.71 9.86 1.91
N ARG A 78 11.27 9.00 2.75
CA ARG A 78 12.63 9.21 3.27
C ARG A 78 13.74 8.41 2.55
N ALA A 79 13.45 7.89 1.37
CA ALA A 79 14.42 7.09 0.62
C ALA A 79 15.51 7.96 -0.05
N LYS A 80 15.42 9.27 0.14
CA LYS A 80 16.43 10.20 -0.38
C LYS A 80 16.55 10.24 -1.90
N ILE A 81 15.45 9.94 -2.61
CA ILE A 81 15.42 10.12 -4.06
C ILE A 81 15.82 11.52 -4.50
N TYR A 82 15.13 12.53 -3.98
CA TYR A 82 15.44 13.88 -4.40
C TYR A 82 16.88 14.25 -4.05
N GLU A 83 17.26 13.95 -2.82
CA GLU A 83 18.57 14.32 -2.30
C GLU A 83 19.72 13.58 -2.98
N ASN A 84 19.53 12.29 -3.23
CA ASN A 84 20.63 11.45 -3.70
C ASN A 84 20.63 11.09 -5.20
N SER A 85 19.50 11.26 -5.88
CA SER A 85 19.45 10.92 -7.29
C SER A 85 20.38 11.77 -8.15
N ASP A 86 20.83 11.19 -9.24
CA ASP A 86 21.54 11.94 -10.25
C ASP A 86 20.61 13.07 -10.68
N PRO A 87 21.14 14.28 -10.85
CA PRO A 87 20.27 15.41 -11.22
C PRO A 87 19.56 15.21 -12.58
N GLY A 88 20.14 14.36 -13.42
CA GLY A 88 19.55 13.99 -14.69
C GLY A 88 18.26 13.22 -14.47
N TRP A 89 18.23 12.38 -13.43
CA TRP A 89 17.00 11.69 -13.06
C TRP A 89 15.95 12.67 -12.51
N ILE A 90 16.38 13.58 -11.65
CA ILE A 90 15.47 14.63 -11.15
C ILE A 90 14.88 15.42 -12.31
N SER A 91 15.71 15.77 -13.28
CA SER A 91 15.19 16.50 -14.44
C SER A 91 14.17 15.68 -15.22
N THR A 92 14.38 14.37 -15.27
CA THR A 92 13.42 13.48 -15.92
C THR A 92 12.04 13.54 -15.23
N LEU A 93 12.05 13.52 -13.89
CA LEU A 93 10.81 13.71 -13.12
C LEU A 93 10.16 15.06 -13.44
N LYS A 94 10.94 16.13 -13.44
CA LYS A 94 10.39 17.47 -13.73
C LYS A 94 9.77 17.59 -15.14
N SER A 95 10.46 17.05 -16.13
CA SER A 95 9.98 17.04 -17.50
C SER A 95 8.70 16.20 -17.58
N HIS A 96 8.72 15.03 -16.95
CA HIS A 96 7.56 14.13 -17.06
C HIS A 96 6.30 14.78 -16.45
N TYR A 97 6.40 15.27 -15.22
CA TYR A 97 5.23 15.79 -14.53
C TYR A 97 4.70 17.05 -15.22
N GLY A 98 5.59 17.93 -15.67
CA GLY A 98 5.18 19.11 -16.41
C GLY A 98 4.48 18.77 -17.74
N ALA A 99 5.03 17.80 -18.46
CA ALA A 99 4.51 17.49 -19.78
C ALA A 99 3.23 16.65 -19.74
N ILE A 100 3.00 15.98 -18.60
CA ILE A 100 1.96 14.93 -18.51
C ILE A 100 0.75 15.32 -17.65
N ALA A 101 0.96 15.91 -16.48
CA ALA A 101 -0.15 15.95 -15.50
C ALA A 101 -1.45 16.64 -16.01
N VAL A 102 -1.30 17.84 -16.54
CA VAL A 102 -2.47 18.58 -16.94
C VAL A 102 -2.98 18.10 -18.32
N GLY A 103 -2.13 17.42 -19.07
CA GLY A 103 -2.52 16.75 -20.31
C GLY A 103 -3.39 15.54 -20.04
N GLU A 104 -3.04 14.78 -19.00
CA GLU A 104 -3.94 13.72 -18.53
C GLU A 104 -5.31 14.30 -18.19
N TYR A 105 -5.32 15.41 -17.47
CA TYR A 105 -6.62 16.00 -17.13
C TYR A 105 -7.40 16.42 -18.41
N ALA A 106 -6.69 16.91 -19.41
CA ALA A 106 -7.35 17.23 -20.69
C ALA A 106 -7.94 15.98 -21.35
N ALA A 107 -7.29 14.83 -21.16
CA ALA A 107 -7.81 13.60 -21.74
C ALA A 107 -9.19 13.26 -21.19
N VAL A 108 -9.53 13.77 -19.99
CA VAL A 108 -10.88 13.59 -19.50
C VAL A 108 -11.89 14.05 -20.55
N THR A 109 -11.55 15.16 -21.19
CA THR A 109 -12.43 15.77 -22.19
C THR A 109 -12.51 14.94 -23.47
N GLY A 110 -11.41 14.33 -23.88
CA GLY A 110 -11.46 13.38 -24.99
C GLY A 110 -12.46 12.26 -24.67
N GLU A 111 -12.34 11.68 -23.48
CA GLU A 111 -13.25 10.63 -23.04
C GLU A 111 -14.68 11.14 -22.93
N GLY A 112 -14.84 12.36 -22.40
CA GLY A 112 -16.16 12.98 -22.31
C GLY A 112 -16.80 13.17 -23.68
N ARG A 113 -15.97 13.50 -24.66
CA ARG A 113 -16.48 13.74 -26.00
C ARG A 113 -17.14 12.44 -26.49
N MET A 114 -16.51 11.30 -26.21
CA MET A 114 -17.08 10.03 -26.63
C MET A 114 -18.30 9.66 -25.77
N ALA A 115 -18.22 9.86 -24.46
CA ALA A 115 -19.32 9.52 -23.56
C ALA A 115 -20.64 10.19 -23.98
N ARG A 116 -20.54 11.42 -24.49
CA ARG A 116 -21.74 12.12 -24.97
C ARG A 116 -22.08 11.85 -26.45
N PHE A 117 -21.05 11.87 -27.31
CA PHE A 117 -21.29 11.95 -28.75
C PHE A 117 -21.06 10.68 -29.56
N SER A 118 -20.50 9.63 -28.98
CA SER A 118 -20.36 8.40 -29.76
C SER A 118 -21.73 7.74 -29.95
N LYS A 119 -21.99 7.22 -31.16
CA LYS A 119 -23.25 6.51 -31.39
C LYS A 119 -23.22 5.05 -30.91
N ALA A 120 -22.05 4.57 -30.47
CA ALA A 120 -21.92 3.21 -29.94
C ALA A 120 -22.16 3.17 -28.43
N PRO A 121 -23.18 2.44 -27.98
CA PRO A 121 -23.49 2.46 -26.54
C PRO A 121 -22.36 1.91 -25.67
N GLY A 122 -21.70 0.84 -26.10
CA GLY A 122 -20.60 0.32 -25.32
C GLY A 122 -19.47 1.34 -25.17
N ASN A 123 -19.26 2.13 -26.23
CA ASN A 123 -18.24 3.17 -26.23
C ASN A 123 -18.62 4.25 -25.21
N ARG A 124 -19.88 4.67 -25.21
CA ARG A 124 -20.30 5.69 -24.23
C ARG A 124 -20.07 5.24 -22.77
N ASN A 125 -20.32 3.96 -22.44
CA ASN A 125 -20.05 3.48 -21.07
C ASN A 125 -18.55 3.35 -20.78
N MET A 126 -17.80 2.73 -21.69
CA MET A 126 -16.37 2.56 -21.44
C MET A 126 -15.68 3.92 -21.32
N ALA A 127 -16.18 4.90 -22.05
CA ALA A 127 -15.66 6.27 -21.99
C ALA A 127 -15.98 6.95 -20.67
N THR A 128 -17.04 6.49 -20.02
CA THR A 128 -17.35 7.04 -18.69
C THR A 128 -16.28 6.56 -17.68
N PHE A 129 -15.93 5.28 -17.75
CA PHE A 129 -14.79 4.80 -16.96
C PHE A 129 -13.51 5.50 -17.41
N GLY A 130 -13.40 5.78 -18.71
CA GLY A 130 -12.23 6.51 -19.21
C GLY A 130 -12.11 7.90 -18.63
N MET A 131 -13.24 8.60 -18.53
CA MET A 131 -13.25 9.94 -17.92
C MET A 131 -12.69 9.84 -16.51
N MET A 132 -13.18 8.85 -15.78
CA MET A 132 -12.73 8.61 -14.41
C MET A 132 -11.23 8.27 -14.34
N ASP A 133 -10.77 7.43 -15.25
CA ASP A 133 -9.36 7.04 -15.24
C ASP A 133 -8.50 8.27 -15.48
N GLU A 134 -8.87 9.11 -16.43
CA GLU A 134 -8.02 10.28 -16.71
C GLU A 134 -8.05 11.27 -15.55
N LEU A 135 -9.19 11.38 -14.88
CA LEU A 135 -9.25 12.18 -13.64
C LEU A 135 -8.23 11.65 -12.63
N ARG A 136 -8.22 10.33 -12.42
CA ARG A 136 -7.25 9.70 -11.53
C ARG A 136 -5.83 10.11 -11.93
N HIS A 137 -5.54 9.99 -13.22
CA HIS A 137 -4.18 10.19 -13.69
C HIS A 137 -3.75 11.64 -13.53
N GLY A 138 -4.65 12.57 -13.83
CA GLY A 138 -4.33 13.98 -13.61
C GLY A 138 -4.10 14.27 -12.14
N GLN A 139 -4.94 13.71 -11.28
CA GLN A 139 -4.82 13.99 -9.83
C GLN A 139 -3.56 13.36 -9.21
N LEU A 140 -3.24 12.12 -9.60
CA LEU A 140 -2.04 11.45 -9.10
C LEU A 140 -0.80 12.22 -9.51
N GLN A 141 -0.80 12.69 -10.76
CA GLN A 141 0.38 13.35 -11.28
C GLN A 141 0.51 14.83 -10.94
N LEU A 142 -0.47 15.35 -10.22
CA LEU A 142 -0.29 16.61 -9.50
C LEU A 142 0.11 16.34 -8.03
N PHE A 143 -0.53 15.37 -7.41
CA PHE A 143 -0.29 15.12 -5.98
C PHE A 143 1.15 14.68 -5.73
N PHE A 144 1.63 13.80 -6.59
CA PHE A 144 2.94 13.20 -6.40
C PHE A 144 4.07 14.25 -6.45
N PRO A 145 4.13 15.10 -7.50
CA PRO A 145 5.19 16.12 -7.48
C PRO A 145 5.01 17.28 -6.50
N HIS A 146 3.79 17.47 -6.00
CA HIS A 146 3.51 18.60 -5.12
C HIS A 146 4.45 18.63 -3.91
N GLU A 147 4.84 17.47 -3.39
CA GLU A 147 5.73 17.51 -2.21
C GLU A 147 7.09 18.13 -2.56
N TYR A 148 7.47 18.11 -3.83
CA TYR A 148 8.75 18.71 -4.24
C TYR A 148 8.73 20.21 -4.54
N CYS A 149 7.53 20.82 -4.49
CA CYS A 149 7.45 22.28 -4.68
C CYS A 149 8.40 22.97 -3.73
N LYS A 150 8.44 22.51 -2.49
CA LYS A 150 9.25 23.19 -1.49
C LYS A 150 10.76 22.98 -1.71
N LYS A 151 11.11 22.06 -2.61
CA LYS A 151 12.52 21.79 -2.92
C LYS A 151 13.03 22.63 -4.09
N ASP A 152 12.19 22.84 -5.08
CA ASP A 152 12.66 23.36 -6.35
C ASP A 152 11.50 23.97 -7.11
N ARG A 153 11.63 25.26 -7.46
CA ARG A 153 10.55 25.92 -8.22
C ARG A 153 10.22 25.27 -9.57
N GLN A 154 11.17 24.54 -10.16
CA GLN A 154 10.81 23.86 -11.42
C GLN A 154 9.67 22.85 -11.24
N PHE A 155 9.51 22.31 -10.04
CA PHE A 155 8.38 21.38 -9.84
C PHE A 155 7.04 22.11 -9.88
N ASP A 156 7.05 23.44 -9.77
CA ASP A 156 5.80 24.17 -9.95
C ASP A 156 5.22 23.92 -11.32
N TRP A 157 6.08 23.54 -12.27
CA TRP A 157 5.61 23.40 -13.65
C TRP A 157 4.79 22.13 -13.88
N ALA A 158 4.78 21.22 -12.90
CA ALA A 158 3.84 20.09 -12.96
C ALA A 158 2.42 20.64 -13.11
N TRP A 159 2.16 21.78 -12.47
CA TRP A 159 0.86 22.44 -12.57
C TRP A 159 0.89 23.52 -13.67
N ARG A 160 1.98 24.28 -13.72
CA ARG A 160 1.99 25.50 -14.55
C ARG A 160 2.20 25.28 -16.04
N ALA A 161 2.91 24.21 -16.43
CA ALA A 161 3.34 24.11 -17.84
C ALA A 161 2.23 24.38 -18.87
N TYR A 162 1.08 23.71 -18.75
CA TYR A 162 0.01 23.85 -19.73
C TYR A 162 -0.67 25.22 -19.71
N HIS A 163 -0.42 26.00 -18.67
CA HIS A 163 -0.93 27.37 -18.60
C HIS A 163 0.05 28.38 -19.19
N SER A 164 1.19 27.91 -19.72
CA SER A 164 2.26 28.78 -20.20
C SER A 164 2.35 28.74 -21.71
N ASN A 165 3.10 29.69 -22.25
CA ASN A 165 3.51 29.63 -23.64
C ASN A 165 4.95 29.15 -23.81
N GLU A 166 5.47 28.40 -22.85
CA GLU A 166 6.83 27.87 -23.00
C GLU A 166 6.83 26.91 -24.21
N TRP A 167 7.92 26.86 -24.98
CA TRP A 167 7.83 26.24 -26.31
C TRP A 167 7.42 24.75 -26.26
N ALA A 168 7.90 24.01 -25.26
CA ALA A 168 7.58 22.58 -25.18
C ALA A 168 6.15 22.36 -24.75
N ALA A 169 5.65 23.26 -23.90
CA ALA A 169 4.22 23.24 -23.52
C ALA A 169 3.33 23.53 -24.72
N ILE A 170 3.76 24.44 -25.60
CA ILE A 170 3.00 24.70 -26.81
C ILE A 170 3.03 23.44 -27.68
N ALA A 171 4.19 22.79 -27.79
CA ALA A 171 4.25 21.54 -28.58
C ALA A 171 3.32 20.45 -28.03
N ALA A 172 3.30 20.32 -26.69
CA ALA A 172 2.41 19.36 -26.07
C ALA A 172 0.94 19.72 -26.30
N LYS A 173 0.56 20.98 -26.08
CA LYS A 173 -0.85 21.34 -26.25
C LYS A 173 -1.28 21.30 -27.72
N HIS A 174 -0.36 21.62 -28.65
CA HIS A 174 -0.77 21.63 -30.06
C HIS A 174 -1.09 20.18 -30.48
N PHE A 175 -0.30 19.24 -29.96
CA PHE A 175 -0.58 17.82 -30.19
C PHE A 175 -1.85 17.33 -29.47
N PHE A 176 -1.94 17.51 -28.16
CA PHE A 176 -3.07 17.01 -27.42
C PHE A 176 -4.37 17.70 -27.78
N ASP A 177 -4.31 18.98 -28.11
CA ASP A 177 -5.54 19.65 -28.50
C ASP A 177 -5.99 19.16 -29.88
N ASP A 178 -5.04 18.76 -30.71
CA ASP A 178 -5.36 18.20 -32.03
C ASP A 178 -5.97 16.79 -31.92
N ILE A 179 -5.38 15.91 -31.10
CA ILE A 179 -5.89 14.52 -31.06
C ILE A 179 -6.86 14.20 -29.92
N ILE A 180 -6.89 15.03 -28.89
CA ILE A 180 -7.75 14.71 -27.74
C ILE A 180 -8.97 15.61 -27.63
N THR A 181 -8.74 16.92 -27.59
CA THR A 181 -9.82 17.84 -27.26
C THR A 181 -10.42 18.56 -28.45
N GLY A 182 -9.77 18.48 -29.61
CA GLY A 182 -10.16 19.30 -30.74
C GLY A 182 -10.85 18.61 -31.91
N ARG A 183 -11.22 17.33 -31.73
CA ARG A 183 -11.88 16.60 -32.82
C ARG A 183 -13.11 15.81 -32.34
N ASP A 184 -13.90 15.30 -33.29
CA ASP A 184 -15.09 14.51 -32.97
C ASP A 184 -14.78 13.22 -32.23
N ALA A 185 -15.84 12.63 -31.68
CA ALA A 185 -15.71 11.45 -30.83
C ALA A 185 -15.01 10.28 -31.52
N ILE A 186 -15.38 9.96 -32.76
CA ILE A 186 -14.74 8.84 -33.45
C ILE A 186 -13.27 9.12 -33.72
N SER A 187 -12.93 10.37 -34.05
CA SER A 187 -11.53 10.74 -34.19
C SER A 187 -10.77 10.51 -32.89
N VAL A 188 -11.38 10.87 -31.76
CA VAL A 188 -10.74 10.58 -30.47
C VAL A 188 -10.51 9.08 -30.31
N ALA A 189 -11.52 8.28 -30.62
CA ALA A 189 -11.43 6.84 -30.43
C ALA A 189 -10.23 6.31 -31.21
N ILE A 190 -10.05 6.79 -32.43
CA ILE A 190 -9.01 6.24 -33.30
C ILE A 190 -7.64 6.87 -33.07
N MET A 191 -7.60 8.20 -32.94
CA MET A 191 -6.31 8.90 -32.74
C MET A 191 -5.77 8.81 -31.32
N LEU A 192 -6.65 8.96 -30.34
CA LEU A 192 -6.24 8.89 -28.94
C LEU A 192 -6.19 7.44 -28.45
N THR A 193 -7.34 6.78 -28.36
CA THR A 193 -7.35 5.49 -27.65
C THR A 193 -6.62 4.40 -28.44
N PHE A 194 -6.80 4.35 -29.75
CA PHE A 194 -6.03 3.36 -30.50
C PHE A 194 -4.58 3.81 -30.74
N SER A 195 -4.39 4.88 -31.50
CA SER A 195 -3.06 5.28 -31.96
C SER A 195 -2.09 5.68 -30.85
N PHE A 196 -2.41 6.74 -30.14
CA PHE A 196 -1.54 7.23 -29.08
C PHE A 196 -1.46 6.25 -27.89
N GLU A 197 -2.61 5.76 -27.43
CA GLU A 197 -2.68 5.03 -26.17
C GLU A 197 -2.38 3.53 -26.23
N THR A 198 -2.29 2.94 -27.42
CA THR A 198 -1.75 1.59 -27.51
C THR A 198 -0.41 1.65 -28.21
N GLY A 199 -0.09 2.83 -28.73
CA GLY A 199 1.07 2.98 -29.60
C GLY A 199 2.27 3.61 -28.94
N PHE A 200 2.07 4.73 -28.24
CA PHE A 200 3.17 5.49 -27.60
C PHE A 200 3.15 5.54 -26.07
N THR A 201 1.99 5.48 -25.43
CA THR A 201 2.02 5.72 -23.98
C THR A 201 2.77 4.57 -23.27
N ASN A 202 2.79 3.39 -23.87
CA ASN A 202 3.58 2.30 -23.29
C ASN A 202 5.04 2.70 -23.11
N MET A 203 5.58 3.45 -24.06
CA MET A 203 6.96 3.96 -23.96
C MET A 203 7.21 4.85 -22.76
N GLN A 204 6.35 5.85 -22.55
N GLN A 204 6.35 5.85 -22.57
CA GLN A 204 6.58 6.85 -21.52
CA GLN A 204 6.51 6.85 -21.52
C GLN A 204 6.18 6.34 -20.14
C GLN A 204 6.24 6.26 -20.16
N PHE A 205 5.24 5.40 -20.08
CA PHE A 205 4.78 4.92 -18.77
C PHE A 205 5.28 3.54 -18.38
N LEU A 206 5.85 2.80 -19.31
CA LEU A 206 6.46 1.51 -18.93
C LEU A 206 7.96 1.44 -19.24
N GLY A 207 8.34 1.96 -20.42
CA GLY A 207 9.75 2.07 -20.78
C GLY A 207 10.48 2.94 -19.77
N LEU A 208 9.90 4.10 -19.50
CA LEU A 208 10.43 4.97 -18.47
C LEU A 208 10.38 4.34 -17.08
N ALA A 209 9.36 3.54 -16.79
CA ALA A 209 9.29 2.86 -15.51
C ALA A 209 10.46 1.89 -15.30
N ALA A 210 10.88 1.23 -16.38
CA ALA A 210 11.99 0.29 -16.33
C ALA A 210 13.26 1.07 -15.92
N ASP A 211 13.45 2.22 -16.55
CA ASP A 211 14.58 3.09 -16.19
C ASP A 211 14.45 3.60 -14.76
N ALA A 212 13.24 3.96 -14.33
CA ALA A 212 13.04 4.40 -12.94
C ALA A 212 13.39 3.30 -11.91
N ALA A 213 12.99 2.07 -12.20
CA ALA A 213 13.34 0.95 -11.35
C ALA A 213 14.86 0.72 -11.30
N GLU A 214 15.53 0.80 -12.44
CA GLU A 214 17.00 0.70 -12.44
C GLU A 214 17.61 1.81 -11.57
N ALA A 215 17.05 3.02 -11.70
CA ALA A 215 17.51 4.16 -10.89
C ALA A 215 17.10 4.09 -9.42
N GLY A 216 16.29 3.12 -9.06
CA GLY A 216 15.91 2.94 -7.67
C GLY A 216 14.83 3.88 -7.17
N ASP A 217 14.03 4.43 -8.11
CA ASP A 217 12.94 5.33 -7.76
C ASP A 217 11.65 4.51 -7.89
N TYR A 218 11.35 3.72 -6.86
CA TYR A 218 10.18 2.84 -6.93
C TYR A 218 8.88 3.58 -6.75
N THR A 219 8.91 4.72 -6.08
CA THR A 219 7.65 5.48 -5.95
C THR A 219 7.14 5.83 -7.34
N PHE A 220 8.05 6.32 -8.18
CA PHE A 220 7.72 6.71 -9.55
C PHE A 220 7.40 5.50 -10.46
N ALA A 221 8.28 4.50 -10.48
CA ALA A 221 8.04 3.33 -11.31
C ALA A 221 6.69 2.72 -10.97
N ASN A 222 6.44 2.56 -9.66
CA ASN A 222 5.17 1.98 -9.22
C ASN A 222 3.97 2.83 -9.61
N LEU A 223 4.10 4.15 -9.49
CA LEU A 223 3.02 5.04 -9.91
C LEU A 223 2.69 4.91 -11.40
N ILE A 224 3.68 5.03 -12.25
CA ILE A 224 3.34 5.14 -13.68
C ILE A 224 2.91 3.79 -14.27
N SER A 225 3.41 2.68 -13.72
CA SER A 225 2.97 1.37 -14.20
C SER A 225 1.52 1.12 -13.73
N SER A 226 1.14 1.66 -12.57
CA SER A 226 -0.25 1.55 -12.10
C SER A 226 -1.19 2.34 -13.01
N ILE A 227 -0.78 3.55 -13.35
CA ILE A 227 -1.50 4.36 -14.32
C ILE A 227 -1.72 3.62 -15.63
N GLN A 228 -0.69 2.93 -16.14
CA GLN A 228 -0.82 2.31 -17.45
C GLN A 228 -1.79 1.11 -17.40
N THR A 229 -2.01 0.53 -16.22
CA THR A 229 -3.05 -0.53 -16.11
C THR A 229 -4.44 -0.01 -16.49
N ASP A 230 -4.73 1.26 -16.22
CA ASP A 230 -6.00 1.85 -16.61
C ASP A 230 -6.04 2.02 -18.11
N GLU A 231 -4.91 2.47 -18.66
CA GLU A 231 -4.81 2.68 -20.10
C GLU A 231 -5.07 1.40 -20.87
N SER A 232 -4.57 0.28 -20.35
CA SER A 232 -4.71 -0.99 -21.04
C SER A 232 -6.17 -1.37 -21.20
N ARG A 233 -7.01 -0.86 -20.30
CA ARG A 233 -8.43 -1.05 -20.40
C ARG A 233 -9.11 -0.05 -21.31
N HIS A 234 -8.98 1.23 -21.01
CA HIS A 234 -9.71 2.20 -21.81
C HIS A 234 -9.21 2.41 -23.23
N ALA A 235 -7.99 2.02 -23.49
CA ALA A 235 -7.47 2.08 -24.82
C ALA A 235 -8.20 1.08 -25.71
N GLN A 236 -8.80 0.06 -25.12
CA GLN A 236 -9.48 -0.94 -25.92
C GLN A 236 -10.80 -0.42 -26.47
N GLN A 237 -11.07 0.86 -26.34
CA GLN A 237 -12.22 1.44 -27.04
C GLN A 237 -11.92 1.67 -28.51
N GLY A 238 -10.64 1.76 -28.83
CA GLY A 238 -10.24 2.18 -30.17
C GLY A 238 -10.46 1.09 -31.22
N GLY A 239 -9.95 -0.11 -30.94
CA GLY A 239 -10.01 -1.21 -31.91
C GLY A 239 -11.39 -1.49 -32.47
N PRO A 240 -12.38 -1.63 -31.59
CA PRO A 240 -13.75 -1.88 -32.07
C PRO A 240 -14.34 -0.71 -32.89
N ALA A 241 -13.93 0.51 -32.62
CA ALA A 241 -14.36 1.62 -33.49
C ALA A 241 -13.72 1.46 -34.86
N LEU A 242 -12.44 1.13 -34.87
CA LEU A 242 -11.71 0.91 -36.11
C LEU A 242 -12.37 -0.20 -36.93
N GLN A 243 -12.68 -1.30 -36.28
CA GLN A 243 -13.30 -2.45 -36.92
C GLN A 243 -14.64 -2.07 -37.54
N LEU A 244 -15.41 -1.27 -36.81
CA LEU A 244 -16.69 -0.79 -37.30
C LEU A 244 -16.54 0.12 -38.53
N LEU A 245 -15.59 1.05 -38.51
CA LEU A 245 -15.36 1.90 -39.69
C LEU A 245 -14.99 1.05 -40.90
N ILE A 246 -14.08 0.09 -40.69
CA ILE A 246 -13.68 -0.79 -41.79
C ILE A 246 -14.87 -1.56 -42.34
N GLU A 247 -15.72 -2.09 -41.46
CA GLU A 247 -16.86 -2.89 -41.92
C GLU A 247 -17.85 -2.05 -42.70
N ASN A 248 -17.84 -0.75 -42.48
CA ASN A 248 -18.81 0.16 -43.07
C ASN A 248 -18.21 1.06 -44.13
N GLY A 249 -17.13 0.58 -44.74
CA GLY A 249 -16.57 1.23 -45.91
C GLY A 249 -15.68 2.43 -45.67
N LYS A 250 -15.24 2.64 -44.44
CA LYS A 250 -14.44 3.82 -44.10
C LYS A 250 -12.99 3.47 -43.77
N ARG A 251 -12.49 2.36 -44.30
CA ARG A 251 -11.13 1.98 -44.00
C ARG A 251 -10.11 3.06 -44.41
N GLU A 252 -10.31 3.68 -45.56
CA GLU A 252 -9.42 4.75 -45.99
C GLU A 252 -9.33 5.91 -44.99
N GLU A 253 -10.49 6.37 -44.50
CA GLU A 253 -10.47 7.46 -43.54
C GLU A 253 -9.89 7.02 -42.19
N ALA A 254 -10.16 5.77 -41.79
CA ALA A 254 -9.58 5.23 -40.54
C ALA A 254 -8.04 5.24 -40.64
N GLN A 255 -7.53 4.72 -41.74
CA GLN A 255 -6.10 4.62 -41.98
C GLN A 255 -5.43 6.00 -41.92
N LYS A 256 -6.09 6.99 -42.51
CA LYS A 256 -5.54 8.34 -42.54
C LYS A 256 -5.45 8.93 -41.13
N LYS A 257 -6.46 8.68 -40.31
CA LYS A 257 -6.47 9.16 -38.93
C LYS A 257 -5.34 8.53 -38.11
N VAL A 258 -5.16 7.22 -38.25
CA VAL A 258 -4.06 6.54 -37.56
C VAL A 258 -2.70 7.04 -38.06
N ASP A 259 -2.51 7.11 -39.38
CA ASP A 259 -1.25 7.57 -39.94
C ASP A 259 -0.90 8.97 -39.41
N MET A 260 -1.88 9.87 -39.39
CA MET A 260 -1.65 11.19 -38.82
C MET A 260 -1.29 11.16 -37.33
N ALA A 261 -2.08 10.43 -36.55
CA ALA A 261 -1.92 10.49 -35.09
C ALA A 261 -0.58 9.92 -34.64
N ILE A 262 -0.17 8.83 -35.27
CA ILE A 262 1.12 8.20 -34.98
C ILE A 262 2.29 9.12 -35.26
N TRP A 263 2.31 9.77 -36.43
CA TRP A 263 3.39 10.72 -36.73
C TRP A 263 3.42 11.89 -35.74
N ARG A 264 2.26 12.49 -35.50
CA ARG A 264 2.21 13.60 -34.54
C ARG A 264 2.73 13.17 -33.16
N ALA A 265 2.32 12.00 -32.68
CA ALA A 265 2.79 11.50 -31.40
C ALA A 265 4.30 11.27 -31.43
N TRP A 266 4.80 10.74 -32.54
CA TRP A 266 6.22 10.41 -32.69
C TRP A 266 7.10 11.65 -32.49
N ARG A 267 6.74 12.74 -33.13
CA ARG A 267 7.59 13.94 -33.02
C ARG A 267 7.67 14.45 -31.58
N LEU A 268 6.54 14.52 -30.88
CA LEU A 268 6.55 15.02 -29.50
C LEU A 268 7.33 14.05 -28.59
N PHE A 269 7.08 12.77 -28.80
CA PHE A 269 7.76 11.71 -28.07
C PHE A 269 9.30 11.74 -28.25
N ALA A 270 9.77 12.07 -29.46
CA ALA A 270 11.18 12.16 -29.72
C ALA A 270 11.84 13.34 -28.98
N VAL A 271 11.08 14.42 -28.73
CA VAL A 271 11.70 15.55 -28.03
C VAL A 271 11.64 15.40 -26.50
N LEU A 272 10.67 14.62 -26.02
CA LEU A 272 10.48 14.50 -24.56
C LEU A 272 11.08 13.20 -24.01
N THR A 273 10.71 12.07 -24.58
CA THR A 273 11.19 10.79 -24.09
C THR A 273 12.57 10.43 -24.64
N GLY A 274 12.83 10.79 -25.90
CA GLY A 274 14.13 10.50 -26.50
C GLY A 274 15.32 10.95 -25.64
N PRO A 275 15.33 12.22 -25.25
CA PRO A 275 16.47 12.72 -24.48
C PRO A 275 16.51 12.11 -23.08
N VAL A 276 15.34 11.85 -22.51
CA VAL A 276 15.31 11.19 -21.21
C VAL A 276 15.99 9.82 -21.27
N MET A 277 15.66 9.03 -22.29
CA MET A 277 16.11 7.66 -22.28
C MET A 277 17.56 7.51 -22.67
N ASP A 278 18.08 8.41 -23.51
CA ASP A 278 19.43 8.23 -24.04
C ASP A 278 20.48 9.20 -23.50
N TYR A 279 20.03 10.20 -22.74
CA TYR A 279 20.91 11.23 -22.20
C TYR A 279 20.67 11.60 -20.72
N TYR A 280 19.42 11.85 -20.31
CA TYR A 280 19.19 12.27 -18.89
C TYR A 280 19.32 11.12 -17.91
N THR A 281 18.72 9.98 -18.24
CA THR A 281 18.83 8.80 -17.38
C THR A 281 20.29 8.42 -17.29
N PRO A 282 20.81 8.24 -16.07
CA PRO A 282 22.21 7.85 -15.95
C PRO A 282 22.48 6.59 -16.75
N LEU A 283 23.63 6.56 -17.39
CA LEU A 283 24.04 5.41 -18.23
C LEU A 283 23.72 4.06 -17.56
N GLU A 284 24.08 3.92 -16.28
CA GLU A 284 23.90 2.65 -15.58
C GLU A 284 22.44 2.24 -15.45
N ASP A 285 21.54 3.21 -15.61
CA ASP A 285 20.10 2.94 -15.45
C ASP A 285 19.34 2.86 -16.76
N ARG A 286 20.08 2.88 -17.88
CA ARG A 286 19.42 2.79 -19.18
C ARG A 286 19.11 1.32 -19.51
N SER A 287 17.89 0.90 -19.18
CA SER A 287 17.45 -0.49 -19.39
C SER A 287 17.63 -0.91 -20.86
N GLN A 288 17.22 -0.03 -21.76
CA GLN A 288 17.43 -0.19 -23.20
C GLN A 288 17.58 1.19 -23.79
N SER A 289 18.09 1.27 -25.03
CA SER A 289 18.15 2.58 -25.68
C SER A 289 16.75 2.99 -26.13
N PHE A 290 16.59 4.27 -26.42
CA PHE A 290 15.35 4.78 -26.97
C PHE A 290 14.95 3.97 -28.20
N LYS A 291 15.90 3.72 -29.10
CA LYS A 291 15.55 2.96 -30.30
C LYS A 291 15.12 1.53 -29.97
N GLU A 292 15.85 0.88 -29.07
CA GLU A 292 15.51 -0.48 -28.67
C GLU A 292 14.09 -0.54 -28.11
N PHE A 293 13.74 0.45 -27.28
CA PHE A 293 12.38 0.51 -26.71
C PHE A 293 11.36 0.77 -27.80
N MET A 294 11.72 1.63 -28.78
CA MET A 294 10.85 1.84 -29.95
C MET A 294 10.57 0.54 -30.70
N TYR A 295 11.61 -0.27 -30.89
CA TYR A 295 11.42 -1.50 -31.66
C TYR A 295 10.59 -2.53 -30.87
N GLU A 296 10.69 -2.49 -29.52
CA GLU A 296 9.88 -3.35 -28.67
C GLU A 296 8.41 -2.93 -28.70
N TRP A 297 8.16 -1.65 -28.43
CA TRP A 297 6.80 -1.19 -28.16
C TRP A 297 6.05 -0.70 -29.39
N ILE A 298 6.72 0.05 -30.26
CA ILE A 298 6.04 0.61 -31.42
C ILE A 298 6.09 -0.36 -32.62
N ILE A 299 7.26 -0.94 -32.90
CA ILE A 299 7.33 -1.85 -34.04
C ILE A 299 6.83 -3.23 -33.71
N GLY A 300 7.41 -3.87 -32.70
CA GLY A 300 7.05 -5.26 -32.41
C GLY A 300 5.64 -5.42 -31.86
N GLN A 301 5.24 -4.49 -31.00
CA GLN A 301 3.93 -4.58 -30.40
C GLN A 301 2.84 -3.81 -31.18
N PHE A 302 2.93 -2.48 -31.20
CA PHE A 302 1.85 -1.68 -31.77
C PHE A 302 1.63 -1.93 -33.28
N GLU A 303 2.68 -1.82 -34.09
CA GLU A 303 2.49 -1.96 -35.53
C GLU A 303 1.98 -3.35 -35.89
N ARG A 304 2.43 -4.37 -35.17
CA ARG A 304 1.93 -5.73 -35.41
C ARG A 304 0.45 -5.81 -35.07
N SER A 305 0.03 -5.09 -34.03
N SER A 305 0.04 -5.09 -34.03
CA SER A 305 -1.39 -5.08 -33.65
CA SER A 305 -1.36 -5.08 -33.65
C SER A 305 -2.22 -4.36 -34.71
C SER A 305 -2.21 -4.36 -34.70
N LEU A 306 -1.66 -3.29 -35.27
CA LEU A 306 -2.36 -2.52 -36.28
C LEU A 306 -2.61 -3.41 -37.51
N ILE A 307 -1.60 -4.19 -37.89
CA ILE A 307 -1.80 -5.13 -38.99
C ILE A 307 -2.84 -6.22 -38.68
N ASP A 308 -2.82 -6.75 -37.46
CA ASP A 308 -3.79 -7.78 -37.08
C ASP A 308 -5.20 -7.27 -37.23
N LEU A 309 -5.40 -5.97 -36.98
CA LEU A 309 -6.73 -5.39 -37.05
C LEU A 309 -7.19 -5.07 -38.46
N GLY A 310 -6.30 -5.23 -39.44
CA GLY A 310 -6.71 -5.06 -40.83
C GLY A 310 -6.28 -3.75 -41.47
N LEU A 311 -5.46 -2.95 -40.77
CA LEU A 311 -4.89 -1.75 -41.38
C LEU A 311 -3.52 -2.06 -42.01
N ASP A 312 -2.94 -1.08 -42.68
CA ASP A 312 -1.67 -1.27 -43.39
C ASP A 312 -0.59 -0.52 -42.65
N LYS A 313 0.68 -0.89 -42.87
CA LYS A 313 1.79 -0.06 -42.38
C LYS A 313 1.59 1.35 -42.91
N PRO A 314 1.97 2.35 -42.12
CA PRO A 314 1.83 3.73 -42.59
C PRO A 314 2.64 3.96 -43.86
N TRP A 315 2.16 4.86 -44.70
CA TRP A 315 2.86 5.11 -45.96
C TRP A 315 4.29 5.59 -45.75
N TYR A 316 4.54 6.24 -44.61
CA TYR A 316 5.84 6.86 -44.31
C TYR A 316 6.77 5.92 -43.53
N TRP A 317 6.44 4.64 -43.52
CA TRP A 317 7.20 3.62 -42.77
C TRP A 317 8.71 3.83 -42.82
N ASP A 318 9.26 3.93 -44.02
CA ASP A 318 10.72 4.01 -44.12
C ASP A 318 11.28 5.33 -43.60
N LEU A 319 10.55 6.43 -43.80
CA LEU A 319 10.97 7.71 -43.20
C LEU A 319 10.99 7.62 -41.68
N PHE A 320 9.99 6.93 -41.15
CA PHE A 320 9.84 6.76 -39.71
C PHE A 320 11.03 5.99 -39.14
N LEU A 321 11.39 4.89 -39.80
CA LEU A 321 12.53 4.09 -39.33
C LEU A 321 13.80 4.92 -39.35
N LYS A 322 13.98 5.72 -40.40
CA LYS A 322 15.17 6.57 -40.47
C LYS A 322 15.11 7.60 -39.34
N ASP A 323 13.91 8.12 -39.07
CA ASP A 323 13.77 9.12 -38.02
C ASP A 323 14.16 8.55 -36.63
N ILE A 324 13.81 7.29 -36.36
CA ILE A 324 14.13 6.69 -35.07
C ILE A 324 15.67 6.66 -34.84
N ASP A 325 16.44 6.50 -35.91
CA ASP A 325 17.90 6.51 -35.79
C ASP A 325 18.51 7.89 -35.53
N GLU A 326 17.80 8.95 -35.88
CA GLU A 326 18.41 10.27 -36.01
C GLU A 326 17.76 11.41 -35.22
N LEU A 327 16.44 11.46 -35.21
CA LEU A 327 15.75 12.69 -34.84
C LEU A 327 16.00 13.08 -33.37
N HIS A 328 15.85 12.15 -32.43
CA HIS A 328 15.99 12.51 -31.03
C HIS A 328 17.40 12.97 -30.64
N HIS A 329 18.42 12.53 -31.36
CA HIS A 329 19.76 13.05 -31.09
C HIS A 329 19.87 14.55 -31.33
N SER A 330 19.21 15.02 -32.38
CA SER A 330 19.19 16.44 -32.70
C SER A 330 18.21 17.21 -31.80
N TYR A 331 17.06 16.61 -31.50
CA TYR A 331 16.13 17.24 -30.57
C TYR A 331 16.81 17.41 -29.20
N HIS A 332 17.56 16.40 -28.79
CA HIS A 332 18.30 16.51 -27.53
C HIS A 332 19.25 17.70 -27.55
N MET A 333 20.01 17.79 -28.63
CA MET A 333 21.00 18.85 -28.79
C MET A 333 20.32 20.22 -28.72
N GLY A 334 19.18 20.38 -29.37
CA GLY A 334 18.40 21.62 -29.29
C GLY A 334 17.90 21.97 -27.90
N VAL A 335 17.35 20.98 -27.21
CA VAL A 335 16.85 21.23 -25.85
C VAL A 335 17.98 21.61 -24.94
N TRP A 336 19.13 20.94 -25.10
CA TRP A 336 20.25 21.27 -24.24
C TRP A 336 20.83 22.65 -24.56
N TYR A 337 21.08 22.93 -25.85
CA TYR A 337 21.69 24.22 -26.18
C TYR A 337 20.77 25.40 -25.78
N TRP A 338 19.46 25.22 -25.97
CA TRP A 338 18.45 26.20 -25.54
C TRP A 338 17.86 25.85 -24.16
N ARG A 339 18.67 25.20 -23.32
CA ARG A 339 18.21 24.74 -22.01
C ARG A 339 17.55 25.83 -21.17
N THR A 340 17.97 27.08 -21.34
CA THR A 340 17.38 28.17 -20.56
C THR A 340 15.87 28.34 -20.79
N THR A 341 15.39 27.83 -21.93
CA THR A 341 13.95 27.91 -22.26
C THR A 341 13.12 26.73 -21.71
N ALA A 342 13.79 25.73 -21.15
CA ALA A 342 13.08 24.60 -20.54
C ALA A 342 12.84 24.82 -19.05
N TRP A 343 11.84 24.11 -18.52
CA TRP A 343 11.56 24.13 -17.07
C TRP A 343 12.24 23.00 -16.31
N TRP A 344 13.05 22.20 -17.01
CA TRP A 344 13.89 21.20 -16.35
C TRP A 344 15.36 21.47 -16.69
N ASN A 345 16.28 20.77 -16.05
CA ASN A 345 17.70 20.99 -16.32
C ASN A 345 18.26 19.87 -17.19
N PRO A 346 18.37 20.10 -18.50
CA PRO A 346 18.82 19.01 -19.39
C PRO A 346 20.24 18.52 -19.02
N ALA A 347 20.47 17.22 -19.00
CA ALA A 347 21.82 16.67 -18.89
C ALA A 347 22.43 16.51 -20.30
N ALA A 348 23.69 16.92 -20.46
CA ALA A 348 24.34 16.83 -21.77
C ALA A 348 24.50 15.37 -22.22
N GLY A 349 24.92 14.49 -21.31
CA GLY A 349 25.01 13.07 -21.60
C GLY A 349 26.11 12.67 -22.59
N VAL A 350 27.23 13.40 -22.56
CA VAL A 350 28.31 13.12 -23.49
C VAL A 350 29.69 12.96 -22.84
N THR A 351 29.74 12.37 -21.66
CA THR A 351 31.02 11.93 -21.16
C THR A 351 31.52 10.83 -22.10
N PRO A 352 32.82 10.56 -22.09
CA PRO A 352 33.35 9.54 -23.01
C PRO A 352 32.65 8.17 -22.87
N GLU A 353 32.34 7.78 -21.64
CA GLU A 353 31.69 6.50 -21.40
C GLU A 353 30.29 6.46 -22.05
N GLU A 354 29.57 7.57 -21.94
CA GLU A 354 28.28 7.72 -22.59
C GLU A 354 28.43 7.75 -24.12
N ARG A 355 29.47 8.41 -24.62
CA ARG A 355 29.62 8.51 -26.05
C ARG A 355 29.97 7.12 -26.65
N ASP A 356 30.70 6.32 -25.88
CA ASP A 356 30.90 4.92 -26.27
C ASP A 356 29.58 4.15 -26.39
N TRP A 357 28.68 4.37 -25.44
CA TRP A 357 27.37 3.70 -25.44
C TRP A 357 26.53 4.17 -26.63
N LEU A 358 26.55 5.47 -26.87
CA LEU A 358 25.84 6.07 -27.99
C LEU A 358 26.34 5.52 -29.32
N GLU A 359 27.66 5.39 -29.45
CA GLU A 359 28.24 4.80 -30.65
C GLU A 359 27.83 3.34 -30.85
N GLU A 360 27.73 2.59 -29.75
CA GLU A 360 27.33 1.19 -29.83
C GLU A 360 25.86 1.09 -30.25
N LYS A 361 25.03 1.98 -29.71
CA LYS A 361 23.60 1.94 -29.96
C LYS A 361 23.20 2.62 -31.28
N TYR A 362 24.06 3.53 -31.78
CA TYR A 362 23.77 4.29 -33.00
C TYR A 362 25.07 4.48 -33.77
N PRO A 363 25.53 3.42 -34.44
CA PRO A 363 26.85 3.51 -35.06
C PRO A 363 26.93 4.73 -35.98
N GLY A 364 28.02 5.48 -35.86
CA GLY A 364 28.24 6.67 -36.67
C GLY A 364 27.92 7.94 -35.88
N TRP A 365 27.47 7.76 -34.64
CA TRP A 365 27.06 8.89 -33.80
C TRP A 365 28.17 9.93 -33.59
N ASN A 366 29.38 9.47 -33.28
CA ASN A 366 30.47 10.40 -33.03
C ASN A 366 30.86 11.25 -34.23
N LYS A 367 30.69 10.70 -35.44
CA LYS A 367 31.05 11.45 -36.66
C LYS A 367 29.91 12.38 -37.10
N ARG A 368 28.80 12.33 -36.38
CA ARG A 368 27.67 13.22 -36.63
C ARG A 368 27.46 14.18 -35.44
N TRP A 369 26.53 13.83 -34.53
CA TRP A 369 26.29 14.66 -33.35
C TRP A 369 27.55 14.87 -32.53
N GLY A 370 28.43 13.87 -32.49
CA GLY A 370 29.67 14.03 -31.76
C GLY A 370 30.50 15.23 -32.20
N ARG A 371 30.45 15.57 -33.49
CA ARG A 371 31.20 16.74 -33.97
C ARG A 371 30.76 18.03 -33.28
N CYS A 372 29.45 18.21 -33.14
CA CYS A 372 28.89 19.37 -32.39
C CYS A 372 29.27 19.32 -30.92
N TRP A 373 29.12 18.15 -30.32
CA TRP A 373 29.51 18.00 -28.91
C TRP A 373 31.01 18.21 -28.68
N ASP A 374 31.84 17.95 -29.68
CA ASP A 374 33.27 18.23 -29.54
C ASP A 374 33.49 19.73 -29.36
N VAL A 375 32.83 20.52 -30.21
CA VAL A 375 32.99 21.97 -30.14
C VAL A 375 32.46 22.50 -28.80
N ILE A 376 31.29 22.02 -28.41
CA ILE A 376 30.67 22.42 -27.15
C ILE A 376 31.59 22.06 -25.99
N THR A 377 32.06 20.81 -25.97
CA THR A 377 32.95 20.35 -24.89
C THR A 377 34.23 21.19 -24.78
N GLU A 378 34.89 21.43 -25.90
CA GLU A 378 36.07 22.28 -25.89
C GLU A 378 35.78 23.68 -25.31
N ASN A 379 34.65 24.27 -25.67
CA ASN A 379 34.31 25.56 -25.08
C ASN A 379 34.10 25.49 -23.57
N VAL A 380 33.44 24.46 -23.09
CA VAL A 380 33.28 24.32 -21.64
C VAL A 380 34.65 24.16 -20.94
N LEU A 381 35.51 23.33 -21.51
CA LEU A 381 36.84 23.10 -20.92
C LEU A 381 37.71 24.36 -20.95
N ASN A 382 37.41 25.27 -21.86
CA ASN A 382 38.18 26.50 -22.00
C ASN A 382 37.47 27.72 -21.40
N ASP A 383 36.38 27.47 -20.69
CA ASP A 383 35.62 28.51 -20.02
C ASP A 383 35.13 29.57 -21.00
N ARG A 384 34.69 29.12 -22.18
CA ARG A 384 34.12 30.05 -23.14
C ARG A 384 32.61 29.89 -23.13
N MET A 385 32.01 30.22 -21.99
CA MET A 385 30.61 29.90 -21.76
C MET A 385 29.62 30.74 -22.57
N ASP A 386 30.06 31.92 -23.03
CA ASP A 386 29.20 32.70 -23.91
C ASP A 386 28.84 31.89 -25.15
N LEU A 387 29.72 30.98 -25.56
CA LEU A 387 29.51 30.22 -26.81
C LEU A 387 28.63 28.97 -26.57
N VAL A 388 28.31 28.69 -25.32
CA VAL A 388 27.45 27.55 -25.03
C VAL A 388 26.03 27.99 -24.63
N SER A 389 25.72 29.26 -24.92
CA SER A 389 24.37 29.77 -24.72
C SER A 389 23.96 30.51 -25.98
N PRO A 390 22.69 30.38 -26.38
CA PRO A 390 22.29 30.94 -27.68
C PRO A 390 22.00 32.43 -27.62
N GLU A 391 22.10 33.08 -28.78
CA GLU A 391 21.81 34.49 -28.92
C GLU A 391 20.82 34.68 -30.08
N THR A 392 20.17 33.59 -30.48
CA THR A 392 19.03 33.70 -31.41
C THR A 392 18.03 32.57 -31.19
N LEU A 393 16.94 32.57 -31.94
CA LEU A 393 15.91 31.51 -31.84
C LEU A 393 16.16 30.42 -32.86
N PRO A 394 15.86 29.15 -32.48
CA PRO A 394 15.85 28.10 -33.51
C PRO A 394 14.64 28.33 -34.41
N SER A 395 14.73 27.94 -35.69
CA SER A 395 13.55 27.90 -36.56
C SER A 395 12.66 26.74 -36.12
N VAL A 396 11.34 26.92 -36.17
CA VAL A 396 10.41 25.96 -35.56
C VAL A 396 9.40 25.40 -36.56
N CYS A 397 9.11 24.10 -36.46
CA CYS A 397 8.08 23.47 -37.30
C CYS A 397 6.66 24.07 -37.05
N ASN A 398 5.91 24.35 -38.12
CA ASN A 398 4.54 24.85 -38.01
C ASN A 398 3.51 23.76 -37.68
N MET A 399 3.97 22.50 -37.64
CA MET A 399 3.11 21.40 -37.18
C MET A 399 3.54 20.97 -35.77
N SER A 400 4.72 20.37 -35.64
CA SER A 400 5.13 19.85 -34.33
C SER A 400 5.47 20.91 -33.27
N GLN A 401 5.75 22.15 -33.69
CA GLN A 401 6.16 23.23 -32.76
C GLN A 401 7.57 22.98 -32.17
N ILE A 402 8.33 22.10 -32.79
CA ILE A 402 9.68 21.75 -32.32
C ILE A 402 10.70 22.25 -33.35
N PRO A 403 11.91 22.62 -32.90
CA PRO A 403 12.92 23.13 -33.85
C PRO A 403 13.17 22.27 -35.09
N LEU A 404 13.46 22.94 -36.20
CA LEU A 404 13.77 22.26 -37.46
C LEU A 404 15.22 21.73 -37.40
N VAL A 405 15.40 20.42 -37.48
CA VAL A 405 16.72 19.83 -37.29
C VAL A 405 17.10 18.90 -38.45
N GLY A 406 18.34 18.41 -38.42
CA GLY A 406 18.78 17.42 -39.38
C GLY A 406 19.97 16.70 -38.78
N VAL A 407 20.76 16.08 -39.64
CA VAL A 407 21.93 15.33 -39.20
C VAL A 407 23.14 16.23 -39.38
N PRO A 408 23.91 16.48 -38.30
CA PRO A 408 25.08 17.37 -38.34
C PRO A 408 26.38 16.60 -38.65
N GLY A 409 27.53 17.28 -38.72
CA GLY A 409 28.81 16.57 -38.80
C GLY A 409 29.18 16.11 -40.18
N ASP A 410 29.80 14.93 -40.27
CA ASP A 410 30.53 14.50 -41.46
C ASP A 410 29.65 14.30 -42.71
N ASP A 411 28.40 13.85 -42.53
CA ASP A 411 27.51 13.76 -43.68
C ASP A 411 26.25 14.60 -43.42
N TRP A 412 26.50 15.89 -43.18
CA TRP A 412 25.45 16.87 -42.94
C TRP A 412 24.30 16.77 -43.93
N ASN A 413 23.10 16.63 -43.40
CA ASN A 413 21.92 16.72 -44.22
C ASN A 413 20.79 17.29 -43.42
N ILE A 414 20.21 18.37 -43.92
CA ILE A 414 19.06 18.96 -43.24
C ILE A 414 18.05 19.41 -44.28
N GLU A 415 16.77 19.15 -44.02
CA GLU A 415 15.73 19.56 -44.98
C GLU A 415 14.50 20.13 -44.30
N VAL A 416 14.08 21.29 -44.78
CA VAL A 416 12.82 21.92 -44.35
C VAL A 416 11.84 21.78 -45.51
N PHE A 417 10.61 21.40 -45.19
CA PHE A 417 9.58 21.22 -46.20
C PHE A 417 8.58 22.36 -46.06
N SER A 418 8.59 23.28 -47.01
CA SER A 418 7.81 24.51 -46.85
C SER A 418 6.58 24.54 -47.72
N LEU A 419 5.72 25.49 -47.45
CA LEU A 419 4.43 25.60 -48.13
C LEU A 419 3.89 27.03 -48.07
N GLU A 420 3.53 27.58 -49.23
CA GLU A 420 2.78 28.83 -49.26
C GLU A 420 1.32 28.49 -49.26
N HIS A 421 0.54 29.16 -48.41
CA HIS A 421 -0.87 28.85 -48.29
C HIS A 421 -1.58 30.07 -47.74
N ASN A 422 -2.61 30.54 -48.46
CA ASN A 422 -3.37 31.72 -48.01
C ASN A 422 -2.50 32.86 -47.50
N GLY A 423 -1.48 33.21 -48.27
CA GLY A 423 -0.68 34.39 -47.98
C GLY A 423 0.33 34.27 -46.86
N ARG A 424 0.58 33.04 -46.41
CA ARG A 424 1.61 32.81 -45.41
C ARG A 424 2.59 31.75 -45.90
N LEU A 425 3.85 31.87 -45.46
CA LEU A 425 4.88 30.86 -45.69
C LEU A 425 5.04 30.01 -44.41
N TYR A 426 4.75 28.71 -44.53
CA TYR A 426 4.88 27.76 -43.43
C TYR A 426 6.10 26.86 -43.67
N HIS A 427 6.69 26.37 -42.59
CA HIS A 427 7.85 25.49 -42.69
C HIS A 427 7.60 24.27 -41.82
N PHE A 428 7.85 23.08 -42.36
CA PHE A 428 7.64 21.85 -41.62
C PHE A 428 8.93 21.04 -41.53
N GLY A 429 9.07 20.28 -40.44
CA GLY A 429 10.26 19.48 -40.17
C GLY A 429 10.33 18.11 -40.85
N SER A 430 9.30 17.74 -41.61
CA SER A 430 9.34 16.48 -42.39
C SER A 430 8.29 16.53 -43.46
N GLU A 431 8.35 15.57 -44.40
CA GLU A 431 7.32 15.46 -45.43
C GLU A 431 5.99 15.15 -44.75
N VAL A 432 6.05 14.39 -43.66
CA VAL A 432 4.81 13.89 -43.06
C VAL A 432 4.13 15.01 -42.32
N ASP A 433 4.91 15.88 -41.70
CA ASP A 433 4.34 17.03 -40.99
C ASP A 433 3.61 17.96 -41.96
N ARG A 434 4.21 18.22 -43.12
CA ARG A 434 3.53 18.97 -44.18
C ARG A 434 2.24 18.27 -44.64
N TRP A 435 2.32 16.95 -44.84
CA TRP A 435 1.17 16.14 -45.23
C TRP A 435 0.03 16.25 -44.23
N VAL A 436 0.37 16.18 -42.93
CA VAL A 436 -0.64 16.33 -41.89
C VAL A 436 -1.38 17.66 -42.03
N PHE A 437 -0.63 18.74 -42.21
CA PHE A 437 -1.24 20.06 -42.40
C PHE A 437 -2.22 20.01 -43.57
N GLN A 438 -1.75 19.43 -44.68
CA GLN A 438 -2.56 19.37 -45.90
C GLN A 438 -3.81 18.51 -45.74
N GLN A 439 -3.80 17.57 -44.79
CA GLN A 439 -4.99 16.73 -44.59
C GLN A 439 -6.17 17.51 -43.97
N ASP A 440 -5.87 18.60 -43.26
CA ASP A 440 -6.92 19.32 -42.57
C ASP A 440 -6.52 20.79 -42.31
N PRO A 441 -6.34 21.58 -43.39
CA PRO A 441 -5.80 22.93 -43.17
C PRO A 441 -6.66 23.79 -42.25
N VAL A 442 -7.98 23.56 -42.18
CA VAL A 442 -8.80 24.40 -41.29
C VAL A 442 -8.37 24.23 -39.81
N GLN A 443 -7.83 23.07 -39.46
CA GLN A 443 -7.41 22.81 -38.06
C GLN A 443 -6.20 23.66 -37.69
N TYR A 444 -5.39 24.00 -38.68
CA TYR A 444 -4.02 24.45 -38.42
C TYR A 444 -3.66 25.82 -39.00
N GLN A 445 -4.34 26.22 -40.06
CA GLN A 445 -3.82 27.26 -40.94
C GLN A 445 -3.60 28.62 -40.26
N ASN A 446 -4.44 28.99 -39.28
CA ASN A 446 -4.25 30.30 -38.66
C ASN A 446 -3.49 30.25 -37.33
N HIS A 447 -2.98 29.07 -37.00
CA HIS A 447 -2.11 28.92 -35.84
C HIS A 447 -0.74 29.54 -36.09
N MET A 448 -0.20 30.21 -35.08
N MET A 448 -0.21 30.20 -35.06
CA MET A 448 1.11 30.86 -35.21
CA MET A 448 1.07 30.86 -35.12
C MET A 448 2.06 30.24 -34.20
C MET A 448 2.03 30.14 -34.17
N ASN A 449 3.19 29.72 -34.66
CA ASN A 449 4.14 29.08 -33.76
C ASN A 449 4.93 30.16 -33.03
N ILE A 450 5.76 29.77 -32.10
CA ILE A 450 6.35 30.78 -31.21
C ILE A 450 7.25 31.72 -32.01
N VAL A 451 7.93 31.21 -33.04
CA VAL A 451 8.75 32.09 -33.89
C VAL A 451 7.89 33.00 -34.76
N ASP A 452 6.75 32.49 -35.26
CA ASP A 452 5.82 33.37 -35.97
C ASP A 452 5.38 34.51 -35.07
N ARG A 453 5.07 34.21 -33.81
CA ARG A 453 4.65 35.26 -32.88
C ARG A 453 5.78 36.25 -32.62
N PHE A 454 7.00 35.74 -32.43
CA PHE A 454 8.16 36.62 -32.23
C PHE A 454 8.28 37.60 -33.41
N LEU A 455 8.15 37.09 -34.63
CA LEU A 455 8.31 37.94 -35.81
C LEU A 455 7.14 38.93 -36.00
N ALA A 456 5.97 38.58 -35.48
CA ALA A 456 4.79 39.41 -35.66
C ALA A 456 4.67 40.51 -34.60
N GLY A 457 5.54 40.49 -33.60
CA GLY A 457 5.51 41.54 -32.58
C GLY A 457 4.75 41.19 -31.31
N GLN A 458 4.37 39.94 -31.17
CA GLN A 458 3.59 39.50 -30.01
C GLN A 458 4.45 39.23 -28.78
N ILE A 459 5.77 39.20 -28.97
CA ILE A 459 6.68 38.91 -27.88
C ILE A 459 7.55 40.13 -27.61
N GLN A 460 7.31 40.79 -26.47
CA GLN A 460 7.97 42.07 -26.17
C GLN A 460 8.60 42.03 -24.78
N PRO A 461 9.86 42.48 -24.66
CA PRO A 461 10.70 42.93 -25.78
C PRO A 461 11.13 41.77 -26.67
N MET A 462 11.59 42.08 -27.88
CA MET A 462 12.04 41.03 -28.81
C MET A 462 13.48 40.66 -28.54
N THR A 463 13.69 40.01 -27.41
CA THR A 463 15.01 39.65 -26.90
C THR A 463 14.87 38.30 -26.24
N LEU A 464 16.00 37.69 -25.86
CA LEU A 464 15.98 36.41 -25.15
C LEU A 464 15.16 36.53 -23.86
N GLU A 465 15.46 37.56 -23.08
CA GLU A 465 14.72 37.79 -21.84
C GLU A 465 13.22 37.99 -22.11
N GLY A 466 12.89 38.75 -23.14
CA GLY A 466 11.49 38.94 -23.50
C GLY A 466 10.77 37.63 -23.79
N ALA A 467 11.41 36.78 -24.59
CA ALA A 467 10.86 35.47 -24.93
C ALA A 467 10.71 34.59 -23.70
N LEU A 468 11.71 34.61 -22.82
CA LEU A 468 11.65 33.84 -21.58
C LEU A 468 10.49 34.29 -20.68
N LYS A 469 10.27 35.60 -20.60
CA LYS A 469 9.15 36.08 -19.81
C LYS A 469 7.80 35.78 -20.47
N TYR A 470 7.74 35.88 -21.80
CA TYR A 470 6.56 35.46 -22.55
C TYR A 470 6.25 33.98 -22.27
N MET A 471 7.29 33.16 -22.15
CA MET A 471 7.11 31.73 -21.93
C MET A 471 6.71 31.38 -20.50
N GLY A 472 6.65 32.37 -19.62
CA GLY A 472 6.02 32.18 -18.33
C GLY A 472 6.98 31.99 -17.18
N PHE A 473 8.27 32.16 -17.42
CA PHE A 473 9.21 32.01 -16.31
C PHE A 473 9.04 33.17 -15.33
N GLN A 474 9.00 32.85 -14.03
CA GLN A 474 8.72 33.84 -13.00
C GLN A 474 9.91 34.10 -12.09
N SER A 475 10.98 33.32 -12.25
CA SER A 475 12.20 33.65 -11.51
C SER A 475 13.41 33.04 -12.19
N ILE A 476 14.59 33.53 -11.82
CA ILE A 476 15.83 33.07 -12.44
C ILE A 476 16.04 31.56 -12.21
N GLU A 477 15.64 31.08 -11.02
CA GLU A 477 15.77 29.67 -10.68
C GLU A 477 15.01 28.71 -11.58
N GLU A 478 13.94 29.18 -12.22
CA GLU A 478 13.05 28.29 -12.96
C GLU A 478 13.63 27.87 -14.33
N MET A 479 14.52 28.68 -14.87
CA MET A 479 15.06 28.39 -16.19
C MET A 479 16.06 27.27 -16.18
N GLY A 480 16.01 26.45 -17.22
CA GLY A 480 16.88 25.28 -17.31
C GLY A 480 18.36 25.63 -17.31
N LYS A 481 19.13 24.77 -16.67
CA LYS A 481 20.59 24.88 -16.68
C LYS A 481 21.15 23.48 -16.96
N ASP A 482 22.45 23.39 -17.22
CA ASP A 482 23.02 22.06 -17.36
C ASP A 482 22.80 21.28 -16.07
N ALA A 483 22.34 20.02 -16.19
CA ALA A 483 21.94 19.24 -15.01
C ALA A 483 23.04 19.10 -13.98
N HIS A 484 24.28 18.99 -14.44
CA HIS A 484 25.40 18.75 -13.53
C HIS A 484 26.31 19.98 -13.37
N ASP A 485 25.82 21.15 -13.75
CA ASP A 485 26.67 22.36 -13.78
C ASP A 485 28.01 22.08 -14.46
N PHE A 486 27.96 21.34 -15.56
CA PHE A 486 29.10 21.12 -16.44
C PHE A 486 30.17 20.26 -15.81
N ALA A 487 29.87 19.67 -14.65
CA ALA A 487 30.81 18.75 -14.00
C ALA A 487 31.23 17.63 -14.95
N TRP A 488 30.36 17.28 -15.89
CA TRP A 488 30.68 16.23 -16.85
C TRP A 488 31.91 16.50 -17.72
N ALA A 489 32.25 17.78 -17.93
CA ALA A 489 33.38 18.10 -18.81
C ALA A 489 34.67 17.61 -18.19
N ASP A 490 34.71 17.52 -16.87
CA ASP A 490 35.88 17.02 -16.18
C ASP A 490 36.27 15.61 -16.61
N LYS A 491 35.28 14.84 -17.05
CA LYS A 491 35.54 13.49 -17.50
C LYS A 491 35.98 13.46 -18.96
N CYS A 492 35.97 14.62 -19.61
CA CYS A 492 36.32 14.71 -21.04
C CYS A 492 37.77 15.13 -21.30
N PHE B 3 15.37 39.33 -14.41
CA PHE B 3 14.62 38.31 -13.66
C PHE B 3 14.86 38.42 -12.17
N GLU B 4 13.84 38.18 -11.35
CA GLU B 4 14.03 38.17 -9.89
C GLU B 4 14.44 36.79 -9.38
N SER B 5 15.10 36.78 -8.22
N SER B 5 15.05 36.76 -8.19
CA SER B 5 15.31 35.52 -7.51
CA SER B 5 15.37 35.49 -7.54
C SER B 5 14.10 35.28 -6.64
C SER B 5 14.33 35.19 -6.45
N LYS B 6 13.67 34.04 -6.54
CA LYS B 6 12.57 33.70 -5.65
C LYS B 6 12.80 32.32 -5.08
N LYS B 7 12.37 32.12 -3.83
CA LYS B 7 12.51 30.85 -3.15
C LYS B 7 11.43 29.85 -3.58
N PRO B 8 11.67 28.56 -3.31
CA PRO B 8 10.61 27.56 -3.53
C PRO B 8 9.36 27.89 -2.73
N MET B 9 8.20 27.54 -3.29
CA MET B 9 6.90 27.76 -2.66
C MET B 9 6.42 26.48 -1.96
N ARG B 10 5.59 26.64 -0.94
CA ARG B 10 5.07 25.49 -0.19
C ARG B 10 4.04 24.68 -1.00
N THR B 11 3.58 25.24 -2.10
CA THR B 11 2.48 24.66 -2.88
C THR B 11 2.54 25.27 -4.27
N TRP B 12 1.56 24.98 -5.15
CA TRP B 12 1.55 25.58 -6.51
C TRP B 12 1.54 27.09 -6.40
N SER B 13 2.18 27.76 -7.36
CA SER B 13 2.18 29.22 -7.36
C SER B 13 0.76 29.82 -7.25
N HIS B 14 -0.23 29.20 -7.88
CA HIS B 14 -1.60 29.74 -7.82
C HIS B 14 -2.28 29.58 -6.46
N LEU B 15 -1.72 28.72 -5.59
CA LEU B 15 -2.34 28.49 -4.28
C LEU B 15 -1.52 29.13 -3.19
N ALA B 16 -0.37 29.70 -3.57
CA ALA B 16 0.66 30.11 -2.62
C ALA B 16 0.21 31.22 -1.70
N GLU B 17 -0.84 31.95 -2.10
CA GLU B 17 -1.38 33.02 -1.25
C GLU B 17 -2.58 32.60 -0.39
N MET B 18 -2.95 31.33 -0.44
CA MET B 18 -4.01 30.83 0.45
C MET B 18 -3.73 31.12 1.92
N ARG B 19 -4.76 31.52 2.66
CA ARG B 19 -4.66 31.66 4.11
C ARG B 19 -4.42 30.32 4.81
N LYS B 20 -5.11 29.28 4.37
CA LYS B 20 -5.02 27.96 4.99
C LYS B 20 -4.12 27.02 4.18
N LYS B 21 -3.60 25.98 4.82
CA LYS B 21 -2.81 24.99 4.10
C LYS B 21 -3.63 24.33 3.00
N PRO B 22 -3.10 24.29 1.77
CA PRO B 22 -3.87 23.62 0.69
C PRO B 22 -4.16 22.16 1.01
N SER B 23 -5.39 21.74 0.72
CA SER B 23 -5.83 20.37 0.96
C SER B 23 -5.58 19.52 -0.27
N GLU B 24 -5.70 18.22 -0.10
CA GLU B 24 -5.64 17.32 -1.27
C GLU B 24 -6.53 17.84 -2.39
N TYR B 25 -7.79 18.17 -2.05
CA TYR B 25 -8.73 18.71 -3.03
C TYR B 25 -8.18 19.92 -3.78
N ASP B 26 -7.63 20.90 -3.05
CA ASP B 26 -7.08 22.10 -3.69
C ASP B 26 -5.95 21.73 -4.64
N ILE B 27 -5.02 20.91 -4.16
CA ILE B 27 -3.80 20.57 -4.91
C ILE B 27 -4.14 19.92 -6.25
N VAL B 28 -5.10 19.00 -6.24
CA VAL B 28 -5.34 18.18 -7.43
C VAL B 28 -6.51 18.61 -8.31
N SER B 29 -7.26 19.61 -7.89
CA SER B 29 -8.54 19.92 -8.55
C SER B 29 -8.57 21.27 -9.20
N ARG B 30 -7.76 22.22 -8.70
CA ARG B 30 -7.99 23.63 -9.03
C ARG B 30 -7.23 24.19 -10.23
N LYS B 31 -7.94 24.97 -11.05
CA LYS B 31 -7.34 25.74 -12.13
C LYS B 31 -6.58 24.85 -13.13
N LEU B 32 -7.29 23.85 -13.68
CA LEU B 32 -6.70 22.91 -14.63
C LEU B 32 -7.15 23.11 -16.08
N HIS B 33 -8.23 23.86 -16.34
CA HIS B 33 -8.63 24.10 -17.75
C HIS B 33 -7.78 25.21 -18.36
N TYR B 34 -6.71 24.87 -19.08
CA TYR B 34 -5.92 25.90 -19.73
C TYR B 34 -6.68 26.46 -20.93
N SER B 35 -7.77 25.78 -21.31
CA SER B 35 -8.54 26.19 -22.49
C SER B 35 -9.34 27.46 -22.26
N THR B 36 -9.34 27.98 -21.02
CA THR B 36 -10.01 29.25 -20.76
C THR B 36 -9.04 30.42 -20.75
N ASN B 37 -7.75 30.15 -20.92
CA ASN B 37 -6.74 31.19 -20.76
C ASN B 37 -6.75 32.24 -21.88
N ASN B 38 -6.95 31.77 -23.11
CA ASN B 38 -6.89 32.63 -24.29
C ASN B 38 -8.26 32.69 -24.93
N PRO B 39 -8.99 33.80 -24.73
CA PRO B 39 -10.37 33.93 -25.23
C PRO B 39 -10.46 33.65 -26.74
N ASP B 40 -9.44 34.05 -27.49
CA ASP B 40 -9.50 33.91 -28.95
C ASP B 40 -9.10 32.51 -29.47
N SER B 41 -8.38 31.75 -28.66
N SER B 41 -8.35 31.77 -28.65
CA SER B 41 -8.01 30.40 -29.06
CA SER B 41 -7.86 30.43 -28.98
C SER B 41 -7.99 29.50 -27.86
C SER B 41 -7.96 29.52 -27.76
N PRO B 42 -9.17 29.02 -27.45
CA PRO B 42 -9.26 28.10 -26.30
C PRO B 42 -8.25 26.95 -26.47
N TRP B 43 -8.26 26.32 -27.65
CA TRP B 43 -7.36 25.21 -27.93
C TRP B 43 -6.18 25.68 -28.79
N GLU B 44 -5.04 25.00 -28.64
CA GLU B 44 -3.79 25.43 -29.26
C GLU B 44 -3.76 24.99 -30.73
N LEU B 45 -4.67 25.56 -31.52
CA LEU B 45 -4.88 25.19 -32.92
C LEU B 45 -5.19 26.48 -33.67
N SER B 46 -5.65 26.37 -34.92
CA SER B 46 -6.12 27.57 -35.61
C SER B 46 -7.23 28.16 -34.74
N PRO B 47 -7.22 29.49 -34.53
CA PRO B 47 -8.24 30.11 -33.68
C PRO B 47 -9.66 29.87 -34.20
N ASP B 48 -9.83 29.68 -35.50
CA ASP B 48 -11.12 29.33 -36.04
C ASP B 48 -11.29 27.85 -36.45
N SER B 49 -10.50 26.95 -35.87
CA SER B 49 -10.78 25.51 -35.99
C SER B 49 -12.20 25.21 -35.49
N PRO B 50 -12.81 24.14 -35.98
CA PRO B 50 -14.18 23.82 -35.56
C PRO B 50 -14.39 23.74 -34.04
N MET B 51 -13.48 23.10 -33.30
CA MET B 51 -13.70 22.98 -31.86
C MET B 51 -13.45 24.33 -31.17
N ASN B 52 -12.50 25.11 -31.69
CA ASN B 52 -12.34 26.48 -31.18
C ASN B 52 -13.61 27.32 -31.39
N LEU B 53 -14.25 27.19 -32.55
CA LEU B 53 -15.51 27.91 -32.78
C LEU B 53 -16.60 27.40 -31.86
N TRP B 54 -16.63 26.08 -31.65
CA TRP B 54 -17.61 25.50 -30.73
C TRP B 54 -17.48 26.03 -29.29
N TYR B 55 -16.26 26.03 -28.77
CA TYR B 55 -16.02 26.55 -27.43
C TYR B 55 -16.22 28.06 -27.33
N LYS B 56 -15.82 28.82 -28.34
CA LYS B 56 -16.07 30.26 -28.28
C LYS B 56 -17.57 30.57 -28.20
N GLN B 57 -18.37 29.79 -28.90
CA GLN B 57 -19.81 30.03 -28.92
C GLN B 57 -20.49 29.47 -27.67
N TYR B 58 -20.19 28.23 -27.32
CA TYR B 58 -20.98 27.53 -26.31
C TYR B 58 -20.41 27.57 -24.90
N ARG B 59 -19.16 27.95 -24.78
CA ARG B 59 -18.62 28.25 -23.45
C ARG B 59 -18.43 29.75 -23.26
N ASN B 60 -17.51 30.34 -24.03
CA ASN B 60 -17.10 31.72 -23.77
C ASN B 60 -18.23 32.73 -23.92
N ALA B 61 -19.12 32.48 -24.87
CA ALA B 61 -20.21 33.40 -25.11
C ALA B 61 -21.48 33.13 -24.29
N SER B 62 -21.43 32.22 -23.32
CA SER B 62 -22.62 32.01 -22.48
C SER B 62 -23.08 33.30 -21.82
N PRO B 63 -24.40 33.50 -21.74
CA PRO B 63 -24.94 34.65 -21.00
C PRO B 63 -24.75 34.50 -19.49
N LEU B 64 -24.48 33.28 -19.04
CA LEU B 64 -24.09 33.03 -17.65
C LEU B 64 -22.61 33.38 -17.48
N LYS B 65 -22.33 34.41 -16.70
CA LYS B 65 -21.02 35.05 -16.70
C LYS B 65 -20.42 35.24 -15.32
N HIS B 66 -19.12 35.04 -15.22
CA HIS B 66 -18.42 35.25 -13.98
C HIS B 66 -16.94 35.43 -14.33
N ASP B 67 -16.25 36.34 -13.65
CA ASP B 67 -14.85 36.54 -14.02
C ASP B 67 -13.89 35.64 -13.25
N ASN B 68 -14.42 34.78 -12.39
CA ASN B 68 -13.58 33.78 -11.72
C ASN B 68 -14.33 32.48 -11.44
N TRP B 69 -14.74 31.79 -12.49
CA TRP B 69 -15.37 30.47 -12.32
C TRP B 69 -14.45 29.48 -11.59
N ASP B 70 -13.15 29.61 -11.80
CA ASP B 70 -12.19 28.74 -11.15
C ASP B 70 -12.20 28.72 -9.64
N ALA B 71 -12.75 29.76 -9.04
CA ALA B 71 -12.84 29.80 -7.60
C ALA B 71 -13.98 28.94 -7.06
N PHE B 72 -14.81 28.39 -7.94
CA PHE B 72 -15.84 27.47 -7.48
C PHE B 72 -15.24 26.31 -6.69
N THR B 73 -15.94 25.89 -5.64
CA THR B 73 -15.51 24.79 -4.78
C THR B 73 -16.64 23.79 -4.59
N ASP B 74 -16.36 22.51 -4.88
CA ASP B 74 -17.30 21.44 -4.54
C ASP B 74 -17.44 21.45 -3.02
N PRO B 75 -18.67 21.59 -2.52
CA PRO B 75 -18.84 21.65 -1.06
C PRO B 75 -18.46 20.35 -0.38
N ASP B 76 -18.52 19.25 -1.13
CA ASP B 76 -18.06 17.94 -0.63
C ASP B 76 -16.55 17.73 -0.80
N GLN B 77 -15.89 18.60 -1.56
CA GLN B 77 -14.45 18.54 -1.81
C GLN B 77 -13.98 17.15 -2.19
N LEU B 78 -14.76 16.49 -3.05
CA LEU B 78 -14.41 15.12 -3.50
C LEU B 78 -13.25 15.12 -4.50
N VAL B 79 -12.35 14.14 -4.35
CA VAL B 79 -11.36 13.84 -5.37
C VAL B 79 -11.59 12.41 -5.81
N TYR B 80 -10.91 11.98 -6.86
CA TYR B 80 -11.11 10.61 -7.34
C TYR B 80 -10.96 9.60 -6.20
N ARG B 81 -9.91 9.75 -5.41
CA ARG B 81 -9.60 8.77 -4.35
C ARG B 81 -10.75 8.66 -3.34
N THR B 82 -11.25 9.81 -2.90
CA THR B 82 -12.28 9.80 -1.85
C THR B 82 -13.62 9.40 -2.41
N TYR B 83 -13.87 9.74 -3.69
CA TYR B 83 -15.09 9.31 -4.33
C TYR B 83 -15.18 7.78 -4.36
N ASN B 84 -14.09 7.14 -4.74
CA ASN B 84 -14.11 5.68 -4.79
C ASN B 84 -14.20 5.03 -3.42
N LEU B 85 -13.58 5.62 -2.41
CA LEU B 85 -13.75 5.11 -1.04
C LEU B 85 -15.21 5.16 -0.63
N MET B 86 -15.84 6.31 -0.89
CA MET B 86 -17.22 6.51 -0.51
C MET B 86 -18.14 5.56 -1.28
N GLN B 87 -17.98 5.48 -2.60
CA GLN B 87 -18.87 4.70 -3.44
C GLN B 87 -18.60 3.20 -3.33
N ASP B 88 -17.36 2.80 -3.04
CA ASP B 88 -17.13 1.38 -2.81
C ASP B 88 -17.91 0.97 -1.57
N GLY B 89 -17.96 1.86 -0.59
CA GLY B 89 -18.75 1.61 0.60
C GLY B 89 -20.23 1.50 0.29
N GLN B 90 -20.78 2.50 -0.39
CA GLN B 90 -22.22 2.49 -0.70
C GLN B 90 -22.56 1.36 -1.66
N GLU B 91 -21.69 1.11 -2.62
CA GLU B 91 -22.00 0.11 -3.62
C GLU B 91 -21.84 -1.33 -3.06
N SER B 92 -20.84 -1.56 -2.21
N SER B 92 -20.83 -1.52 -2.21
CA SER B 92 -20.73 -2.86 -1.58
CA SER B 92 -20.69 -2.80 -1.52
C SER B 92 -21.94 -3.13 -0.69
C SER B 92 -21.98 -3.09 -0.77
N TYR B 93 -22.48 -2.07 -0.10
CA TYR B 93 -23.72 -2.18 0.69
C TYR B 93 -24.91 -2.58 -0.20
N VAL B 94 -25.09 -1.87 -1.30
CA VAL B 94 -26.17 -2.23 -2.25
C VAL B 94 -26.01 -3.65 -2.81
N GLN B 95 -24.79 -4.00 -3.23
CA GLN B 95 -24.53 -5.36 -3.73
C GLN B 95 -24.85 -6.42 -2.66
N SER B 96 -24.52 -6.13 -1.42
CA SER B 96 -24.88 -7.02 -0.32
C SER B 96 -26.40 -7.14 -0.11
N LEU B 97 -27.12 -6.04 -0.31
CA LEU B 97 -28.59 -6.09 -0.22
C LEU B 97 -29.13 -6.98 -1.32
N PHE B 98 -28.65 -6.78 -2.54
CA PHE B 98 -29.09 -7.60 -3.66
C PHE B 98 -28.89 -9.09 -3.30
N ASP B 99 -27.72 -9.44 -2.79
CA ASP B 99 -27.35 -10.84 -2.47
C ASP B 99 -28.32 -11.39 -1.43
N GLN B 100 -28.52 -10.62 -0.35
CA GLN B 100 -29.32 -11.13 0.76
C GLN B 100 -30.79 -11.18 0.40
N PHE B 101 -31.31 -10.14 -0.26
CA PHE B 101 -32.72 -10.15 -0.64
C PHE B 101 -32.99 -11.28 -1.64
N ASN B 102 -31.99 -11.56 -2.47
CA ASN B 102 -32.11 -12.69 -3.39
C ASN B 102 -32.16 -14.03 -2.65
N GLU B 103 -31.30 -14.19 -1.66
CA GLU B 103 -31.32 -15.40 -0.83
C GLU B 103 -32.69 -15.62 -0.21
N ARG B 104 -33.31 -14.51 0.19
CA ARG B 104 -34.59 -14.56 0.87
C ARG B 104 -35.77 -14.63 -0.10
N GLU B 105 -35.47 -14.72 -1.40
CA GLU B 105 -36.50 -14.82 -2.42
C GLU B 105 -37.48 -13.64 -2.37
N HIS B 106 -36.94 -12.46 -2.14
CA HIS B 106 -37.72 -11.23 -2.07
C HIS B 106 -38.69 -11.05 -3.25
N ASP B 107 -38.20 -11.27 -4.46
CA ASP B 107 -39.00 -10.98 -5.63
C ASP B 107 -40.29 -11.81 -5.74
N GLN B 108 -40.31 -13.01 -5.15
CA GLN B 108 -41.52 -13.86 -5.13
C GLN B 108 -42.67 -13.34 -4.27
N MET B 109 -42.34 -12.48 -3.32
CA MET B 109 -43.31 -12.09 -2.29
C MET B 109 -43.95 -10.73 -2.59
N VAL B 110 -43.51 -10.07 -3.66
CA VAL B 110 -44.13 -8.80 -4.05
C VAL B 110 -45.60 -9.03 -4.44
N ARG B 111 -46.40 -7.98 -4.37
CA ARG B 111 -47.82 -8.11 -4.58
C ARG B 111 -48.12 -8.50 -6.03
N GLU B 112 -49.14 -9.31 -6.24
CA GLU B 112 -49.49 -9.77 -7.59
C GLU B 112 -49.55 -8.60 -8.56
N GLY B 113 -48.87 -8.74 -9.71
CA GLY B 113 -48.88 -7.72 -10.75
C GLY B 113 -47.76 -6.69 -10.68
N TRP B 114 -47.03 -6.67 -9.56
CA TRP B 114 -45.94 -5.69 -9.39
C TRP B 114 -44.87 -5.84 -10.47
N GLU B 115 -44.65 -7.07 -10.94
CA GLU B 115 -43.65 -7.30 -12.00
C GLU B 115 -44.00 -6.52 -13.28
N HIS B 116 -45.29 -6.33 -13.54
CA HIS B 116 -45.72 -5.58 -14.72
C HIS B 116 -45.54 -4.07 -14.53
N THR B 117 -45.81 -3.58 -13.33
CA THR B 117 -45.53 -2.18 -13.04
C THR B 117 -44.02 -1.93 -13.14
N MET B 118 -43.22 -2.90 -12.70
CA MET B 118 -41.77 -2.72 -12.79
C MET B 118 -41.34 -2.69 -14.25
N ALA B 119 -41.88 -3.60 -15.05
CA ALA B 119 -41.50 -3.70 -16.45
C ALA B 119 -41.89 -2.44 -17.23
N ARG B 120 -43.00 -1.83 -16.82
CA ARG B 120 -43.49 -0.63 -17.50
C ARG B 120 -42.82 0.65 -16.98
N CYS B 121 -42.59 0.72 -15.67
CA CYS B 121 -42.26 2.00 -15.02
C CYS B 121 -40.86 2.05 -14.48
N TYR B 122 -40.23 0.89 -14.37
CA TYR B 122 -38.90 0.85 -13.75
C TYR B 122 -37.76 0.46 -14.71
N SER B 123 -37.88 -0.69 -15.36
N SER B 123 -37.91 -0.67 -15.38
CA SER B 123 -36.79 -1.12 -16.23
CA SER B 123 -36.84 -1.14 -16.25
C SER B 123 -36.39 -0.13 -17.35
C SER B 123 -36.40 -0.17 -17.35
N PRO B 124 -37.34 0.58 -17.97
CA PRO B 124 -36.90 1.54 -18.99
C PRO B 124 -36.19 2.76 -18.39
N LEU B 125 -36.07 2.84 -17.06
CA LEU B 125 -35.30 3.93 -16.47
C LEU B 125 -33.85 3.89 -16.95
N ARG B 126 -33.40 2.75 -17.46
CA ARG B 126 -32.02 2.68 -17.97
C ARG B 126 -31.81 3.70 -19.07
N TYR B 127 -32.82 3.96 -19.91
CA TYR B 127 -32.74 4.99 -20.94
C TYR B 127 -32.64 6.37 -20.32
N LEU B 128 -33.50 6.65 -19.36
CA LEU B 128 -33.49 7.96 -18.71
C LEU B 128 -32.13 8.18 -18.04
N PHE B 129 -31.65 7.19 -17.30
CA PHE B 129 -30.39 7.36 -16.58
C PHE B 129 -29.21 7.50 -17.53
N HIS B 130 -29.26 6.78 -18.65
CA HIS B 130 -28.18 6.95 -19.62
C HIS B 130 -28.18 8.36 -20.22
N CYS B 131 -29.36 8.95 -20.40
CA CYS B 131 -29.46 10.32 -20.88
C CYS B 131 -28.80 11.24 -19.86
N LEU B 132 -28.99 10.97 -18.58
CA LEU B 132 -28.36 11.81 -17.55
C LEU B 132 -26.83 11.64 -17.60
N GLN B 133 -26.39 10.41 -17.89
CA GLN B 133 -24.97 10.12 -18.02
C GLN B 133 -24.39 10.89 -19.20
N MET B 134 -25.02 10.78 -20.38
CA MET B 134 -24.56 11.53 -21.55
C MET B 134 -24.55 13.04 -21.28
N SER B 135 -25.64 13.53 -20.69
CA SER B 135 -25.77 14.96 -20.42
C SER B 135 -24.73 15.46 -19.43
N SER B 136 -24.49 14.68 -18.37
CA SER B 136 -23.49 15.07 -17.39
C SER B 136 -22.11 15.15 -18.02
N ALA B 137 -21.83 14.25 -18.94
CA ALA B 137 -20.55 14.25 -19.64
C ALA B 137 -20.44 15.51 -20.51
N TYR B 138 -21.58 15.98 -21.03
CA TYR B 138 -21.55 17.21 -21.82
C TYR B 138 -21.19 18.43 -20.94
N VAL B 139 -21.82 18.53 -19.79
CA VAL B 139 -21.50 19.65 -18.90
C VAL B 139 -20.03 19.57 -18.50
N GLN B 140 -19.53 18.37 -18.21
CA GLN B 140 -18.10 18.18 -17.92
C GLN B 140 -17.21 18.84 -18.96
N GLN B 141 -17.43 18.52 -20.24
CA GLN B 141 -16.49 18.92 -21.27
C GLN B 141 -16.60 20.41 -21.61
N MET B 142 -17.71 21.05 -21.22
CA MET B 142 -17.94 22.45 -21.56
C MET B 142 -17.72 23.44 -20.39
N ALA B 143 -17.77 22.97 -19.15
CA ALA B 143 -17.75 23.88 -17.99
C ALA B 143 -16.47 24.70 -17.93
N PRO B 144 -16.57 25.95 -17.48
CA PRO B 144 -15.38 26.83 -17.57
C PRO B 144 -14.43 26.76 -16.36
N ALA B 145 -14.59 25.74 -15.51
CA ALA B 145 -13.63 25.54 -14.41
C ALA B 145 -13.48 24.05 -14.12
N SER B 146 -12.26 23.63 -13.81
CA SER B 146 -12.00 22.22 -13.55
C SER B 146 -12.73 21.76 -12.30
N THR B 147 -12.91 22.64 -11.32
CA THR B 147 -13.70 22.24 -10.14
C THR B 147 -15.15 21.95 -10.50
N ILE B 148 -15.71 22.69 -11.45
CA ILE B 148 -17.06 22.37 -11.90
C ILE B 148 -17.04 21.06 -12.67
N SER B 149 -16.10 20.94 -13.60
CA SER B 149 -16.03 19.76 -14.44
C SER B 149 -15.87 18.49 -13.59
N ASN B 150 -15.10 18.58 -12.50
CA ASN B 150 -14.91 17.40 -11.65
C ASN B 150 -16.23 16.90 -11.04
N CYS B 151 -17.05 17.83 -10.55
CA CYS B 151 -18.37 17.45 -10.04
C CYS B 151 -19.18 16.72 -11.13
N CYS B 152 -19.10 17.20 -12.35
CA CYS B 152 -19.79 16.57 -13.47
C CYS B 152 -19.25 15.19 -13.83
N ILE B 153 -17.94 14.98 -13.68
CA ILE B 153 -17.37 13.65 -13.96
C ILE B 153 -17.97 12.66 -12.99
N LEU B 154 -17.94 13.02 -11.71
CA LEU B 154 -18.44 12.12 -10.69
C LEU B 154 -19.94 11.89 -10.86
N GLN B 155 -20.66 12.93 -11.29
CA GLN B 155 -22.08 12.81 -11.58
C GLN B 155 -22.32 11.90 -12.79
N THR B 156 -21.44 11.97 -13.78
CA THR B 156 -21.53 11.06 -14.92
C THR B 156 -21.37 9.61 -14.45
N ALA B 157 -20.37 9.38 -13.60
CA ALA B 157 -20.17 8.03 -13.05
C ALA B 157 -21.38 7.57 -12.23
N ASP B 158 -21.93 8.46 -11.42
CA ASP B 158 -23.13 8.11 -10.63
C ASP B 158 -24.32 7.75 -11.52
N SER B 159 -24.47 8.44 -12.65
CA SER B 159 -25.57 8.13 -13.58
C SER B 159 -25.40 6.70 -14.08
N LEU B 160 -24.16 6.34 -14.41
CA LEU B 160 -23.87 4.98 -14.87
C LEU B 160 -24.12 3.95 -13.75
N ARG B 161 -23.79 4.31 -12.51
CA ARG B 161 -24.11 3.48 -11.35
C ARG B 161 -25.61 3.16 -11.32
N TRP B 162 -26.45 4.20 -11.49
CA TRP B 162 -27.90 3.99 -11.47
C TRP B 162 -28.38 3.12 -12.63
N LEU B 163 -27.83 3.38 -13.81
CA LEU B 163 -28.13 2.60 -15.01
C LEU B 163 -27.86 1.13 -14.70
N THR B 164 -26.71 0.88 -14.08
CA THR B 164 -26.24 -0.49 -13.84
C THR B 164 -27.11 -1.21 -12.81
N HIS B 165 -27.51 -0.48 -11.78
CA HIS B 165 -28.44 -1.01 -10.79
C HIS B 165 -29.67 -1.49 -11.55
N THR B 166 -30.11 -0.63 -12.47
CA THR B 166 -31.39 -0.86 -13.14
C THR B 166 -31.29 -2.08 -14.07
N ALA B 167 -30.16 -2.19 -14.76
CA ALA B 167 -29.90 -3.34 -15.64
C ALA B 167 -29.85 -4.60 -14.80
N TYR B 168 -29.12 -4.55 -13.70
CA TYR B 168 -28.98 -5.72 -12.85
C TYR B 168 -30.33 -6.21 -12.34
N ARG B 169 -31.14 -5.27 -11.85
CA ARG B 169 -32.42 -5.62 -11.26
C ARG B 169 -33.46 -6.03 -12.31
N THR B 170 -33.36 -5.45 -13.50
CA THR B 170 -34.25 -5.84 -14.59
C THR B 170 -34.00 -7.32 -14.89
N HIS B 171 -32.72 -7.66 -15.08
CA HIS B 171 -32.38 -9.06 -15.35
C HIS B 171 -32.79 -9.95 -14.20
N GLU B 172 -32.45 -9.54 -12.97
CA GLU B 172 -32.81 -10.36 -11.82
C GLU B 172 -34.31 -10.61 -11.71
N LEU B 173 -35.12 -9.56 -11.84
N LEU B 173 -35.12 -9.56 -11.82
CA LEU B 173 -36.58 -9.71 -11.73
CA LEU B 173 -36.56 -9.71 -11.75
C LEU B 173 -37.12 -10.65 -12.80
C LEU B 173 -37.05 -10.71 -12.79
N SER B 174 -36.51 -10.61 -13.99
CA SER B 174 -36.94 -11.46 -15.11
C SER B 174 -36.75 -12.96 -14.84
N LEU B 175 -35.91 -13.29 -13.87
CA LEU B 175 -35.72 -14.68 -13.48
C LEU B 175 -36.91 -15.25 -12.73
N THR B 176 -37.51 -14.41 -11.89
CA THR B 176 -38.73 -14.82 -11.18
C THR B 176 -39.98 -14.63 -12.06
N TYR B 177 -39.95 -13.62 -12.92
CA TYR B 177 -41.11 -13.26 -13.74
C TYR B 177 -40.71 -13.15 -15.20
N PRO B 178 -40.66 -14.30 -15.88
CA PRO B 178 -40.09 -14.38 -17.24
C PRO B 178 -41.07 -13.98 -18.34
N ASP B 179 -42.29 -13.63 -17.96
CA ASP B 179 -43.37 -13.37 -18.92
C ASP B 179 -43.91 -11.96 -18.79
N ALA B 180 -43.04 -11.00 -18.48
CA ALA B 180 -43.49 -9.63 -18.28
C ALA B 180 -42.77 -8.67 -19.23
N GLY B 181 -41.89 -9.21 -20.08
CA GLY B 181 -41.13 -8.39 -21.02
C GLY B 181 -39.92 -7.72 -20.38
N LEU B 182 -39.58 -8.15 -19.17
CA LEU B 182 -38.41 -7.59 -18.48
C LEU B 182 -37.11 -7.89 -19.23
N GLY B 183 -36.39 -6.83 -19.60
CA GLY B 183 -35.15 -6.99 -20.34
C GLY B 183 -35.37 -7.20 -21.83
N GLU B 184 -36.64 -7.09 -22.28
CA GLU B 184 -36.99 -7.32 -23.69
C GLU B 184 -37.67 -6.12 -24.36
N HIS B 185 -38.54 -5.44 -23.63
N HIS B 185 -38.52 -5.43 -23.61
CA HIS B 185 -39.41 -4.44 -24.25
CA HIS B 185 -39.47 -4.46 -24.16
C HIS B 185 -39.15 -3.01 -23.83
C HIS B 185 -39.12 -3.01 -23.87
N GLU B 186 -38.03 -2.78 -23.15
CA GLU B 186 -37.72 -1.42 -22.63
C GLU B 186 -37.54 -0.35 -23.71
N ARG B 187 -36.88 -0.68 -24.82
CA ARG B 187 -36.67 0.31 -25.86
C ARG B 187 -38.01 0.72 -26.46
N GLU B 188 -38.87 -0.26 -26.72
CA GLU B 188 -40.19 0.03 -27.27
C GLU B 188 -41.02 0.92 -26.37
N LEU B 189 -40.95 0.66 -25.07
CA LEU B 189 -41.63 1.49 -24.07
C LEU B 189 -41.06 2.90 -24.07
N TRP B 190 -39.74 3.01 -24.05
CA TRP B 190 -39.12 4.33 -24.06
C TRP B 190 -39.53 5.11 -25.32
N GLU B 191 -39.69 4.41 -26.44
CA GLU B 191 -40.00 5.08 -27.70
C GLU B 191 -41.48 5.33 -27.93
N LYS B 192 -42.32 4.41 -27.47
CA LYS B 192 -43.74 4.41 -27.87
C LYS B 192 -44.77 4.65 -26.74
N GLU B 193 -44.42 4.29 -25.50
CA GLU B 193 -45.37 4.39 -24.40
C GLU B 193 -45.62 5.85 -23.94
N PRO B 194 -46.89 6.27 -23.88
CA PRO B 194 -47.20 7.67 -23.55
C PRO B 194 -46.54 8.17 -22.25
N GLY B 195 -46.52 7.32 -21.22
CA GLY B 195 -45.89 7.69 -19.96
C GLY B 195 -44.41 8.07 -20.05
N TRP B 196 -43.71 7.60 -21.09
CA TRP B 196 -42.30 7.89 -21.22
C TRP B 196 -42.03 9.06 -22.13
N GLN B 197 -43.06 9.52 -22.85
CA GLN B 197 -42.80 10.42 -23.96
C GLN B 197 -42.47 11.83 -23.53
N GLY B 198 -43.03 12.24 -22.40
CA GLY B 198 -42.65 13.53 -21.84
C GLY B 198 -41.18 13.52 -21.43
N LEU B 199 -40.77 12.46 -20.72
CA LEU B 199 -39.37 12.31 -20.35
C LEU B 199 -38.45 12.26 -21.58
N ARG B 200 -38.86 11.51 -22.62
CA ARG B 200 -38.00 11.35 -23.77
C ARG B 200 -37.85 12.67 -24.53
N GLU B 201 -38.95 13.41 -24.65
CA GLU B 201 -38.88 14.68 -25.35
C GLU B 201 -38.00 15.66 -24.56
N LEU B 202 -38.19 15.70 -23.25
CA LEU B 202 -37.37 16.53 -22.36
C LEU B 202 -35.89 16.26 -22.56
N MET B 203 -35.49 14.98 -22.52
CA MET B 203 -34.07 14.64 -22.61
C MET B 203 -33.48 14.85 -24.01
N GLU B 204 -34.24 14.54 -25.06
CA GLU B 204 -33.72 14.75 -26.41
C GLU B 204 -33.47 16.22 -26.65
N LYS B 205 -34.37 17.06 -26.16
CA LYS B 205 -34.16 18.49 -26.27
C LYS B 205 -33.07 19.02 -25.33
N GLN B 206 -33.04 18.53 -24.08
CA GLN B 206 -32.01 18.95 -23.13
C GLN B 206 -30.63 18.59 -23.67
N LEU B 207 -30.53 17.43 -24.31
CA LEU B 207 -29.26 16.98 -24.87
C LEU B 207 -28.83 17.81 -26.07
N THR B 208 -29.71 18.68 -26.56
CA THR B 208 -29.33 19.56 -27.65
C THR B 208 -29.23 21.02 -27.22
N ALA B 209 -29.22 21.25 -25.91
CA ALA B 209 -28.90 22.57 -25.39
C ALA B 209 -27.38 22.63 -25.18
N PHE B 210 -26.70 23.26 -26.13
CA PHE B 210 -25.24 23.19 -26.16
C PHE B 210 -24.51 24.31 -25.40
N ASP B 211 -25.24 25.37 -25.03
CA ASP B 211 -24.63 26.40 -24.18
C ASP B 211 -24.29 25.78 -22.83
N TRP B 212 -23.09 26.02 -22.31
CA TRP B 212 -22.67 25.28 -21.09
C TRP B 212 -23.58 25.64 -19.92
N GLY B 213 -23.96 26.90 -19.86
CA GLY B 213 -24.78 27.37 -18.76
C GLY B 213 -26.20 26.83 -18.83
N GLU B 214 -26.77 26.84 -20.03
CA GLU B 214 -28.11 26.35 -20.18
C GLU B 214 -28.13 24.85 -19.92
N ALA B 215 -27.06 24.17 -20.36
CA ALA B 215 -26.92 22.74 -20.14
C ALA B 215 -26.94 22.46 -18.65
N PHE B 216 -26.11 23.20 -17.91
CA PHE B 216 -26.02 23.01 -16.46
C PHE B 216 -27.35 23.29 -15.76
N VAL B 217 -27.95 24.42 -16.08
CA VAL B 217 -29.20 24.80 -15.42
C VAL B 217 -30.33 23.78 -15.73
N SER B 218 -30.55 23.48 -17.00
CA SER B 218 -31.60 22.55 -17.39
C SER B 218 -31.40 21.16 -16.77
N LEU B 219 -30.17 20.67 -16.80
CA LEU B 219 -29.89 19.33 -16.28
C LEU B 219 -29.99 19.27 -14.76
N ASN B 220 -29.29 20.18 -14.10
CA ASN B 220 -29.10 20.03 -12.65
C ASN B 220 -30.11 20.78 -11.78
N LEU B 221 -30.67 21.87 -12.31
CA LEU B 221 -31.64 22.67 -11.56
C LEU B 221 -33.08 22.35 -11.96
N VAL B 222 -33.27 21.72 -13.11
CA VAL B 222 -34.63 21.43 -13.58
C VAL B 222 -34.92 19.93 -13.71
N VAL B 223 -34.20 19.24 -14.59
CA VAL B 223 -34.43 17.83 -14.84
C VAL B 223 -34.19 16.95 -13.62
N LYS B 224 -33.01 17.06 -13.03
CA LYS B 224 -32.65 16.14 -11.97
C LYS B 224 -33.50 16.28 -10.71
N PRO B 225 -33.83 17.51 -10.31
CA PRO B 225 -34.69 17.60 -9.11
C PRO B 225 -36.10 17.04 -9.40
N MET B 226 -36.54 17.18 -10.65
CA MET B 226 -37.84 16.62 -11.03
C MET B 226 -37.82 15.09 -10.90
N ILE B 227 -36.73 14.46 -11.34
CA ILE B 227 -36.57 13.02 -11.20
C ILE B 227 -36.62 12.58 -9.71
N VAL B 228 -36.00 13.36 -8.84
CA VAL B 228 -36.08 13.01 -7.41
C VAL B 228 -37.53 13.02 -6.93
N GLU B 229 -38.23 14.13 -7.18
CA GLU B 229 -39.52 14.32 -6.56
C GLU B 229 -40.65 13.60 -7.30
N SER B 230 -40.49 13.36 -8.60
CA SER B 230 -41.57 12.81 -9.42
C SER B 230 -41.38 11.36 -9.89
N ILE B 231 -40.16 10.85 -9.74
CA ILE B 231 -39.86 9.47 -10.13
C ILE B 231 -39.35 8.64 -8.94
N PHE B 232 -38.21 9.01 -8.38
CA PHE B 232 -37.62 8.27 -7.26
C PHE B 232 -38.57 8.13 -6.07
N LYS B 233 -39.06 9.25 -5.55
CA LYS B 233 -39.94 9.16 -4.37
C LYS B 233 -41.27 8.46 -4.63
N PRO B 234 -41.93 8.77 -5.76
CA PRO B 234 -43.18 8.05 -6.00
C PRO B 234 -42.98 6.52 -6.18
N LEU B 235 -41.86 6.13 -6.77
CA LEU B 235 -41.52 4.70 -6.88
C LEU B 235 -41.35 4.05 -5.50
N GLN B 236 -40.73 4.76 -4.56
CA GLN B 236 -40.61 4.23 -3.20
C GLN B 236 -41.98 4.04 -2.57
N GLN B 237 -42.87 4.99 -2.79
CA GLN B 237 -44.20 4.92 -2.21
C GLN B 237 -44.97 3.74 -2.81
N GLN B 238 -44.89 3.57 -4.13
CA GLN B 238 -45.55 2.44 -4.78
C GLN B 238 -44.97 1.09 -4.37
N ALA B 239 -43.64 1.02 -4.25
CA ALA B 239 -43.00 -0.22 -3.81
C ALA B 239 -43.56 -0.62 -2.44
N TRP B 240 -43.68 0.37 -1.55
CA TRP B 240 -44.17 0.09 -0.21
C TRP B 240 -45.59 -0.48 -0.25
N GLU B 241 -46.42 0.07 -1.13
CA GLU B 241 -47.79 -0.44 -1.27
C GLU B 241 -47.83 -1.85 -1.87
N ASN B 242 -46.74 -2.25 -2.51
CA ASN B 242 -46.71 -3.53 -3.20
C ASN B 242 -45.74 -4.55 -2.60
N ASN B 243 -45.37 -4.33 -1.34
CA ASN B 243 -44.47 -5.25 -0.65
C ASN B 243 -43.15 -5.51 -1.39
N ASP B 244 -42.61 -4.49 -2.03
CA ASP B 244 -41.26 -4.55 -2.54
C ASP B 244 -40.47 -3.75 -1.52
N THR B 245 -39.71 -4.44 -0.67
CA THR B 245 -38.91 -3.77 0.36
C THR B 245 -37.46 -3.49 -0.09
N LEU B 246 -37.07 -4.07 -1.22
CA LEU B 246 -35.72 -3.81 -1.76
C LEU B 246 -35.65 -2.46 -2.48
N LEU B 247 -36.63 -2.18 -3.32
CA LEU B 247 -36.58 -0.96 -4.09
C LEU B 247 -36.40 0.32 -3.26
N PRO B 248 -37.11 0.43 -2.12
CA PRO B 248 -36.96 1.67 -1.35
C PRO B 248 -35.54 1.85 -0.83
N LEU B 249 -34.91 0.74 -0.45
CA LEU B 249 -33.53 0.79 0.05
C LEU B 249 -32.55 1.14 -1.08
N LEU B 250 -32.77 0.55 -2.25
CA LEU B 250 -31.94 0.87 -3.41
C LEU B 250 -32.08 2.34 -3.77
N ILE B 251 -33.32 2.83 -3.81
CA ILE B 251 -33.58 4.22 -4.18
C ILE B 251 -32.99 5.17 -3.14
N ASP B 252 -33.05 4.80 -1.86
CA ASP B 252 -32.39 5.63 -0.84
C ASP B 252 -30.89 5.79 -1.11
N SER B 253 -30.22 4.74 -1.55
CA SER B 253 -28.80 4.86 -1.94
C SER B 253 -28.60 5.77 -3.15
N GLN B 254 -29.46 5.62 -4.15
CA GLN B 254 -29.43 6.50 -5.32
C GLN B 254 -29.73 7.95 -4.96
N LEU B 255 -30.61 8.15 -4.00
CA LEU B 255 -30.95 9.51 -3.58
C LEU B 255 -29.78 10.22 -2.87
N LYS B 256 -28.92 9.47 -2.18
CA LYS B 256 -27.71 10.08 -1.62
C LYS B 256 -26.88 10.73 -2.73
N ASP B 257 -26.73 10.01 -3.84
CA ASP B 257 -25.99 10.55 -4.98
C ASP B 257 -26.73 11.78 -5.50
N ALA B 258 -28.04 11.66 -5.62
CA ALA B 258 -28.83 12.77 -6.16
C ALA B 258 -28.71 14.02 -5.28
N GLU B 259 -28.75 13.85 -3.97
CA GLU B 259 -28.63 15.01 -3.08
C GLU B 259 -27.25 15.61 -3.21
N ARG B 260 -26.25 14.76 -3.41
CA ARG B 260 -24.92 15.28 -3.62
C ARG B 260 -24.87 16.12 -4.90
N HIS B 261 -25.53 15.67 -5.96
CA HIS B 261 -25.55 16.46 -7.19
C HIS B 261 -26.21 17.80 -6.95
N SER B 262 -27.29 17.79 -6.17
N SER B 262 -27.29 17.81 -6.18
CA SER B 262 -28.00 19.02 -5.88
CA SER B 262 -27.96 19.06 -5.90
C SER B 262 -27.13 19.97 -5.04
C SER B 262 -27.08 19.98 -5.07
N ARG B 263 -26.33 19.41 -4.13
CA ARG B 263 -25.47 20.22 -3.27
C ARG B 263 -24.43 20.96 -4.07
N TRP B 264 -23.74 20.28 -4.99
CA TRP B 264 -22.74 21.03 -5.76
C TRP B 264 -23.38 22.06 -6.69
N SER B 265 -24.56 21.73 -7.23
CA SER B 265 -25.27 22.60 -8.18
C SER B 265 -25.64 23.90 -7.46
N LYS B 266 -26.15 23.75 -6.24
CA LYS B 266 -26.55 24.90 -5.44
C LYS B 266 -25.35 25.80 -5.14
N ALA B 267 -24.23 25.17 -4.83
CA ALA B 267 -22.99 25.91 -4.59
C ALA B 267 -22.56 26.65 -5.85
N LEU B 268 -22.75 26.03 -7.01
CA LEU B 268 -22.42 26.72 -8.27
C LEU B 268 -23.37 27.89 -8.52
N VAL B 269 -24.65 27.71 -8.22
CA VAL B 269 -25.62 28.81 -8.33
C VAL B 269 -25.19 29.98 -7.45
N LYS B 270 -24.87 29.67 -6.19
CA LYS B 270 -24.42 30.70 -5.25
C LYS B 270 -23.19 31.47 -5.77
N HIS B 271 -22.24 30.73 -6.34
CA HIS B 271 -21.06 31.34 -6.97
C HIS B 271 -21.46 32.26 -8.13
N ALA B 272 -22.30 31.73 -9.03
CA ALA B 272 -22.77 32.51 -10.17
C ALA B 272 -23.47 33.77 -9.74
N LEU B 273 -24.22 33.69 -8.66
CA LEU B 273 -25.06 34.81 -8.23
C LEU B 273 -24.27 35.98 -7.62
N GLU B 274 -22.98 35.76 -7.38
CA GLU B 274 -22.07 36.87 -7.10
C GLU B 274 -22.18 37.97 -8.15
N ASN B 275 -22.48 37.57 -9.38
CA ASN B 275 -22.80 38.47 -10.48
C ASN B 275 -24.31 38.62 -10.57
N PRO B 276 -24.84 39.79 -10.17
CA PRO B 276 -26.30 39.96 -10.06
C PRO B 276 -27.01 39.72 -11.40
N ASP B 277 -26.29 39.93 -12.51
CA ASP B 277 -26.88 39.75 -13.83
C ASP B 277 -27.32 38.30 -14.04
N ASN B 278 -26.69 37.37 -13.33
CA ASN B 278 -26.96 35.96 -13.55
C ASN B 278 -28.32 35.50 -13.00
N HIS B 279 -28.87 36.24 -12.05
CA HIS B 279 -30.16 35.86 -11.51
C HIS B 279 -31.19 35.74 -12.65
N ALA B 280 -31.26 36.75 -13.49
CA ALA B 280 -32.24 36.76 -14.58
C ALA B 280 -31.91 35.67 -15.60
N VAL B 281 -30.63 35.47 -15.88
CA VAL B 281 -30.21 34.44 -16.83
C VAL B 281 -30.69 33.06 -16.34
N ILE B 282 -30.36 32.72 -15.11
CA ILE B 282 -30.76 31.44 -14.54
C ILE B 282 -32.28 31.30 -14.44
N GLU B 283 -32.94 32.37 -14.00
CA GLU B 283 -34.38 32.32 -13.82
C GLU B 283 -35.04 32.14 -15.19
N GLY B 284 -34.47 32.78 -16.20
CA GLY B 284 -34.95 32.63 -17.56
C GLY B 284 -34.88 31.18 -18.05
N TRP B 285 -33.76 30.52 -17.81
CA TRP B 285 -33.62 29.15 -18.27
C TRP B 285 -34.54 28.21 -17.50
N ILE B 286 -34.66 28.45 -16.20
CA ILE B 286 -35.56 27.64 -15.39
C ILE B 286 -36.99 27.72 -15.92
N GLU B 287 -37.50 28.93 -16.10
CA GLU B 287 -38.83 29.08 -16.68
C GLU B 287 -38.95 28.53 -18.10
N LYS B 288 -37.88 28.55 -18.87
CA LYS B 288 -37.91 27.95 -20.20
C LYS B 288 -38.12 26.42 -20.16
N TRP B 289 -37.49 25.76 -19.21
CA TRP B 289 -37.45 24.30 -19.20
C TRP B 289 -38.48 23.67 -18.27
N ARG B 290 -38.96 24.46 -17.31
CA ARG B 290 -39.88 23.96 -16.30
C ARG B 290 -41.11 23.27 -16.91
N PRO B 291 -41.76 23.92 -17.89
CA PRO B 291 -42.94 23.31 -18.50
C PRO B 291 -42.69 21.90 -19.04
N LEU B 292 -41.61 21.70 -19.80
CA LEU B 292 -41.28 20.36 -20.30
C LEU B 292 -41.08 19.38 -19.14
N ALA B 293 -40.43 19.84 -18.07
CA ALA B 293 -40.19 18.99 -16.92
C ALA B 293 -41.50 18.61 -16.24
N ASP B 294 -42.39 19.58 -16.08
CA ASP B 294 -43.65 19.31 -15.43
C ASP B 294 -44.50 18.33 -16.26
N ARG B 295 -44.49 18.48 -17.58
CA ARG B 295 -45.25 17.54 -18.41
C ARG B 295 -44.65 16.15 -18.35
N ALA B 296 -43.32 16.07 -18.29
CA ALA B 296 -42.64 14.78 -18.24
C ALA B 296 -43.07 14.05 -16.97
N ALA B 297 -43.06 14.79 -15.86
CA ALA B 297 -43.43 14.21 -14.56
C ALA B 297 -44.88 13.76 -14.55
N GLU B 298 -45.78 14.62 -15.05
CA GLU B 298 -47.21 14.31 -15.11
C GLU B 298 -47.50 13.02 -15.89
N ALA B 299 -46.87 12.89 -17.05
CA ALA B 299 -47.12 11.74 -17.92
C ALA B 299 -46.58 10.48 -17.26
N TYR B 300 -45.40 10.59 -16.66
CA TYR B 300 -44.82 9.46 -15.92
C TYR B 300 -45.71 9.00 -14.76
N LEU B 301 -46.16 9.95 -13.94
CA LEU B 301 -46.95 9.63 -12.76
C LEU B 301 -48.31 9.04 -13.13
N SER B 302 -48.85 9.49 -14.25
CA SER B 302 -50.13 8.99 -14.70
C SER B 302 -49.97 7.52 -15.10
N MET B 303 -48.84 7.21 -15.74
CA MET B 303 -48.51 5.84 -16.10
C MET B 303 -48.27 4.97 -14.85
N LEU B 304 -47.48 5.47 -13.91
CA LEU B 304 -47.15 4.72 -12.69
C LEU B 304 -48.39 4.35 -11.89
N SER B 305 -49.35 5.28 -11.81
CA SER B 305 -50.52 5.06 -10.98
C SER B 305 -51.60 4.21 -11.69
N SER B 306 -51.21 3.59 -12.80
CA SER B 306 -52.06 2.63 -13.49
C SER B 306 -51.77 1.20 -13.02
N ASP B 307 -52.64 0.27 -13.41
CA ASP B 307 -52.49 -1.14 -13.06
C ASP B 307 -53.60 -1.97 -13.68
N SER C 2 14.07 47.53 -43.49
CA SER C 2 15.51 47.39 -43.27
C SER C 2 15.92 46.03 -42.70
N ALA C 3 15.43 45.68 -41.51
CA ALA C 3 15.60 44.35 -40.95
C ALA C 3 14.91 43.31 -41.81
N PHE C 4 15.57 42.18 -42.03
CA PHE C 4 15.06 41.15 -42.94
C PHE C 4 15.30 39.79 -42.30
N PRO C 5 14.23 39.10 -41.86
CA PRO C 5 14.41 37.80 -41.22
C PRO C 5 14.60 36.68 -42.26
N VAL C 6 15.57 35.82 -42.00
CA VAL C 6 15.68 34.58 -42.77
C VAL C 6 15.79 33.39 -41.83
N HIS C 7 15.56 32.19 -42.36
CA HIS C 7 15.87 30.99 -41.61
C HIS C 7 17.08 30.38 -42.27
N ALA C 8 18.13 30.12 -41.50
CA ALA C 8 19.40 29.72 -42.12
C ALA C 8 19.91 28.38 -41.58
N ALA C 9 20.38 27.55 -42.50
CA ALA C 9 20.98 26.26 -42.15
C ALA C 9 22.46 26.33 -42.49
N PHE C 10 23.32 26.29 -41.47
CA PHE C 10 24.76 26.36 -41.70
C PHE C 10 25.38 24.96 -41.87
N GLU C 11 26.31 24.84 -42.82
CA GLU C 11 26.92 23.54 -43.13
C GLU C 11 27.56 22.82 -41.92
N LYS C 12 27.11 21.58 -41.67
CA LYS C 12 27.57 20.72 -40.56
C LYS C 12 26.87 20.98 -39.21
N ASP C 13 26.01 22.00 -39.15
CA ASP C 13 25.21 22.26 -37.94
C ASP C 13 24.06 21.27 -37.88
N PHE C 14 23.32 21.27 -36.77
CA PHE C 14 22.23 20.30 -36.60
C PHE C 14 20.83 20.90 -36.80
N LEU C 15 20.75 22.22 -37.00
CA LEU C 15 19.44 22.86 -37.07
C LEU C 15 19.40 24.06 -38.04
N VAL C 16 18.20 24.57 -38.22
CA VAL C 16 17.95 25.82 -38.92
C VAL C 16 17.64 26.87 -37.84
N GLN C 17 18.22 28.06 -37.98
CA GLN C 17 17.96 29.16 -37.01
C GLN C 17 17.38 30.41 -37.66
N LEU C 18 16.62 31.16 -36.88
CA LEU C 18 16.20 32.49 -37.28
C LEU C 18 17.43 33.40 -37.19
N VAL C 19 17.76 34.08 -38.29
CA VAL C 19 18.83 35.09 -38.29
C VAL C 19 18.30 36.35 -38.94
N VAL C 20 18.38 37.48 -38.25
CA VAL C 20 17.93 38.71 -38.86
C VAL C 20 19.09 39.40 -39.57
N VAL C 21 18.93 39.64 -40.86
CA VAL C 21 19.96 40.33 -41.61
C VAL C 21 19.37 41.64 -42.09
N ASP C 22 20.09 42.32 -42.97
CA ASP C 22 19.62 43.59 -43.52
C ASP C 22 19.37 43.46 -45.01
N LEU C 23 18.37 44.21 -45.47
CA LEU C 23 17.98 44.21 -46.86
C LEU C 23 19.17 44.54 -47.77
N ASN C 24 20.10 45.32 -47.26
CA ASN C 24 21.23 45.71 -48.08
C ASN C 24 22.54 44.97 -47.81
N ASP C 25 22.47 43.91 -47.02
CA ASP C 25 23.63 43.06 -46.79
C ASP C 25 24.01 42.31 -48.06
N SER C 26 25.31 42.24 -48.34
CA SER C 26 25.77 41.32 -49.39
C SER C 26 25.66 39.91 -48.85
N MET C 27 25.77 38.92 -49.75
CA MET C 27 25.76 37.53 -49.34
C MET C 27 26.94 37.20 -48.44
N ASP C 28 28.07 37.87 -48.66
CA ASP C 28 29.22 37.70 -47.79
C ASP C 28 28.86 38.11 -46.38
N GLN C 29 28.19 39.26 -46.26
CA GLN C 29 27.74 39.75 -44.95
C GLN C 29 26.68 38.87 -44.27
N VAL C 30 25.72 38.39 -45.06
CA VAL C 30 24.74 37.44 -44.56
C VAL C 30 25.43 36.19 -44.01
N ALA C 31 26.38 35.65 -44.77
CA ALA C 31 27.09 34.44 -44.35
C ALA C 31 27.77 34.63 -42.98
N GLU C 32 28.36 35.81 -42.79
CA GLU C 32 29.05 36.12 -41.54
C GLU C 32 28.06 36.24 -40.38
N LYS C 33 26.89 36.83 -40.64
CA LYS C 33 25.86 36.90 -39.61
C LYS C 33 25.35 35.52 -39.19
N VAL C 34 25.16 34.62 -40.15
CA VAL C 34 24.77 33.26 -39.82
C VAL C 34 25.91 32.55 -39.08
N ALA C 35 27.14 32.69 -39.59
CA ALA C 35 28.26 31.99 -38.95
C ALA C 35 28.42 32.34 -37.47
N TYR C 36 28.07 33.58 -37.10
CA TYR C 36 28.18 34.04 -35.73
C TYR C 36 27.46 33.10 -34.80
N HIS C 37 26.32 32.56 -35.25
CA HIS C 37 25.49 31.71 -34.40
C HIS C 37 25.79 30.23 -34.49
N CYS C 38 26.86 29.88 -35.19
CA CYS C 38 27.15 28.48 -35.56
C CYS C 38 28.61 28.08 -35.36
N VAL C 39 29.51 28.79 -36.03
CA VAL C 39 30.93 28.50 -35.96
C VAL C 39 31.49 28.78 -34.55
N ASN C 40 32.31 27.85 -34.05
CA ASN C 40 32.78 27.86 -32.67
C ASN C 40 31.69 27.71 -31.61
N ARG C 41 30.48 27.38 -32.05
CA ARG C 41 29.42 27.04 -31.10
C ARG C 41 29.06 25.56 -31.22
N ARG C 42 28.76 25.12 -32.43
CA ARG C 42 28.50 23.71 -32.70
C ARG C 42 29.22 23.25 -33.97
N VAL C 43 29.92 24.17 -34.65
CA VAL C 43 30.55 23.85 -35.93
C VAL C 43 32.01 24.29 -35.89
N ALA C 44 32.92 23.40 -36.27
CA ALA C 44 34.34 23.73 -36.21
C ALA C 44 34.69 24.74 -37.28
N PRO C 45 35.58 25.68 -36.93
CA PRO C 45 36.02 26.65 -37.93
C PRO C 45 36.87 25.97 -39.01
N ARG C 46 36.80 26.49 -40.23
CA ARG C 46 37.57 25.93 -41.34
C ARG C 46 37.96 27.01 -42.33
N GLU C 47 39.02 26.74 -43.09
CA GLU C 47 39.41 27.58 -44.21
C GLU C 47 38.37 27.44 -45.32
N GLY C 48 38.21 28.49 -46.12
CA GLY C 48 37.29 28.44 -47.23
C GLY C 48 36.41 29.67 -47.30
N VAL C 49 35.66 29.78 -48.39
CA VAL C 49 34.79 30.91 -48.61
C VAL C 49 33.36 30.46 -48.40
N MET C 50 32.66 31.12 -47.48
CA MET C 50 31.25 30.85 -47.21
C MET C 50 30.36 31.44 -48.29
N ARG C 51 29.40 30.66 -48.76
CA ARG C 51 28.48 31.09 -49.81
C ARG C 51 27.06 30.90 -49.31
N VAL C 52 26.10 31.55 -49.96
CA VAL C 52 24.69 31.47 -49.59
C VAL C 52 23.88 30.98 -50.78
N ARG C 53 22.89 30.14 -50.53
CA ARG C 53 22.02 29.63 -51.58
C ARG C 53 20.61 29.52 -51.00
N LYS C 54 19.60 29.49 -51.84
CA LYS C 54 18.28 29.09 -51.37
C LYS C 54 18.34 27.64 -50.89
N HIS C 55 17.57 27.33 -49.84
CA HIS C 55 17.60 26.02 -49.22
C HIS C 55 17.53 24.88 -50.25
N ARG C 56 18.47 23.95 -50.13
CA ARG C 56 18.59 22.76 -51.00
C ARG C 56 18.77 23.08 -52.48
N SER C 57 19.07 24.33 -52.81
CA SER C 57 19.25 24.76 -54.19
C SER C 57 20.61 24.33 -54.73
N THR C 58 20.71 24.18 -56.04
CA THR C 58 21.98 23.85 -56.68
C THR C 58 22.80 25.13 -56.92
N GLU C 59 22.11 26.20 -57.28
CA GLU C 59 22.74 27.46 -57.65
C GLU C 59 23.09 28.32 -56.43
N LEU C 60 24.25 28.98 -56.47
CA LEU C 60 24.66 29.87 -55.39
C LEU C 60 24.43 31.34 -55.74
N PHE C 61 24.06 32.15 -54.75
CA PHE C 61 24.00 33.58 -54.98
C PHE C 61 25.42 34.14 -55.11
N PRO C 62 25.62 35.10 -56.01
CA PRO C 62 26.92 35.76 -56.10
C PRO C 62 27.28 36.39 -54.76
N ARG C 63 28.58 36.41 -54.45
CA ARG C 63 29.07 36.91 -53.18
C ARG C 63 28.66 38.34 -52.87
N ASP C 64 28.73 39.23 -53.85
CA ASP C 64 28.43 40.64 -53.61
C ASP C 64 26.96 41.00 -53.78
N MET C 65 26.14 40.05 -54.21
CA MET C 65 24.73 40.32 -54.40
C MET C 65 24.09 40.63 -53.05
N THR C 66 23.19 41.61 -53.01
CA THR C 66 22.51 41.93 -51.76
C THR C 66 21.21 41.15 -51.61
N ILE C 67 20.77 41.04 -50.36
CA ILE C 67 19.48 40.44 -50.05
C ILE C 67 18.38 41.05 -50.94
N ALA C 68 18.36 42.38 -51.06
CA ALA C 68 17.41 43.06 -51.94
C ALA C 68 17.47 42.60 -53.39
N GLU C 69 18.66 42.46 -53.93
CA GLU C 69 18.80 42.09 -55.34
C GLU C 69 18.48 40.62 -55.58
N SER C 70 18.54 39.82 -54.52
CA SER C 70 18.46 38.37 -54.63
C SER C 70 17.09 37.82 -54.98
N GLY C 71 16.04 38.57 -54.69
CA GLY C 71 14.68 38.07 -54.87
C GLY C 71 14.17 37.28 -53.67
N LEU C 72 15.03 37.01 -52.69
CA LEU C 72 14.58 36.29 -51.48
C LEU C 72 13.41 37.02 -50.82
N ASN C 73 12.47 36.25 -50.24
CA ASN C 73 11.39 36.86 -49.47
C ASN C 73 11.65 36.64 -48.01
N PRO C 74 11.11 37.54 -47.16
CA PRO C 74 11.32 37.39 -45.72
C PRO C 74 10.85 36.02 -45.23
N THR C 75 11.65 35.43 -44.34
CA THR C 75 11.39 34.14 -43.71
C THR C 75 11.59 32.94 -44.64
N GLU C 76 12.11 33.16 -45.84
CA GLU C 76 12.52 32.03 -46.68
C GLU C 76 13.76 31.35 -46.07
N VAL C 77 13.98 30.08 -46.42
CA VAL C 77 15.13 29.34 -45.87
C VAL C 77 16.34 29.42 -46.81
N ILE C 78 17.51 29.70 -46.26
CA ILE C 78 18.77 29.65 -47.00
C ILE C 78 19.74 28.68 -46.35
N ASP C 79 20.69 28.17 -47.12
CA ASP C 79 21.84 27.46 -46.58
C ASP C 79 23.09 28.32 -46.69
N VAL C 80 24.00 28.16 -45.74
CA VAL C 80 25.31 28.77 -45.84
C VAL C 80 26.29 27.59 -45.94
N VAL C 81 27.02 27.53 -47.05
CA VAL C 81 27.89 26.39 -47.32
C VAL C 81 29.26 26.86 -47.78
N PHE C 82 30.21 25.93 -47.84
CA PHE C 82 31.56 26.27 -48.29
C PHE C 82 31.76 25.87 -49.74
N GLU C 83 32.45 26.72 -50.50
CA GLU C 83 32.69 26.43 -51.90
C GLU C 83 33.94 25.57 -52.06
N SER D 2 13.76 -1.62 -43.12
CA SER D 2 15.05 -2.27 -42.92
C SER D 2 14.85 -3.74 -42.55
N THR D 3 15.95 -4.49 -42.53
CA THR D 3 15.86 -5.90 -42.17
C THR D 3 15.46 -6.05 -40.70
N LEU D 4 16.14 -5.32 -39.81
CA LEU D 4 15.85 -5.41 -38.38
C LEU D 4 14.37 -5.09 -38.14
N ALA D 5 13.88 -4.03 -38.79
CA ALA D 5 12.51 -3.61 -38.55
C ALA D 5 11.50 -4.64 -39.08
N ASP D 6 11.76 -5.21 -40.25
CA ASP D 6 10.80 -6.17 -40.79
C ASP D 6 10.78 -7.38 -39.87
N GLN D 7 11.96 -7.78 -39.40
CA GLN D 7 12.03 -8.92 -38.50
C GLN D 7 11.25 -8.64 -37.21
N ALA D 8 11.34 -7.41 -36.71
CA ALA D 8 10.64 -7.05 -35.49
C ALA D 8 9.11 -7.02 -35.68
N LEU D 9 8.68 -6.54 -36.83
CA LEU D 9 7.26 -6.48 -37.16
C LEU D 9 6.70 -7.87 -37.36
N HIS D 10 7.48 -8.73 -38.02
CA HIS D 10 6.98 -10.05 -38.35
C HIS D 10 7.13 -11.03 -37.18
N ASN D 11 6.34 -10.79 -36.14
CA ASN D 11 6.28 -11.69 -35.00
C ASN D 11 4.84 -12.02 -34.78
N ASN D 12 4.59 -13.12 -34.07
CA ASN D 12 3.26 -13.46 -33.59
C ASN D 12 3.20 -13.61 -32.06
N ASN D 13 3.99 -12.81 -31.35
CA ASN D 13 4.08 -12.92 -29.90
C ASN D 13 2.85 -12.29 -29.23
N VAL D 14 2.18 -13.02 -28.35
CA VAL D 14 1.04 -12.45 -27.62
C VAL D 14 1.22 -12.76 -26.15
N GLY D 15 0.59 -11.97 -25.29
CA GLY D 15 0.67 -12.28 -23.87
C GLY D 15 0.74 -11.03 -23.01
N PRO D 16 0.67 -11.22 -21.69
CA PRO D 16 0.55 -10.07 -20.79
C PRO D 16 1.89 -9.40 -20.48
N ILE D 17 1.85 -8.09 -20.24
CA ILE D 17 2.97 -7.36 -19.65
C ILE D 17 2.55 -7.05 -18.20
N ILE D 18 3.23 -7.67 -17.25
CA ILE D 18 2.82 -7.57 -15.85
C ILE D 18 3.76 -6.60 -15.15
N ARG D 19 3.21 -5.63 -14.43
CA ARG D 19 4.04 -4.68 -13.70
C ARG D 19 4.67 -5.35 -12.47
N ALA D 20 5.78 -4.79 -12.02
CA ALA D 20 6.48 -5.33 -10.85
C ALA D 20 5.55 -5.48 -9.65
N GLY D 21 5.58 -6.63 -9.00
CA GLY D 21 4.72 -6.85 -7.85
C GLY D 21 4.40 -8.33 -7.69
N ASP D 22 3.37 -8.63 -6.91
CA ASP D 22 3.09 -10.02 -6.49
C ASP D 22 2.46 -10.89 -7.58
N LEU D 23 2.18 -10.31 -8.74
CA LEU D 23 1.59 -11.12 -9.82
C LEU D 23 2.60 -11.62 -10.86
N VAL D 24 3.82 -11.10 -10.83
CA VAL D 24 4.81 -11.51 -11.85
C VAL D 24 5.09 -13.04 -11.85
N GLU D 25 5.56 -13.57 -10.74
CA GLU D 25 5.89 -14.98 -10.73
C GLU D 25 4.68 -15.88 -10.96
N PRO D 26 3.54 -15.58 -10.30
CA PRO D 26 2.34 -16.42 -10.55
C PRO D 26 1.88 -16.39 -12.00
N VAL D 27 2.00 -15.26 -12.69
CA VAL D 27 1.55 -15.20 -14.06
C VAL D 27 2.51 -15.97 -14.97
N ILE D 28 3.79 -15.87 -14.72
CA ILE D 28 4.73 -16.66 -15.50
C ILE D 28 4.43 -18.15 -15.32
N GLU D 29 4.26 -18.57 -14.08
CA GLU D 29 3.95 -19.98 -13.82
C GLU D 29 2.64 -20.41 -14.49
N THR D 30 1.64 -19.55 -14.41
CA THR D 30 0.35 -19.83 -15.01
C THR D 30 0.47 -19.94 -16.53
N ALA D 31 1.25 -19.05 -17.16
CA ALA D 31 1.42 -19.14 -18.60
C ALA D 31 2.03 -20.51 -18.99
N GLU D 32 3.00 -20.99 -18.22
CA GLU D 32 3.66 -22.27 -18.53
C GLU D 32 2.68 -23.43 -18.36
N ILE D 33 1.93 -23.41 -17.28
CA ILE D 33 1.01 -24.49 -16.95
C ILE D 33 -0.17 -24.57 -17.92
N ASP D 34 -0.72 -23.41 -18.27
CA ASP D 34 -1.97 -23.34 -19.03
C ASP D 34 -1.75 -23.34 -20.53
N ASN D 35 -0.49 -23.36 -20.96
CA ASN D 35 -0.16 -23.46 -22.38
C ASN D 35 0.90 -24.53 -22.60
N PRO D 36 0.56 -25.80 -22.30
CA PRO D 36 1.55 -26.88 -22.35
C PRO D 36 1.94 -27.07 -23.79
N GLY D 37 3.19 -27.40 -24.04
CA GLY D 37 3.61 -27.40 -25.44
C GLY D 37 3.62 -26.08 -26.23
N LYS D 38 3.42 -24.93 -25.56
CA LYS D 38 3.93 -23.66 -26.10
C LYS D 38 5.18 -23.37 -25.28
N GLU D 39 6.20 -22.83 -25.93
CA GLU D 39 7.30 -22.23 -25.18
C GLU D 39 6.91 -20.81 -24.71
N ILE D 40 7.04 -20.54 -23.41
CA ILE D 40 6.75 -19.20 -22.90
C ILE D 40 8.05 -18.40 -22.83
N THR D 41 8.09 -17.20 -23.39
CA THR D 41 9.29 -16.41 -23.28
C THR D 41 9.04 -15.31 -22.28
N VAL D 42 10.09 -14.91 -21.56
CA VAL D 42 9.94 -13.88 -20.54
C VAL D 42 11.08 -12.88 -20.68
N GLU D 43 10.73 -11.61 -20.83
CA GLU D 43 11.73 -10.54 -20.86
C GLU D 43 11.55 -9.69 -19.63
N ASP D 44 12.54 -9.70 -18.75
CA ASP D 44 12.48 -8.99 -17.46
C ASP D 44 13.05 -7.57 -17.55
N ARG D 45 12.19 -6.57 -17.44
CA ARG D 45 12.67 -5.19 -17.48
C ARG D 45 12.55 -4.52 -16.11
N ARG D 46 12.48 -5.37 -15.07
CA ARG D 46 12.49 -4.95 -13.66
C ARG D 46 11.18 -4.28 -13.22
N ALA D 47 10.80 -3.20 -13.89
CA ALA D 47 9.54 -2.53 -13.58
C ALA D 47 8.38 -3.29 -14.19
N TYR D 48 8.67 -4.10 -15.19
CA TYR D 48 7.62 -4.92 -15.83
C TYR D 48 8.28 -6.15 -16.45
N VAL D 49 7.48 -7.18 -16.70
CA VAL D 49 7.96 -8.37 -17.37
C VAL D 49 7.05 -8.63 -18.56
N ARG D 50 7.68 -8.84 -19.71
CA ARG D 50 6.96 -9.15 -20.96
C ARG D 50 6.91 -10.67 -21.14
N ILE D 51 5.72 -11.23 -21.06
CA ILE D 51 5.50 -12.67 -21.13
C ILE D 51 4.77 -13.04 -22.41
N ALA D 52 5.32 -13.97 -23.20
CA ALA D 52 4.72 -14.25 -24.49
C ALA D 52 4.80 -15.70 -24.94
N ALA D 53 3.90 -16.02 -25.87
CA ALA D 53 3.95 -17.28 -26.59
C ALA D 53 3.52 -16.95 -28.00
N GLU D 54 3.76 -17.89 -28.90
CA GLU D 54 3.41 -17.75 -30.29
C GLU D 54 1.91 -17.93 -30.51
N GLY D 55 1.26 -16.88 -31.00
CA GLY D 55 -0.09 -17.01 -31.56
C GLY D 55 -1.24 -16.93 -30.59
N GLU D 56 -1.11 -17.61 -29.46
CA GLU D 56 -2.14 -17.62 -28.44
C GLU D 56 -1.48 -17.88 -27.10
N LEU D 57 -1.97 -17.21 -26.06
CA LEU D 57 -1.53 -17.50 -24.69
C LEU D 57 -2.73 -17.34 -23.77
N ILE D 58 -3.02 -18.40 -23.00
CA ILE D 58 -4.18 -18.38 -22.10
C ILE D 58 -3.69 -18.27 -20.66
N LEU D 59 -4.38 -17.45 -19.88
CA LEU D 59 -4.26 -17.48 -18.40
C LEU D 59 -5.63 -17.84 -17.83
N THR D 60 -5.74 -18.99 -17.15
CA THR D 60 -7.03 -19.32 -16.53
C THR D 60 -7.08 -18.81 -15.09
N ARG D 61 -8.27 -18.43 -14.64
CA ARG D 61 -8.46 -17.96 -13.28
C ARG D 61 -8.04 -19.02 -12.26
N LYS D 62 -8.43 -20.25 -12.51
CA LYS D 62 -8.16 -21.32 -11.55
C LYS D 62 -6.65 -21.56 -11.37
N THR D 63 -5.92 -21.67 -12.47
CA THR D 63 -4.47 -21.83 -12.35
C THR D 63 -3.83 -20.61 -11.66
N LEU D 64 -4.24 -19.42 -12.06
CA LEU D 64 -3.64 -18.22 -11.48
C LEU D 64 -3.91 -18.20 -9.95
N GLU D 65 -5.11 -18.56 -9.53
CA GLU D 65 -5.41 -18.64 -8.10
C GLU D 65 -4.50 -19.64 -7.41
N GLU D 66 -4.30 -20.81 -8.05
CA GLU D 66 -3.44 -21.80 -7.44
C GLU D 66 -1.99 -21.31 -7.31
N GLN D 67 -1.47 -20.60 -8.33
CA GLN D 67 -0.07 -20.17 -8.30
C GLN D 67 0.09 -18.93 -7.43
N LEU D 68 -0.96 -18.15 -7.33
CA LEU D 68 -0.90 -16.95 -6.50
C LEU D 68 -0.99 -17.31 -5.02
N GLY D 69 -1.74 -18.37 -4.73
CA GLY D 69 -1.96 -18.87 -3.36
C GLY D 69 -2.98 -18.17 -2.46
N ARG D 70 -3.88 -17.40 -3.08
CA ARG D 70 -4.95 -16.73 -2.37
C ARG D 70 -6.15 -16.58 -3.33
N PRO D 71 -7.36 -16.38 -2.79
CA PRO D 71 -8.54 -16.28 -3.66
C PRO D 71 -8.34 -15.19 -4.69
N PHE D 72 -8.74 -15.46 -5.93
CA PHE D 72 -8.45 -14.55 -7.03
C PHE D 72 -9.60 -14.56 -8.06
N ASN D 73 -10.18 -13.40 -8.34
CA ASN D 73 -11.14 -13.23 -9.44
C ASN D 73 -10.44 -12.69 -10.68
N MET D 74 -10.87 -13.12 -11.87
CA MET D 74 -10.14 -12.78 -13.07
C MET D 74 -10.03 -11.27 -13.28
N GLN D 75 -11.09 -10.54 -12.92
CA GLN D 75 -11.11 -9.08 -13.10
C GLN D 75 -9.98 -8.35 -12.33
N GLU D 76 -9.53 -8.94 -11.23
CA GLU D 76 -8.46 -8.33 -10.45
C GLU D 76 -7.13 -8.27 -11.19
N LEU D 77 -6.99 -9.03 -12.26
CA LEU D 77 -5.73 -8.98 -13.00
C LEU D 77 -5.44 -7.54 -13.47
N GLU D 78 -6.49 -6.76 -13.67
CA GLU D 78 -6.33 -5.38 -14.06
C GLU D 78 -5.40 -4.59 -13.13
N ILE D 79 -5.29 -4.97 -11.86
CA ILE D 79 -4.42 -4.21 -10.95
C ILE D 79 -2.97 -4.30 -11.41
N ASN D 80 -2.64 -5.38 -12.10
CA ASN D 80 -1.23 -5.60 -12.47
C ASN D 80 -0.94 -5.78 -13.96
N LEU D 81 -1.96 -5.73 -14.78
CA LEU D 81 -1.80 -5.92 -16.22
C LEU D 81 -1.50 -4.58 -16.88
N ALA D 82 -0.21 -4.25 -17.00
CA ALA D 82 0.16 -2.90 -17.44
C ALA D 82 0.02 -2.73 -18.94
N SER D 83 0.16 -3.82 -19.68
CA SER D 83 -0.10 -3.82 -21.12
C SER D 83 -0.25 -5.27 -21.56
N PHE D 84 -0.43 -5.47 -22.86
CA PHE D 84 -0.45 -6.83 -23.41
C PHE D 84 -0.25 -6.76 -24.91
N ALA D 85 0.25 -7.85 -25.45
CA ALA D 85 0.40 -8.01 -26.89
C ALA D 85 -0.66 -9.00 -27.35
N GLY D 86 -1.19 -8.81 -28.56
CA GLY D 86 -2.33 -9.59 -29.01
C GLY D 86 -3.66 -8.93 -28.71
N GLN D 87 -4.71 -9.40 -29.38
CA GLN D 87 -6.08 -9.05 -29.02
C GLN D 87 -6.43 -9.82 -27.75
N ILE D 88 -7.41 -9.33 -27.00
CA ILE D 88 -7.76 -9.93 -25.73
C ILE D 88 -9.20 -10.46 -25.80
N GLN D 89 -9.39 -11.69 -25.36
CA GLN D 89 -10.71 -12.27 -25.22
C GLN D 89 -10.81 -12.74 -23.77
N ALA D 90 -11.60 -12.02 -22.99
CA ALA D 90 -11.62 -12.19 -21.54
C ALA D 90 -12.99 -12.64 -21.06
N ASP D 91 -13.02 -13.46 -20.01
CA ASP D 91 -14.27 -13.85 -19.40
C ASP D 91 -13.98 -14.26 -17.95
N GLU D 92 -14.99 -14.72 -17.22
CA GLU D 92 -14.78 -14.94 -15.79
C GLU D 92 -13.87 -16.12 -15.53
N ASP D 93 -13.69 -16.98 -16.52
CA ASP D 93 -12.84 -18.16 -16.32
C ASP D 93 -11.39 -18.00 -16.78
N GLN D 94 -11.12 -17.08 -17.71
CA GLN D 94 -9.76 -16.97 -18.24
C GLN D 94 -9.61 -15.74 -19.09
N ILE D 95 -8.36 -15.42 -19.43
CA ILE D 95 -8.09 -14.44 -20.49
C ILE D 95 -7.27 -15.12 -21.58
N ARG D 96 -7.63 -14.88 -22.83
CA ARG D 96 -6.87 -15.41 -23.96
C ARG D 96 -6.30 -14.23 -24.74
N PHE D 97 -4.98 -14.18 -24.93
CA PHE D 97 -4.34 -13.19 -25.78
C PHE D 97 -4.08 -13.89 -27.10
N TYR D 98 -4.40 -13.26 -28.24
CA TYR D 98 -4.34 -14.00 -29.50
C TYR D 98 -4.23 -13.07 -30.71
N PHE D 99 -3.79 -13.62 -31.83
CA PHE D 99 -3.79 -12.89 -33.09
C PHE D 99 -4.71 -13.56 -34.08
N ASP D 100 -5.33 -12.76 -34.94
CA ASP D 100 -6.12 -13.30 -36.05
C ASP D 100 -5.21 -13.70 -37.21
N LYS D 101 -4.18 -12.91 -37.44
CA LYS D 101 -3.31 -13.16 -38.59
C LYS D 101 -2.02 -13.88 -38.20
N THR D 102 -1.33 -14.47 -39.18
CA THR D 102 0.00 -15.03 -38.94
C THR D 102 1.04 -14.32 -39.80
N MET D 103 2.01 -13.68 -39.15
N MET D 103 2.00 -13.68 -39.14
CA MET D 103 3.06 -12.94 -39.86
CA MET D 103 3.12 -13.05 -39.82
C MET D 103 4.38 -13.71 -39.87
C MET D 103 4.41 -13.74 -39.41
N ALA E 2 -28.61 7.88 10.77
CA ALA E 2 -27.50 8.48 11.51
C ALA E 2 -26.83 7.39 12.33
N MET E 3 -25.59 7.64 12.76
CA MET E 3 -24.85 6.68 13.59
C MET E 3 -24.59 7.30 14.94
N HIS E 4 -24.61 6.48 15.98
CA HIS E 4 -24.35 6.98 17.33
C HIS E 4 -22.88 6.79 17.71
N PRO E 5 -22.28 7.84 18.30
CA PRO E 5 -20.83 7.82 18.54
C PRO E 5 -20.46 6.80 19.61
N ARG E 6 -19.28 6.22 19.47
CA ARG E 6 -18.84 5.15 20.36
C ARG E 6 -18.96 5.50 21.85
N LYS E 7 -18.69 6.74 22.21
CA LYS E 7 -18.74 7.13 23.63
C LYS E 7 -20.10 6.81 24.24
N ASP E 8 -21.14 6.80 23.41
CA ASP E 8 -22.49 6.66 23.93
C ASP E 8 -22.88 5.19 24.18
N TRP E 9 -22.21 4.26 23.51
CA TRP E 9 -22.53 2.84 23.70
C TRP E 9 -21.34 2.00 24.17
N TYR E 10 -20.18 2.62 24.37
CA TYR E 10 -19.01 1.81 24.73
C TYR E 10 -19.20 1.02 26.04
N GLU E 11 -19.82 1.65 27.04
CA GLU E 11 -19.93 0.96 28.32
C GLU E 11 -20.69 -0.35 28.20
N LEU E 12 -21.69 -0.39 27.32
CA LEU E 12 -22.45 -1.62 27.14
C LEU E 12 -21.59 -2.73 26.57
N THR E 13 -20.56 -2.39 25.78
CA THR E 13 -19.73 -3.47 25.22
C THR E 13 -18.91 -4.18 26.31
N ARG E 14 -18.64 -3.49 27.42
CA ARG E 14 -17.85 -4.11 28.50
C ARG E 14 -18.65 -4.29 29.79
N ALA E 15 -19.96 -4.20 29.71
CA ALA E 15 -20.85 -4.55 30.81
C ALA E 15 -21.12 -6.05 30.72
N THR E 16 -20.12 -6.85 31.06
CA THR E 16 -20.25 -8.29 30.90
C THR E 16 -19.90 -9.12 32.12
N ASN E 17 -19.50 -8.50 33.22
CA ASN E 17 -19.32 -9.25 34.46
C ASN E 17 -20.69 -9.61 35.06
N TRP E 18 -20.76 -10.76 35.71
CA TRP E 18 -21.98 -11.15 36.39
C TRP E 18 -21.59 -12.04 37.54
N THR E 19 -22.53 -12.26 38.46
CA THR E 19 -22.26 -13.01 39.68
C THR E 19 -22.64 -14.46 39.46
N PRO E 20 -21.63 -15.33 39.43
CA PRO E 20 -21.93 -16.73 39.13
C PRO E 20 -22.75 -17.42 40.25
N SER E 21 -23.59 -18.34 39.85
CA SER E 21 -24.52 -19.00 40.76
C SER E 21 -24.50 -20.51 40.65
N TYR E 22 -24.06 -21.02 39.50
CA TYR E 22 -24.13 -22.46 39.20
C TYR E 22 -22.75 -23.10 39.36
N VAL E 23 -21.72 -22.25 39.36
CA VAL E 23 -20.35 -22.59 39.76
C VAL E 23 -19.90 -21.44 40.64
N THR E 24 -18.83 -21.61 41.40
CA THR E 24 -18.33 -20.51 42.21
C THR E 24 -17.49 -19.54 41.40
N GLU E 25 -17.30 -18.34 41.93
CA GLU E 25 -16.47 -17.32 41.27
C GLU E 25 -15.07 -17.87 41.06
N GLU E 26 -14.56 -18.57 42.07
CA GLU E 26 -13.22 -19.14 42.01
C GLU E 26 -13.16 -20.32 41.04
N GLN E 27 -14.27 -21.04 40.82
CA GLN E 27 -14.25 -22.10 39.80
C GLN E 27 -14.19 -21.48 38.40
N LEU E 28 -14.93 -20.39 38.21
CA LEU E 28 -14.98 -19.70 36.92
C LEU E 28 -13.67 -18.95 36.61
N PHE E 29 -13.04 -18.43 37.65
CA PHE E 29 -11.78 -17.66 37.53
C PHE E 29 -10.69 -18.20 38.46
N PRO E 30 -10.22 -19.43 38.19
CA PRO E 30 -9.26 -20.04 39.12
C PRO E 30 -7.99 -19.20 39.22
N GLU E 31 -7.50 -18.99 40.43
CA GLU E 31 -6.35 -18.10 40.63
C GLU E 31 -5.13 -18.46 39.76
N ARG E 32 -4.87 -19.75 39.59
CA ARG E 32 -3.69 -20.16 38.82
C ARG E 32 -3.77 -19.75 37.36
N MET E 33 -4.98 -19.52 36.86
CA MET E 33 -5.12 -19.04 35.47
C MET E 33 -5.47 -17.54 35.40
N SER E 34 -6.11 -17.02 36.44
CA SER E 34 -6.66 -15.65 36.45
C SER E 34 -5.69 -14.64 37.14
N GLY E 35 -5.18 -15.02 38.30
CA GLY E 35 -4.15 -14.21 38.95
C GLY E 35 -4.76 -12.99 39.63
N HIS E 36 -6.03 -13.07 40.01
CA HIS E 36 -6.74 -11.95 40.65
C HIS E 36 -6.29 -11.58 42.06
N MET E 37 -5.45 -12.42 42.67
CA MET E 37 -4.89 -12.16 44.00
C MET E 37 -5.95 -11.96 45.07
N GLY E 38 -7.11 -12.54 44.86
CA GLY E 38 -8.20 -12.46 45.82
C GLY E 38 -8.99 -11.18 45.72
N ILE E 39 -8.70 -10.34 44.73
CA ILE E 39 -9.44 -9.10 44.56
C ILE E 39 -10.81 -9.47 43.98
N PRO E 40 -11.89 -9.08 44.67
CA PRO E 40 -13.25 -9.49 44.30
C PRO E 40 -13.68 -8.96 42.93
N LEU E 41 -14.54 -9.74 42.29
N LEU E 41 -14.53 -9.73 42.25
CA LEU E 41 -15.12 -9.42 40.99
CA LEU E 41 -15.05 -9.37 40.93
C LEU E 41 -15.47 -7.95 40.82
C LEU E 41 -15.45 -7.90 40.81
N GLU E 42 -16.19 -7.40 41.80
CA GLU E 42 -16.68 -6.02 41.72
C GLU E 42 -15.57 -4.98 41.57
N LYS E 43 -14.41 -5.23 42.16
CA LYS E 43 -13.34 -4.25 42.08
C LYS E 43 -12.75 -4.16 40.67
N TRP E 44 -12.83 -5.25 39.91
CA TRP E 44 -12.25 -5.27 38.58
C TRP E 44 -13.03 -4.44 37.56
N GLU E 45 -14.25 -4.08 37.92
CA GLU E 45 -15.10 -3.36 36.98
C GLU E 45 -14.65 -1.91 36.82
N SER E 46 -13.72 -1.48 37.67
CA SER E 46 -13.21 -0.12 37.54
C SER E 46 -12.06 -0.03 36.51
N TYR E 47 -11.60 -1.18 36.02
CA TYR E 47 -10.58 -1.23 34.97
C TYR E 47 -11.01 -0.42 33.73
N ASP E 48 -10.18 0.51 33.30
CA ASP E 48 -10.58 1.36 32.16
C ASP E 48 -9.46 1.48 31.14
N GLU E 49 -9.47 0.61 30.13
CA GLU E 49 -8.49 0.64 29.07
C GLU E 49 -8.41 2.04 28.42
N PRO E 50 -7.19 2.63 28.36
CA PRO E 50 -7.14 4.02 27.85
C PRO E 50 -7.06 4.16 26.32
N TYR E 51 -6.87 3.03 25.64
CA TYR E 51 -6.74 3.03 24.21
C TYR E 51 -7.78 2.05 23.70
N LYS E 52 -8.98 2.56 23.48
CA LYS E 52 -10.11 1.73 23.09
C LYS E 52 -10.25 1.57 21.58
N THR E 53 -10.97 0.52 21.17
CA THR E 53 -11.45 0.42 19.80
C THR E 53 -12.72 -0.43 19.84
N SER E 54 -13.37 -0.62 18.69
CA SER E 54 -14.57 -1.44 18.61
C SER E 54 -14.45 -2.29 17.37
N TYR E 55 -15.20 -3.37 17.32
CA TYR E 55 -15.06 -4.32 16.22
C TYR E 55 -15.15 -3.69 14.80
N PRO E 56 -16.19 -2.88 14.50
CA PRO E 56 -16.25 -2.35 13.12
C PRO E 56 -15.02 -1.49 12.78
N GLU E 57 -14.53 -0.73 13.76
CA GLU E 57 -13.35 0.11 13.50
C GLU E 57 -12.10 -0.73 13.33
N TYR E 58 -11.97 -1.75 14.17
CA TYR E 58 -10.79 -2.61 14.15
C TYR E 58 -10.67 -3.29 12.77
N VAL E 59 -11.73 -3.91 12.28
CA VAL E 59 -11.59 -4.64 11.01
C VAL E 59 -11.25 -3.68 9.86
N SER E 60 -11.82 -2.48 9.91
CA SER E 60 -11.58 -1.48 8.87
C SER E 60 -10.14 -0.97 8.91
N ILE E 61 -9.71 -0.54 10.10
CA ILE E 61 -8.36 -0.01 10.25
C ILE E 61 -7.29 -1.08 9.99
N GLN E 62 -7.52 -2.31 10.46
CA GLN E 62 -6.49 -3.34 10.25
C GLN E 62 -6.43 -3.79 8.81
N ARG E 63 -7.57 -3.75 8.13
CA ARG E 63 -7.57 -3.99 6.68
C ARG E 63 -6.62 -2.99 6.00
N GLU E 64 -6.74 -1.73 6.37
CA GLU E 64 -5.88 -0.68 5.79
C GLU E 64 -4.40 -0.90 6.13
N LYS E 65 -4.11 -1.27 7.37
CA LYS E 65 -2.72 -1.40 7.75
C LYS E 65 -2.08 -2.50 6.91
N ASP E 66 -2.77 -3.62 6.78
CA ASP E 66 -2.19 -4.73 6.00
C ASP E 66 -2.08 -4.38 4.53
N ALA E 67 -3.08 -3.68 3.98
CA ALA E 67 -3.00 -3.32 2.57
C ALA E 67 -1.70 -2.55 2.28
N GLY E 68 -1.36 -1.61 3.15
CA GLY E 68 -0.13 -0.87 3.00
C GLY E 68 1.12 -1.75 3.15
N ALA E 69 1.16 -2.58 4.19
CA ALA E 69 2.35 -3.41 4.43
C ALA E 69 2.61 -4.31 3.24
N TYR E 70 1.56 -4.92 2.71
CA TYR E 70 1.74 -5.85 1.59
C TYR E 70 2.05 -5.15 0.24
N SER E 71 1.45 -3.99 0.02
N SER E 71 1.46 -3.99 0.00
CA SER E 71 1.71 -3.26 -1.22
CA SER E 71 1.71 -3.32 -1.27
C SER E 71 3.18 -2.85 -1.28
C SER E 71 3.13 -2.71 -1.31
N VAL E 72 3.69 -2.40 -0.15
CA VAL E 72 5.07 -1.95 -0.09
C VAL E 72 5.99 -3.13 -0.39
N LYS E 73 5.75 -4.27 0.26
CA LYS E 73 6.53 -5.47 -0.04
C LYS E 73 6.48 -5.77 -1.54
N ALA E 74 5.28 -5.74 -2.13
CA ALA E 74 5.16 -6.08 -3.54
C ALA E 74 5.93 -5.13 -4.45
N ALA E 75 5.90 -3.83 -4.12
CA ALA E 75 6.46 -2.82 -5.02
C ALA E 75 7.98 -2.85 -4.96
N LEU E 76 8.52 -3.44 -3.91
CA LEU E 76 9.97 -3.48 -3.74
C LEU E 76 10.61 -4.86 -3.93
N GLU E 77 9.88 -5.84 -4.43
CA GLU E 77 10.49 -7.16 -4.56
C GLU E 77 11.76 -7.14 -5.38
N ARG E 78 11.89 -6.18 -6.32
CA ARG E 78 13.06 -6.14 -7.21
C ARG E 78 14.16 -5.17 -6.79
N ALA E 79 14.06 -4.66 -5.56
CA ALA E 79 15.07 -3.73 -5.05
C ALA E 79 16.43 -4.40 -4.76
N LYS E 80 16.48 -5.72 -4.89
CA LYS E 80 17.69 -6.54 -4.68
C LYS E 80 18.26 -6.47 -3.27
N ILE E 81 17.39 -6.38 -2.28
CA ILE E 81 17.90 -6.34 -0.91
C ILE E 81 18.76 -7.58 -0.59
N TYR E 82 18.26 -8.78 -0.90
CA TYR E 82 19.03 -9.97 -0.56
C TYR E 82 20.40 -9.97 -1.26
N GLU E 83 20.42 -9.49 -2.50
CA GLU E 83 21.61 -9.57 -3.34
C GLU E 83 22.61 -8.45 -3.04
N ASN E 84 22.08 -7.26 -2.76
CA ASN E 84 22.94 -6.09 -2.63
C ASN E 84 23.20 -5.68 -1.19
N SER E 85 22.40 -6.14 -0.25
CA SER E 85 22.60 -5.78 1.15
C SER E 85 23.90 -6.34 1.67
N ASP E 86 24.47 -5.65 2.65
CA ASP E 86 25.58 -6.19 3.41
C ASP E 86 25.13 -7.50 4.08
N PRO E 87 26.00 -8.50 4.12
CA PRO E 87 25.61 -9.79 4.71
C PRO E 87 25.23 -9.66 6.18
N GLY E 88 25.81 -8.68 6.87
CA GLY E 88 25.43 -8.38 8.24
C GLY E 88 23.97 -7.98 8.37
N TRP E 89 23.48 -7.22 7.39
CA TRP E 89 22.06 -6.85 7.37
C TRP E 89 21.20 -8.10 7.10
N ILE E 90 21.61 -8.92 6.13
CA ILE E 90 20.87 -10.16 5.88
C ILE E 90 20.80 -11.03 7.15
N SER E 91 21.90 -11.13 7.90
CA SER E 91 21.87 -11.94 9.12
C SER E 91 20.95 -11.33 10.16
N THR E 92 20.84 -10.01 10.13
CA THR E 92 19.91 -9.32 11.03
C THR E 92 18.48 -9.74 10.73
N LEU E 93 18.13 -9.80 9.45
CA LEU E 93 16.80 -10.30 9.07
C LEU E 93 16.59 -11.75 9.53
N LYS E 94 17.61 -12.59 9.30
CA LYS E 94 17.50 -14.00 9.65
C LYS E 94 17.28 -14.17 11.17
N SER E 95 18.04 -13.42 11.94
N SER E 95 18.02 -13.43 11.99
CA SER E 95 17.93 -13.48 13.40
CA SER E 95 17.88 -13.56 13.44
C SER E 95 16.54 -13.01 13.83
C SER E 95 16.57 -12.93 13.96
N HIS E 96 16.16 -11.81 13.38
CA HIS E 96 14.85 -11.27 13.70
C HIS E 96 13.73 -12.26 13.42
N TYR E 97 13.62 -12.73 12.18
CA TYR E 97 12.43 -13.50 11.85
C TYR E 97 12.43 -14.83 12.62
N GLY E 98 13.61 -15.44 12.79
CA GLY E 98 13.71 -16.67 13.56
C GLY E 98 13.33 -16.47 15.01
N ALA E 99 13.82 -15.38 15.61
CA ALA E 99 13.57 -15.11 17.03
C ALA E 99 12.16 -14.60 17.33
N ILE E 100 11.46 -14.13 16.29
CA ILE E 100 10.26 -13.35 16.51
C ILE E 100 8.96 -13.99 15.98
N ALA E 101 8.97 -14.55 14.79
CA ALA E 101 7.69 -14.89 14.17
C ALA E 101 6.82 -15.84 14.98
N VAL E 102 7.37 -16.97 15.40
CA VAL E 102 6.54 -17.99 16.09
C VAL E 102 6.34 -17.57 17.57
N GLY E 103 7.20 -16.69 18.07
CA GLY E 103 6.98 -16.08 19.38
C GLY E 103 5.80 -15.10 19.38
N GLU E 104 5.65 -14.33 18.30
CA GLU E 104 4.45 -13.51 18.14
C GLU E 104 3.23 -14.42 18.15
N TYR E 105 3.30 -15.53 17.42
CA TYR E 105 2.14 -16.43 17.42
C TYR E 105 1.87 -16.94 18.85
N ALA E 106 2.93 -17.24 19.60
CA ALA E 106 2.76 -17.64 21.00
C ALA E 106 2.09 -16.55 21.84
N ALA E 107 2.40 -15.29 21.54
CA ALA E 107 1.72 -14.17 22.22
C ALA E 107 0.19 -14.18 22.09
N VAL E 108 -0.34 -14.79 21.02
CA VAL E 108 -1.79 -14.95 20.93
C VAL E 108 -2.34 -15.64 22.20
N THR E 109 -1.61 -16.63 22.68
CA THR E 109 -1.99 -17.37 23.88
C THR E 109 -1.91 -16.53 25.17
N GLY E 110 -0.91 -15.66 25.28
CA GLY E 110 -0.92 -14.72 26.40
C GLY E 110 -2.19 -13.86 26.37
N GLU E 111 -2.54 -13.37 25.18
CA GLU E 111 -3.75 -12.56 25.04
C GLU E 111 -5.01 -13.40 25.30
N GLY E 112 -5.05 -14.63 24.80
CA GLY E 112 -6.17 -15.54 25.04
C GLY E 112 -6.31 -15.86 26.53
N ARG E 113 -5.19 -15.95 27.23
CA ARG E 113 -5.22 -16.16 28.68
C ARG E 113 -6.01 -15.05 29.37
N MET E 114 -5.78 -13.80 28.95
CA MET E 114 -6.53 -12.66 29.49
C MET E 114 -7.99 -12.64 29.01
N ALA E 115 -8.21 -12.94 27.73
CA ALA E 115 -9.55 -12.91 27.16
C ALA E 115 -10.51 -13.85 27.91
N ARG E 116 -10.00 -14.99 28.36
CA ARG E 116 -10.81 -15.92 29.13
C ARG E 116 -10.80 -15.68 30.66
N PHE E 117 -9.63 -15.38 31.22
CA PHE E 117 -9.47 -15.51 32.67
C PHE E 117 -9.30 -14.19 33.43
N SER E 118 -9.20 -13.07 32.73
CA SER E 118 -9.17 -11.81 33.47
C SER E 118 -10.55 -11.46 34.03
N LYS E 119 -10.60 -11.00 35.29
CA LYS E 119 -11.86 -10.56 35.87
C LYS E 119 -12.31 -9.17 35.39
N ALA E 120 -11.44 -8.45 34.68
CA ALA E 120 -11.77 -7.11 34.17
C ALA E 120 -12.40 -7.18 32.79
N PRO E 121 -13.67 -6.75 32.65
CA PRO E 121 -14.37 -6.90 31.38
C PRO E 121 -13.67 -6.17 30.23
N GLY E 122 -13.17 -4.97 30.50
CA GLY E 122 -12.48 -4.22 29.44
C GLY E 122 -11.22 -4.94 28.98
N ASN E 123 -10.52 -5.58 29.92
CA ASN E 123 -9.31 -6.37 29.62
C ASN E 123 -9.69 -7.54 28.70
N ARG E 124 -10.81 -8.23 29.00
CA ARG E 124 -11.20 -9.39 28.16
C ARG E 124 -11.48 -8.97 26.72
N ASN E 125 -12.11 -7.81 26.52
CA ASN E 125 -12.34 -7.30 25.17
C ASN E 125 -11.06 -6.82 24.49
N MET E 126 -10.25 -5.99 25.17
CA MET E 126 -9.02 -5.50 24.54
C MET E 126 -8.08 -6.67 24.24
N ALA E 127 -8.11 -7.72 25.07
CA ALA E 127 -7.30 -8.93 24.80
C ALA E 127 -7.79 -9.72 23.60
N THR E 128 -9.06 -9.56 23.24
CA THR E 128 -9.59 -10.22 22.05
C THR E 128 -8.98 -9.52 20.81
N PHE E 129 -8.92 -8.19 20.82
CA PHE E 129 -8.19 -7.49 19.77
C PHE E 129 -6.72 -7.84 19.82
N GLY E 130 -6.19 -7.99 21.03
CA GLY E 130 -4.79 -8.42 21.18
C GLY E 130 -4.50 -9.77 20.56
N MET E 131 -5.42 -10.73 20.72
CA MET E 131 -5.25 -12.06 20.13
C MET E 131 -5.15 -11.90 18.61
N MET E 132 -6.05 -11.07 18.08
CA MET E 132 -6.06 -10.82 16.64
C MET E 132 -4.78 -10.14 16.16
N ASP E 133 -4.32 -9.14 16.91
CA ASP E 133 -3.07 -8.44 16.60
C ASP E 133 -1.87 -9.42 16.55
N GLU E 134 -1.77 -10.34 17.50
CA GLU E 134 -0.60 -11.20 17.52
C GLU E 134 -0.70 -12.24 16.40
N LEU E 135 -1.93 -12.61 16.06
CA LEU E 135 -2.14 -13.46 14.90
C LEU E 135 -1.59 -12.77 13.64
N ARG E 136 -1.95 -11.50 13.48
CA ARG E 136 -1.40 -10.66 12.39
C ARG E 136 0.13 -10.69 12.40
N HIS E 137 0.71 -10.41 13.56
CA HIS E 137 2.18 -10.34 13.66
C HIS E 137 2.86 -11.65 13.31
N GLY E 138 2.32 -12.78 13.79
CA GLY E 138 2.89 -14.08 13.47
C GLY E 138 2.81 -14.36 11.98
N GLN E 139 1.66 -14.03 11.39
CA GLN E 139 1.45 -14.33 9.98
C GLN E 139 2.29 -13.44 9.07
N LEU E 140 2.38 -12.15 9.38
CA LEU E 140 3.23 -11.25 8.60
C LEU E 140 4.68 -11.74 8.60
N GLN E 141 5.15 -12.16 9.77
CA GLN E 141 6.57 -12.42 9.95
C GLN E 141 6.95 -13.85 9.58
N LEU E 142 5.96 -14.62 9.13
CA LEU E 142 6.18 -15.85 8.34
C LEU E 142 6.07 -15.55 6.85
N PHE E 143 5.05 -14.79 6.44
CA PHE E 143 4.85 -14.53 5.02
C PHE E 143 6.01 -13.78 4.41
N PHE E 144 6.53 -12.78 5.13
CA PHE E 144 7.59 -11.94 4.57
C PHE E 144 8.90 -12.70 4.32
N PRO E 145 9.42 -13.46 5.32
CA PRO E 145 10.68 -14.17 5.03
C PRO E 145 10.50 -15.39 4.11
N HIS E 146 9.26 -15.82 3.89
CA HIS E 146 9.05 -17.04 3.12
C HIS E 146 9.63 -16.92 1.74
N GLU E 147 9.60 -15.71 1.17
CA GLU E 147 10.13 -15.56 -0.19
C GLU E 147 11.63 -15.87 -0.24
N TYR E 148 12.31 -15.75 0.89
CA TYR E 148 13.77 -16.00 0.90
C TYR E 148 14.18 -17.45 1.15
N CYS E 149 13.21 -18.31 1.49
CA CYS E 149 13.50 -19.73 1.57
C CYS E 149 14.25 -20.22 0.34
N LYS E 150 13.82 -19.79 -0.84
CA LYS E 150 14.43 -20.29 -2.06
C LYS E 150 15.85 -19.77 -2.30
N LYS E 151 16.27 -18.77 -1.52
CA LYS E 151 17.62 -18.21 -1.65
C LYS E 151 18.57 -18.79 -0.62
N ASP E 152 18.05 -19.15 0.55
CA ASP E 152 18.93 -19.38 1.70
C ASP E 152 18.22 -20.21 2.78
N ARG E 153 18.77 -21.37 3.09
CA ARG E 153 18.13 -22.30 4.06
C ARG E 153 18.04 -21.73 5.46
N GLN E 154 18.88 -20.75 5.79
CA GLN E 154 18.76 -20.15 7.12
C GLN E 154 17.43 -19.47 7.32
N PHE E 155 16.78 -19.06 6.23
CA PHE E 155 15.48 -18.41 6.38
C PHE E 155 14.39 -19.44 6.74
N ASP E 156 14.68 -20.74 6.59
CA ASP E 156 13.72 -21.76 7.05
C ASP E 156 13.46 -21.58 8.54
N TRP E 157 14.43 -20.99 9.23
CA TRP E 157 14.39 -20.86 10.69
C TRP E 157 13.38 -19.81 11.16
N ALA E 158 12.84 -19.03 10.21
CA ALA E 158 11.73 -18.13 10.52
C ALA E 158 10.58 -18.97 11.05
N TRP E 159 10.44 -20.18 10.46
CA TRP E 159 9.46 -21.16 10.92
C TRP E 159 10.06 -22.14 11.94
N ARG E 160 11.24 -22.65 11.64
CA ARG E 160 11.82 -23.77 12.40
C ARG E 160 12.31 -23.46 13.82
N ALA E 161 12.76 -22.24 14.09
CA ALA E 161 13.53 -22.02 15.32
C ALA E 161 12.85 -22.50 16.61
N TYR E 162 11.58 -22.16 16.79
CA TYR E 162 10.91 -22.43 18.05
C TYR E 162 10.59 -23.92 18.14
N HIS E 163 10.72 -24.63 17.01
CA HIS E 163 10.55 -26.08 17.03
C HIS E 163 11.86 -26.80 17.33
N SER E 164 12.95 -26.05 17.48
CA SER E 164 14.26 -26.65 17.69
C SER E 164 14.71 -26.57 19.16
N ASN E 165 15.77 -27.31 19.48
CA ASN E 165 16.49 -27.09 20.72
C ASN E 165 17.79 -26.31 20.52
N GLU E 166 17.83 -25.47 19.48
CA GLU E 166 19.02 -24.63 19.26
C GLU E 166 19.14 -23.66 20.45
N TRP E 167 20.35 -23.33 20.89
CA TRP E 167 20.48 -22.64 22.18
C TRP E 167 19.75 -21.28 22.27
N ALA E 168 19.81 -20.48 21.20
CA ALA E 168 19.10 -19.19 21.21
C ALA E 168 17.57 -19.35 21.20
N ALA E 169 17.07 -20.37 20.53
CA ALA E 169 15.64 -20.66 20.54
C ALA E 169 15.18 -21.11 21.94
N ILE E 170 16.04 -21.87 22.65
CA ILE E 170 15.72 -22.23 24.03
C ILE E 170 15.68 -20.99 24.92
N ALA E 171 16.62 -20.07 24.73
CA ALA E 171 16.60 -18.80 25.47
C ALA E 171 15.31 -18.02 25.21
N ALA E 172 14.91 -17.94 23.94
CA ALA E 172 13.70 -17.20 23.58
C ALA E 172 12.52 -17.89 24.20
N LYS E 173 12.47 -19.21 24.07
CA LYS E 173 11.29 -19.94 24.57
C LYS E 173 11.20 -19.89 26.09
N HIS E 174 12.35 -19.99 26.75
CA HIS E 174 12.37 -19.96 28.21
C HIS E 174 11.84 -18.60 28.72
N PHE E 175 12.22 -17.52 28.04
CA PHE E 175 11.69 -16.21 28.40
C PHE E 175 10.20 -16.05 28.07
N PHE E 176 9.82 -16.32 26.82
CA PHE E 176 8.43 -16.08 26.43
C PHE E 176 7.47 -17.09 27.07
N ASP E 177 7.91 -18.32 27.30
CA ASP E 177 7.07 -19.24 28.04
C ASP E 177 6.90 -18.80 29.50
N ASP E 178 7.92 -18.14 30.05
CA ASP E 178 7.81 -17.61 31.41
C ASP E 178 6.85 -16.41 31.49
N ILE E 179 6.96 -15.44 30.58
CA ILE E 179 6.14 -14.21 30.72
C ILE E 179 4.88 -14.18 29.88
N ILE E 180 4.79 -15.05 28.87
CA ILE E 180 3.63 -15.03 27.98
C ILE E 180 2.66 -16.17 28.23
N THR E 181 3.15 -17.40 28.07
CA THR E 181 2.26 -18.55 28.01
C THR E 181 2.21 -19.37 29.29
N GLY E 182 3.08 -19.06 30.25
CA GLY E 182 3.27 -19.90 31.43
C GLY E 182 2.71 -19.35 32.73
N ARG E 183 1.98 -18.23 32.68
CA ARG E 183 1.48 -17.63 33.92
C ARG E 183 0.03 -17.18 33.80
N ASP E 184 -0.53 -16.77 34.94
CA ASP E 184 -1.91 -16.32 35.00
C ASP E 184 -2.13 -15.01 34.23
N ALA E 185 -3.40 -14.70 34.01
CA ALA E 185 -3.82 -13.56 33.19
C ALA E 185 -3.28 -12.22 33.69
N ILE E 186 -3.32 -12.00 35.01
CA ILE E 186 -2.80 -10.74 35.52
C ILE E 186 -1.27 -10.65 35.39
N SER E 187 -0.55 -11.76 35.61
CA SER E 187 0.87 -11.74 35.35
C SER E 187 1.17 -11.40 33.88
N VAL E 188 0.38 -11.97 32.97
CA VAL E 188 0.53 -11.60 31.55
C VAL E 188 0.32 -10.09 31.37
N ALA E 189 -0.74 -9.54 31.96
CA ALA E 189 -1.01 -8.10 31.77
C ALA E 189 0.20 -7.26 32.22
N ILE E 190 0.79 -7.62 33.36
N ILE E 190 0.77 -7.63 33.36
CA ILE E 190 1.90 -6.84 33.91
CA ILE E 190 1.90 -6.89 33.93
C ILE E 190 3.28 -7.17 33.31
C ILE E 190 3.21 -7.17 33.21
N MET E 191 3.58 -8.44 33.11
CA MET E 191 4.87 -8.83 32.57
C MET E 191 4.97 -8.63 31.06
N LEU E 192 3.94 -9.06 30.34
CA LEU E 192 3.95 -8.92 28.89
C LEU E 192 3.51 -7.52 28.46
N THR E 193 2.24 -7.18 28.69
CA THR E 193 1.73 -5.97 28.05
C THR E 193 2.35 -4.69 28.62
N PHE E 194 2.49 -4.61 29.93
CA PHE E 194 3.18 -3.45 30.48
C PHE E 194 4.69 -3.56 30.32
N SER E 195 5.32 -4.54 30.94
CA SER E 195 6.79 -4.54 31.03
C SER E 195 7.50 -4.75 29.70
N PHE E 196 7.29 -5.90 29.09
CA PHE E 196 7.94 -6.21 27.80
C PHE E 196 7.49 -5.28 26.66
N GLU E 197 6.18 -5.05 26.53
CA GLU E 197 5.60 -4.39 25.36
C GLU E 197 5.60 -2.85 25.38
N THR E 198 5.75 -2.21 26.55
CA THR E 198 5.98 -0.76 26.54
C THR E 198 7.43 -0.52 26.89
N GLY E 199 8.11 -1.59 27.27
CA GLY E 199 9.46 -1.47 27.80
C GLY E 199 10.53 -1.73 26.77
N PHE E 200 10.48 -2.89 26.11
CA PHE E 200 11.52 -3.38 25.21
C PHE E 200 11.15 -3.55 23.75
N THR E 201 9.90 -3.90 23.43
CA THR E 201 9.62 -4.15 22.01
C THR E 201 9.83 -2.88 21.18
N ASN E 202 9.69 -1.70 21.78
CA ASN E 202 9.98 -0.48 21.02
C ASN E 202 11.41 -0.50 20.43
N MET E 203 12.37 -0.98 21.21
CA MET E 203 13.74 -1.22 20.73
C MET E 203 13.85 -2.10 19.52
N GLN E 204 13.32 -3.33 19.59
N GLN E 204 13.30 -3.31 19.60
CA GLN E 204 13.51 -4.26 18.48
CA GLN E 204 13.45 -4.29 18.53
C GLN E 204 12.70 -3.85 17.27
C GLN E 204 12.73 -3.80 17.29
N PHE E 205 11.54 -3.25 17.47
CA PHE E 205 10.70 -2.93 16.33
C PHE E 205 10.92 -1.51 15.76
N LEU E 206 11.18 -0.53 16.62
CA LEU E 206 11.37 0.82 16.11
C LEU E 206 12.86 1.21 16.01
N GLY E 207 13.65 0.84 17.00
CA GLY E 207 15.08 1.14 16.93
C GLY E 207 15.69 0.42 15.75
N LEU E 208 15.33 -0.86 15.61
CA LEU E 208 15.78 -1.61 14.46
C LEU E 208 15.24 -1.04 13.14
N ALA E 209 13.98 -0.56 13.15
CA ALA E 209 13.41 0.04 11.94
C ALA E 209 14.23 1.24 11.48
N ALA E 210 14.74 2.00 12.45
CA ALA E 210 15.59 3.14 12.13
C ALA E 210 16.87 2.68 11.40
N ASP E 211 17.54 1.66 11.93
CA ASP E 211 18.70 1.11 11.23
C ASP E 211 18.32 0.54 9.85
N ALA E 212 17.15 -0.09 9.76
CA ALA E 212 16.69 -0.65 8.48
C ALA E 212 16.48 0.43 7.43
N ALA E 213 15.88 1.55 7.82
CA ALA E 213 15.67 2.65 6.91
C ALA E 213 17.01 3.22 6.48
N GLU E 214 17.97 3.31 7.41
CA GLU E 214 19.32 3.75 7.03
C GLU E 214 19.91 2.77 6.01
N ALA E 215 19.65 1.48 6.21
CA ALA E 215 20.19 0.46 5.32
C ALA E 215 19.44 0.38 4.00
N GLY E 216 18.35 1.12 3.88
CA GLY E 216 17.54 1.15 2.66
C GLY E 216 16.64 -0.05 2.49
N ASP E 217 16.28 -0.71 3.59
CA ASP E 217 15.36 -1.85 3.54
C ASP E 217 13.99 -1.38 4.00
N TYR E 218 13.24 -0.72 3.11
CA TYR E 218 11.97 -0.13 3.50
C TYR E 218 10.86 -1.14 3.65
N THR E 219 10.98 -2.28 2.97
CA THR E 219 9.99 -3.33 3.14
C THR E 219 9.96 -3.75 4.62
N PHE E 220 11.14 -3.98 5.17
CA PHE E 220 11.28 -4.39 6.56
C PHE E 220 10.95 -3.25 7.53
N ALA E 221 11.51 -2.06 7.30
CA ALA E 221 11.24 -0.96 8.22
C ALA E 221 9.75 -0.66 8.30
N ASN E 222 9.10 -0.62 7.14
CA ASN E 222 7.68 -0.33 7.08
C ASN E 222 6.84 -1.43 7.78
N LEU E 223 7.21 -2.69 7.56
CA LEU E 223 6.55 -3.82 8.22
C LEU E 223 6.61 -3.70 9.76
N ILE E 224 7.81 -3.57 10.29
CA ILE E 224 7.94 -3.69 11.73
C ILE E 224 7.39 -2.46 12.44
N SER E 225 7.45 -1.30 11.79
CA SER E 225 6.85 -0.13 12.43
C SER E 225 5.31 -0.22 12.38
N SER E 226 4.76 -0.83 11.32
CA SER E 226 3.31 -1.08 11.26
C SER E 226 2.86 -2.03 12.38
N ILE E 227 3.63 -3.09 12.57
CA ILE E 227 3.38 -4.03 13.66
C ILE E 227 3.33 -3.29 15.01
N GLN E 228 4.26 -2.38 15.23
CA GLN E 228 4.35 -1.72 16.53
C GLN E 228 3.14 -0.78 16.77
N THR E 229 2.47 -0.31 15.72
CA THR E 229 1.26 0.48 15.94
C THR E 229 0.18 -0.35 16.66
N ASP E 230 0.14 -1.67 16.44
CA ASP E 230 -0.83 -2.53 17.12
C ASP E 230 -0.42 -2.64 18.57
N GLU E 231 0.88 -2.83 18.79
CA GLU E 231 1.43 -2.98 20.13
C GLU E 231 1.09 -1.77 20.97
N SER E 232 1.26 -0.58 20.38
CA SER E 232 0.97 0.64 21.10
C SER E 232 -0.46 0.65 21.67
N ARG E 233 -1.40 0.00 20.98
CA ARG E 233 -2.76 -0.12 21.48
C ARG E 233 -2.92 -1.25 22.52
N HIS E 234 -2.57 -2.49 22.15
CA HIS E 234 -2.84 -3.58 23.10
C HIS E 234 -1.93 -3.58 24.33
N ALA E 235 -0.78 -2.95 24.25
CA ALA E 235 0.08 -2.85 25.42
C ALA E 235 -0.59 -2.02 26.53
N GLN E 236 -1.55 -1.17 26.14
CA GLN E 236 -2.22 -0.33 27.12
C GLN E 236 -3.21 -1.12 27.98
N GLN E 237 -3.22 -2.44 27.88
CA GLN E 237 -3.95 -3.26 28.86
C GLN E 237 -3.21 -3.37 30.19
N GLY E 238 -1.91 -3.13 30.17
CA GLY E 238 -1.05 -3.33 31.32
C GLY E 238 -1.22 -2.29 32.42
N GLY E 239 -1.13 -1.01 32.04
CA GLY E 239 -1.25 0.10 32.98
C GLY E 239 -2.46 0.08 33.90
N PRO E 240 -3.66 -0.10 33.34
CA PRO E 240 -4.85 -0.12 34.19
C PRO E 240 -4.88 -1.32 35.13
N ALA E 241 -4.27 -2.43 34.74
CA ALA E 241 -4.16 -3.57 35.64
C ALA E 241 -3.22 -3.24 36.80
N LEU E 242 -2.07 -2.64 36.46
N LEU E 242 -2.10 -2.59 36.48
CA LEU E 242 -1.10 -2.18 37.44
CA LEU E 242 -1.18 -2.10 37.51
C LEU E 242 -1.77 -1.22 38.45
C LEU E 242 -1.87 -1.14 38.48
N GLN E 243 -2.53 -0.26 37.93
N GLN E 243 -2.58 -0.17 37.93
CA GLN E 243 -3.18 0.73 38.76
CA GLN E 243 -3.28 0.81 38.77
C GLN E 243 -4.22 0.09 39.69
C GLN E 243 -4.23 0.08 39.70
N LEU E 244 -4.97 -0.86 39.15
CA LEU E 244 -5.92 -1.61 39.93
C LEU E 244 -5.23 -2.40 41.05
N LEU E 245 -4.08 -3.03 40.77
CA LEU E 245 -3.42 -3.78 41.83
C LEU E 245 -2.94 -2.83 42.91
N ILE E 246 -2.39 -1.69 42.50
CA ILE E 246 -1.92 -0.73 43.50
C ILE E 246 -3.06 -0.25 44.39
N GLU E 247 -4.21 0.04 43.80
CA GLU E 247 -5.34 0.57 44.56
C GLU E 247 -5.90 -0.45 45.52
N ASN E 248 -5.66 -1.72 45.22
CA ASN E 248 -6.21 -2.80 46.03
C ASN E 248 -5.18 -3.48 46.93
N GLY E 249 -4.09 -2.77 47.23
CA GLY E 249 -3.12 -3.21 48.23
C GLY E 249 -2.07 -4.19 47.74
N LYS E 250 -1.89 -4.29 46.43
CA LYS E 250 -0.98 -5.26 45.84
C LYS E 250 0.20 -4.59 45.14
N ARG E 251 0.60 -3.42 45.62
CA ARG E 251 1.72 -2.74 45.00
C ARG E 251 3.01 -3.56 45.00
N GLU E 252 3.34 -4.16 46.16
CA GLU E 252 4.56 -4.95 46.26
C GLU E 252 4.58 -6.11 45.24
N GLU E 253 3.49 -6.83 45.13
CA GLU E 253 3.38 -7.89 44.14
C GLU E 253 3.56 -7.38 42.71
N ALA E 254 2.92 -6.25 42.42
CA ALA E 254 3.03 -5.67 41.08
C ALA E 254 4.47 -5.23 40.78
N GLN E 255 5.11 -4.58 41.75
CA GLN E 255 6.50 -4.16 41.59
C GLN E 255 7.41 -5.36 41.30
N LYS E 256 7.23 -6.46 42.03
CA LYS E 256 8.09 -7.63 41.85
C LYS E 256 7.95 -8.22 40.44
N LYS E 257 6.74 -8.22 39.92
CA LYS E 257 6.46 -8.77 38.59
C LYS E 257 7.12 -7.93 37.52
N VAL E 258 7.01 -6.61 37.65
CA VAL E 258 7.71 -5.72 36.73
C VAL E 258 9.24 -5.88 36.82
N ASP E 259 9.79 -5.86 38.03
CA ASP E 259 11.24 -6.00 38.22
C ASP E 259 11.73 -7.29 37.53
N MET E 260 11.00 -8.38 37.75
CA MET E 260 11.37 -9.65 37.14
C MET E 260 11.28 -9.63 35.59
N ALA E 261 10.14 -9.20 35.06
CA ALA E 261 9.92 -9.20 33.61
C ALA E 261 10.93 -8.31 32.89
N ILE E 262 11.22 -7.14 33.45
CA ILE E 262 12.15 -6.23 32.78
C ILE E 262 13.55 -6.83 32.70
N TRP E 263 14.01 -7.47 33.78
CA TRP E 263 15.35 -8.04 33.78
C TRP E 263 15.41 -9.21 32.80
N ARG E 264 14.40 -10.07 32.84
CA ARG E 264 14.39 -11.22 31.94
C ARG E 264 14.40 -10.77 30.49
N ALA E 265 13.63 -9.72 30.17
CA ALA E 265 13.59 -9.17 28.81
C ALA E 265 14.96 -8.64 28.46
N TRP E 266 15.57 -7.93 29.40
CA TRP E 266 16.88 -7.31 29.17
C TRP E 266 17.95 -8.34 28.71
N ARG E 267 18.06 -9.47 29.41
CA ARG E 267 19.13 -10.40 29.08
C ARG E 267 18.92 -10.96 27.66
N LEU E 268 17.68 -11.21 27.26
CA LEU E 268 17.48 -11.79 25.93
C LEU E 268 17.71 -10.73 24.87
N PHE E 269 17.23 -9.53 25.16
CA PHE E 269 17.40 -8.41 24.28
C PHE E 269 18.87 -8.09 24.03
N ALA E 270 19.68 -8.27 25.06
CA ALA E 270 21.09 -7.99 24.94
C ALA E 270 21.83 -9.00 24.04
N VAL E 271 21.31 -10.22 23.91
CA VAL E 271 21.98 -11.22 23.07
C VAL E 271 21.44 -11.18 21.62
N LEU E 272 20.21 -10.72 21.43
CA LEU E 272 19.65 -10.66 20.08
C LEU E 272 19.78 -9.28 19.43
N THR E 273 19.32 -8.23 20.11
CA THR E 273 19.32 -6.89 19.55
C THR E 273 20.66 -6.18 19.71
N GLY E 274 21.34 -6.47 20.83
CA GLY E 274 22.65 -5.88 21.09
C GLY E 274 23.67 -6.06 19.97
N PRO E 275 23.96 -7.32 19.61
CA PRO E 275 24.92 -7.52 18.51
C PRO E 275 24.40 -6.99 17.17
N VAL E 276 23.09 -7.05 16.93
CA VAL E 276 22.54 -6.47 15.70
C VAL E 276 22.86 -4.97 15.59
N MET E 277 22.67 -4.23 16.66
CA MET E 277 22.80 -2.78 16.55
C MET E 277 24.24 -2.28 16.55
N ASP E 278 25.14 -3.00 17.23
CA ASP E 278 26.51 -2.47 17.35
C ASP E 278 27.54 -3.23 16.52
N TYR E 279 27.12 -4.36 15.93
CA TYR E 279 28.03 -5.16 15.13
C TYR E 279 27.50 -5.66 13.78
N TYR E 280 26.27 -6.19 13.72
CA TYR E 280 25.81 -6.71 12.42
C TYR E 280 25.41 -5.61 11.44
N THR E 281 24.67 -4.62 11.93
CA THR E 281 24.27 -3.51 11.08
C THR E 281 25.56 -2.83 10.60
N PRO E 282 25.67 -2.57 9.30
CA PRO E 282 26.87 -1.85 8.80
C PRO E 282 27.04 -0.53 9.55
N LEU E 283 28.29 -0.16 9.81
CA LEU E 283 28.60 1.04 10.55
C LEU E 283 27.82 2.27 10.06
N GLU E 284 27.81 2.49 8.74
CA GLU E 284 27.15 3.69 8.20
C GLU E 284 25.63 3.71 8.42
N ASP E 285 25.06 2.57 8.82
CA ASP E 285 23.61 2.45 9.04
C ASP E 285 23.19 2.43 10.52
N ARG E 286 24.16 2.63 11.42
CA ARG E 286 23.88 2.61 12.84
C ARG E 286 23.32 3.97 13.28
N SER E 287 21.99 4.09 13.31
CA SER E 287 21.31 5.35 13.61
C SER E 287 21.74 5.87 14.98
N GLN E 288 21.80 4.96 15.94
CA GLN E 288 22.33 5.22 17.28
C GLN E 288 22.96 3.92 17.76
N SER E 289 23.80 4.00 18.78
CA SER E 289 24.34 2.77 19.37
C SER E 289 23.26 2.05 20.21
N PHE E 290 23.51 0.79 20.54
CA PHE E 290 22.61 0.01 21.38
C PHE E 290 22.34 0.74 22.69
N LYS E 291 23.42 1.18 23.36
CA LYS E 291 23.28 1.98 24.57
C LYS E 291 22.47 3.27 24.39
N GLU E 292 22.74 3.99 23.31
CA GLU E 292 21.97 5.22 23.06
C GLU E 292 20.47 4.94 22.91
N PHE E 293 20.14 3.91 22.15
CA PHE E 293 18.74 3.50 22.00
C PHE E 293 18.17 3.08 23.36
N MET E 294 18.95 2.36 24.16
CA MET E 294 18.49 1.92 25.48
C MET E 294 18.13 3.15 26.31
N TYR E 295 18.98 4.18 26.23
CA TYR E 295 18.72 5.38 27.03
C TYR E 295 17.51 6.18 26.55
N GLU E 296 17.23 6.12 25.25
CA GLU E 296 16.03 6.74 24.69
C GLU E 296 14.79 5.96 25.11
N TRP E 297 14.80 4.65 24.82
CA TRP E 297 13.56 3.90 24.92
C TRP E 297 13.29 3.31 26.29
N ILE E 298 14.33 2.81 26.95
CA ILE E 298 14.12 2.11 28.20
C ILE E 298 14.25 3.06 29.38
N ILE E 299 15.28 3.89 29.37
CA ILE E 299 15.43 4.84 30.47
C ILE E 299 14.54 6.07 30.32
N GLY E 300 14.70 6.79 29.22
CA GLY E 300 13.97 8.03 29.01
C GLY E 300 12.47 7.82 28.88
N GLN E 301 12.04 6.79 28.16
CA GLN E 301 10.60 6.61 27.97
C GLN E 301 9.99 5.64 28.98
N PHE E 302 10.38 4.37 28.92
CA PHE E 302 9.76 3.37 29.80
C PHE E 302 9.89 3.64 31.31
N GLU E 303 11.11 3.84 31.79
CA GLU E 303 11.28 3.96 33.27
C GLU E 303 10.56 5.20 33.81
N ARG E 304 10.48 6.23 32.98
CA ARG E 304 9.74 7.42 33.35
C ARG E 304 8.23 7.15 33.43
N SER E 305 7.72 6.36 32.50
N SER E 305 7.73 6.36 32.47
CA SER E 305 6.30 5.99 32.54
CA SER E 305 6.33 5.94 32.50
C SER E 305 5.98 5.09 33.74
C SER E 305 6.03 5.17 33.78
N LEU E 306 6.91 4.22 34.12
CA LEU E 306 6.72 3.36 35.28
C LEU E 306 6.60 4.19 36.54
N ILE E 307 7.46 5.18 36.68
CA ILE E 307 7.40 6.11 37.83
C ILE E 307 6.08 6.91 37.82
N ASP E 308 5.65 7.34 36.63
CA ASP E 308 4.39 8.10 36.57
C ASP E 308 3.20 7.30 37.05
N LEU E 309 3.20 6.00 36.78
CA LEU E 309 2.08 5.14 37.19
C LEU E 309 2.14 4.74 38.65
N GLY E 310 3.20 5.12 39.34
CA GLY E 310 3.25 4.87 40.76
C GLY E 310 4.19 3.80 41.28
N LEU E 311 4.98 3.18 40.41
CA LEU E 311 5.96 2.19 40.86
C LEU E 311 7.31 2.84 41.09
N ASP E 312 8.26 2.06 41.59
CA ASP E 312 9.58 2.62 41.86
C ASP E 312 10.58 2.09 40.87
N LYS E 313 11.73 2.76 40.80
CA LYS E 313 12.87 2.23 40.03
C LYS E 313 13.22 0.89 40.61
N PRO E 314 13.62 -0.07 39.77
CA PRO E 314 13.92 -1.41 40.29
C PRO E 314 15.09 -1.42 41.27
N TRP E 315 15.07 -2.36 42.19
CA TRP E 315 16.13 -2.52 43.18
C TRP E 315 17.49 -2.72 42.51
N TYR E 316 17.50 -3.15 41.25
CA TYR E 316 18.76 -3.44 40.57
C TYR E 316 19.22 -2.34 39.61
N TRP E 317 18.71 -1.13 39.78
CA TRP E 317 18.95 -0.02 38.86
C TRP E 317 20.41 0.15 38.45
N ASP E 318 21.30 0.36 39.42
CA ASP E 318 22.70 0.57 39.07
C ASP E 318 23.38 -0.62 38.40
N LEU E 319 22.98 -1.83 38.78
CA LEU E 319 23.47 -3.04 38.13
C LEU E 319 23.05 -3.02 36.65
N PHE E 320 21.83 -2.56 36.41
CA PHE E 320 21.26 -2.54 35.05
C PHE E 320 22.06 -1.57 34.21
N LEU E 321 22.30 -0.37 34.74
CA LEU E 321 23.09 0.61 34.00
C LEU E 321 24.47 0.09 33.64
N LYS E 322 25.11 -0.62 34.56
CA LYS E 322 26.45 -1.13 34.30
C LYS E 322 26.37 -2.21 33.21
N ASP E 323 25.34 -3.02 33.26
CA ASP E 323 25.12 -4.08 32.28
C ASP E 323 24.95 -3.49 30.87
N ILE E 324 24.31 -2.34 30.77
CA ILE E 324 24.08 -1.73 29.46
C ILE E 324 25.41 -1.38 28.81
N ASP E 325 26.39 -0.99 29.62
CA ASP E 325 27.73 -0.67 29.12
C ASP E 325 28.56 -1.88 28.67
N GLU E 326 28.22 -3.08 29.15
CA GLU E 326 29.15 -4.21 29.08
C GLU E 326 28.60 -5.51 28.54
N LEU E 327 27.36 -5.85 28.90
CA LEU E 327 26.87 -7.22 28.62
C LEU E 327 26.88 -7.62 27.13
N HIS E 328 26.30 -6.80 26.27
CA HIS E 328 26.08 -7.22 24.87
C HIS E 328 27.39 -7.36 24.11
N HIS E 329 28.43 -6.66 24.55
CA HIS E 329 29.75 -6.84 23.93
C HIS E 329 30.26 -8.27 24.11
N SER E 330 30.05 -8.80 25.31
CA SER E 330 30.43 -10.20 25.57
C SER E 330 29.47 -11.19 24.96
N TYR E 331 28.17 -10.85 24.97
CA TYR E 331 27.19 -11.73 24.34
C TYR E 331 27.51 -11.82 22.84
N HIS E 332 27.86 -10.71 22.22
CA HIS E 332 28.21 -10.73 20.79
C HIS E 332 29.41 -11.67 20.55
N MET E 333 30.43 -11.51 21.40
CA MET E 333 31.65 -12.30 21.27
C MET E 333 31.32 -13.80 21.36
N GLY E 334 30.43 -14.16 22.28
CA GLY E 334 30.01 -15.54 22.45
C GLY E 334 29.26 -16.07 21.23
N VAL E 335 28.28 -15.31 20.75
CA VAL E 335 27.51 -15.69 19.55
C VAL E 335 28.42 -15.85 18.35
N TRP E 336 29.39 -14.94 18.22
CA TRP E 336 30.31 -15.02 17.10
C TRP E 336 31.28 -16.20 17.22
N TYR E 337 31.88 -16.40 18.39
CA TYR E 337 32.90 -17.44 18.48
C TYR E 337 32.23 -18.82 18.30
N TRP E 338 31.03 -18.95 18.85
CA TRP E 338 30.17 -20.15 18.71
C TRP E 338 29.17 -20.03 17.54
N ARG E 339 29.55 -19.27 16.52
CA ARG E 339 28.62 -18.97 15.42
C ARG E 339 28.06 -20.22 14.76
N THR E 340 28.80 -21.32 14.75
CA THR E 340 28.29 -22.51 14.06
C THR E 340 26.98 -23.02 14.68
N THR E 341 26.73 -22.64 15.93
CA THR E 341 25.48 -23.02 16.60
C THR E 341 24.28 -22.06 16.40
N ALA E 342 24.50 -20.95 15.67
CA ALA E 342 23.44 -19.99 15.36
C ALA E 342 22.83 -20.33 14.00
N TRP E 343 21.60 -19.85 13.74
CA TRP E 343 20.99 -20.05 12.42
C TRP E 343 21.18 -18.82 11.50
N TRP E 344 21.96 -17.85 11.98
CA TRP E 344 22.32 -16.67 11.18
C TRP E 344 23.83 -16.58 11.11
N ASN E 345 24.37 -15.70 10.26
CA ASN E 345 25.83 -15.58 10.11
C ASN E 345 26.32 -14.33 10.82
N PRO E 346 26.79 -14.48 12.07
CA PRO E 346 27.21 -13.29 12.83
C PRO E 346 28.33 -12.53 12.12
N ALA E 347 28.21 -11.20 12.10
CA ALA E 347 29.30 -10.35 11.58
C ALA E 347 30.22 -10.03 12.76
N ALA E 348 31.54 -10.16 12.58
CA ALA E 348 32.47 -9.89 13.67
C ALA E 348 32.43 -8.41 14.09
N GLY E 349 32.40 -7.51 13.11
CA GLY E 349 32.21 -6.09 13.38
C GLY E 349 33.39 -5.42 14.04
N VAL E 350 34.60 -5.89 13.73
CA VAL E 350 35.79 -5.35 14.35
C VAL E 350 36.89 -4.90 13.36
N THR E 351 36.50 -4.31 12.22
CA THR E 351 37.46 -3.59 11.38
C THR E 351 37.94 -2.35 12.15
N PRO E 352 39.08 -1.78 11.76
CA PRO E 352 39.54 -0.60 12.54
C PRO E 352 38.49 0.51 12.65
N GLU E 353 37.78 0.80 11.58
CA GLU E 353 36.81 1.90 11.61
C GLU E 353 35.67 1.57 12.59
N GLU E 354 35.29 0.30 12.64
CA GLU E 354 34.26 -0.12 13.58
C GLU E 354 34.80 -0.06 15.01
N ARG E 355 36.05 -0.48 15.19
CA ARG E 355 36.66 -0.44 16.52
C ARG E 355 36.75 1.00 17.05
N ASP E 356 36.96 1.95 16.15
CA ASP E 356 37.01 3.36 16.52
C ASP E 356 35.62 3.81 16.99
N TRP E 357 34.58 3.41 16.27
CA TRP E 357 33.20 3.73 16.67
C TRP E 357 32.85 3.09 18.01
N LEU E 358 33.21 1.82 18.16
CA LEU E 358 32.99 1.15 19.45
C LEU E 358 33.69 1.90 20.57
N GLU E 359 34.90 2.41 20.32
CA GLU E 359 35.66 3.12 21.37
C GLU E 359 34.99 4.44 21.75
N GLU E 360 34.44 5.13 20.76
CA GLU E 360 33.74 6.41 20.99
C GLU E 360 32.43 6.18 21.76
N LYS E 361 31.77 5.09 21.43
CA LYS E 361 30.48 4.79 22.05
C LYS E 361 30.62 4.09 23.42
N TYR E 362 31.75 3.44 23.65
CA TYR E 362 32.00 2.72 24.90
C TYR E 362 33.47 2.88 25.28
N PRO E 363 33.80 4.02 25.87
CA PRO E 363 35.24 4.27 26.11
C PRO E 363 35.85 3.13 26.93
N GLY E 364 37.01 2.64 26.51
CA GLY E 364 37.67 1.53 27.16
C GLY E 364 37.47 0.19 26.45
N TRP E 365 36.71 0.20 25.36
CA TRP E 365 36.34 -1.04 24.64
C TRP E 365 37.58 -1.79 24.15
N ASN E 366 38.52 -1.04 23.59
CA ASN E 366 39.69 -1.68 23.01
C ASN E 366 40.59 -2.39 24.02
N LYS E 367 40.66 -1.87 25.24
CA LYS E 367 41.47 -2.48 26.29
C LYS E 367 40.76 -3.64 26.97
N ARG E 368 39.51 -3.86 26.58
CA ARG E 368 38.70 -4.94 27.14
C ARG E 368 38.43 -5.99 26.06
N TRP E 369 37.27 -5.92 25.41
CA TRP E 369 36.90 -6.85 24.33
C TRP E 369 37.93 -6.80 23.20
N GLY E 370 38.47 -5.61 22.96
CA GLY E 370 39.51 -5.44 21.94
C GLY E 370 40.64 -6.45 22.08
N ARG E 371 40.99 -6.78 23.32
CA ARG E 371 42.11 -7.68 23.59
C ARG E 371 41.83 -9.07 23.05
N CYS E 372 40.58 -9.54 23.18
CA CYS E 372 40.20 -10.86 22.63
C CYS E 372 40.18 -10.79 21.10
N TRP E 373 39.64 -9.69 20.57
CA TRP E 373 39.50 -9.59 19.12
C TRP E 373 40.87 -9.51 18.45
N ASP E 374 41.85 -8.98 19.19
CA ASP E 374 43.23 -8.94 18.72
C ASP E 374 43.78 -10.35 18.51
N VAL E 375 43.50 -11.23 19.47
CA VAL E 375 44.01 -12.60 19.37
C VAL E 375 43.32 -13.32 18.21
N ILE E 376 42.01 -13.16 18.13
CA ILE E 376 41.20 -13.71 17.05
C ILE E 376 41.69 -13.23 15.68
N THR E 377 41.88 -11.92 15.55
CA THR E 377 42.32 -11.34 14.28
C THR E 377 43.67 -11.89 13.82
N GLU E 378 44.60 -12.04 14.76
CA GLU E 378 45.93 -12.56 14.42
C GLU E 378 45.81 -14.00 13.91
N ASN E 379 44.95 -14.80 14.55
CA ASN E 379 44.76 -16.18 14.08
C ASN E 379 44.13 -16.25 12.68
N VAL E 380 43.17 -15.37 12.41
CA VAL E 380 42.63 -15.32 11.03
C VAL E 380 43.73 -14.96 10.03
N LEU E 381 44.54 -13.94 10.35
CA LEU E 381 45.59 -13.51 9.43
C LEU E 381 46.63 -14.61 9.21
N ASN E 382 46.77 -15.53 10.18
CA ASN E 382 47.74 -16.64 10.08
C ASN E 382 47.14 -17.91 9.52
N ASP E 383 45.86 -17.85 9.20
CA ASP E 383 45.12 -19.00 8.70
C ASP E 383 45.06 -20.15 9.70
N ARG E 384 45.11 -19.83 10.99
CA ARG E 384 44.85 -20.82 12.03
C ARG E 384 43.36 -20.80 12.37
N MET E 385 42.53 -21.22 11.42
CA MET E 385 41.08 -21.11 11.60
C MET E 385 40.57 -22.09 12.67
N ASP E 386 41.35 -23.13 12.95
CA ASP E 386 41.01 -24.04 14.03
C ASP E 386 40.93 -23.30 15.37
N LEU E 387 41.71 -22.23 15.52
CA LEU E 387 41.71 -21.45 16.76
C LEU E 387 40.58 -20.43 16.85
N VAL E 388 39.77 -20.40 15.79
N VAL E 388 39.78 -20.29 15.80
CA VAL E 388 38.64 -19.49 15.68
CA VAL E 388 38.59 -19.43 15.91
C VAL E 388 37.32 -20.25 15.76
C VAL E 388 37.29 -20.24 15.84
N SER E 389 37.39 -21.55 16.06
CA SER E 389 36.20 -22.38 16.27
C SER E 389 36.34 -23.15 17.58
N PRO E 390 35.25 -23.26 18.35
CA PRO E 390 35.35 -23.82 19.71
C PRO E 390 35.46 -25.35 19.73
N GLU E 391 36.07 -25.86 20.79
CA GLU E 391 36.14 -27.29 21.02
C GLU E 391 35.57 -27.66 22.40
N THR E 392 34.78 -26.75 22.96
CA THR E 392 34.01 -27.04 24.16
C THR E 392 32.76 -26.16 24.16
N LEU E 393 31.89 -26.35 25.15
CA LEU E 393 30.69 -25.53 25.27
C LEU E 393 30.89 -24.43 26.27
N PRO E 394 30.25 -23.28 26.07
CA PRO E 394 30.24 -22.26 27.13
C PRO E 394 29.35 -22.73 28.26
N SER E 395 29.67 -22.28 29.46
CA SER E 395 28.80 -22.48 30.62
C SER E 395 27.62 -21.52 30.42
N VAL E 396 26.42 -21.96 30.81
CA VAL E 396 25.20 -21.27 30.44
C VAL E 396 24.37 -20.94 31.69
N CYS E 397 23.78 -19.75 31.71
CA CYS E 397 22.92 -19.35 32.82
C CYS E 397 21.68 -20.25 32.95
N ASN E 398 21.34 -20.62 34.19
CA ASN E 398 20.15 -21.45 34.43
C ASN E 398 18.85 -20.66 34.37
N MET E 399 18.97 -19.33 34.22
CA MET E 399 17.77 -18.52 34.02
C MET E 399 17.66 -18.06 32.57
N SER E 400 18.60 -17.22 32.13
CA SER E 400 18.49 -16.67 30.78
C SER E 400 18.82 -17.65 29.64
N GLN E 401 19.47 -18.79 29.96
CA GLN E 401 19.87 -19.78 28.94
C GLN E 401 20.95 -19.26 28.00
N ILE E 402 21.63 -18.19 28.43
CA ILE E 402 22.68 -17.58 27.61
C ILE E 402 24.03 -17.77 28.32
N PRO E 403 25.15 -17.83 27.55
CA PRO E 403 26.47 -18.05 28.19
C PRO E 403 26.82 -17.10 29.34
N LEU E 404 27.54 -17.63 30.33
CA LEU E 404 27.98 -16.86 31.51
C LEU E 404 29.21 -16.03 31.11
N VAL E 405 29.09 -14.71 31.14
CA VAL E 405 30.16 -13.85 30.62
C VAL E 405 30.56 -12.80 31.61
N GLY E 406 31.63 -12.07 31.27
CA GLY E 406 32.07 -10.93 32.06
C GLY E 406 32.90 -10.00 31.18
N VAL E 407 33.68 -9.14 31.81
CA VAL E 407 34.51 -8.18 31.08
C VAL E 407 35.91 -8.77 30.94
N PRO E 408 36.38 -8.90 29.70
CA PRO E 408 37.69 -9.49 29.46
C PRO E 408 38.81 -8.45 29.40
N GLY E 409 40.04 -8.91 29.22
CA GLY E 409 41.14 -8.02 28.92
C GLY E 409 41.74 -7.30 30.12
N ASP E 410 42.04 -6.00 29.96
CA ASP E 410 42.90 -5.28 30.90
C ASP E 410 42.36 -5.21 32.34
N ASP E 411 41.05 -5.11 32.53
CA ASP E 411 40.54 -5.18 33.92
C ASP E 411 39.50 -6.29 34.03
N TRP E 412 39.95 -7.49 33.70
CA TRP E 412 39.15 -8.70 33.75
C TRP E 412 38.31 -8.79 35.02
N ASN E 413 37.02 -9.05 34.84
N ASN E 413 37.04 -9.05 34.85
CA ASN E 413 36.13 -9.32 35.96
CA ASN E 413 36.18 -9.39 35.99
C ASN E 413 34.93 -10.14 35.49
C ASN E 413 34.95 -10.14 35.51
N ILE E 414 34.75 -11.32 36.08
CA ILE E 414 33.64 -12.18 35.71
C ILE E 414 33.06 -12.79 36.99
N GLU E 415 31.73 -12.84 37.07
CA GLU E 415 31.11 -13.39 38.26
C GLU E 415 29.94 -14.25 37.92
N VAL E 416 29.96 -15.47 38.45
CA VAL E 416 28.83 -16.37 38.37
C VAL E 416 28.15 -16.33 39.75
N PHE E 417 26.82 -16.32 39.74
CA PHE E 417 26.05 -16.29 40.99
C PHE E 417 25.40 -17.66 41.10
N SER E 418 25.96 -18.49 41.98
CA SER E 418 25.54 -19.89 42.02
C SER E 418 24.52 -20.08 43.14
N LEU E 419 23.81 -21.21 43.10
CA LEU E 419 22.77 -21.46 44.10
C LEU E 419 22.58 -22.94 44.30
N GLU E 420 22.61 -23.38 45.56
CA GLU E 420 22.19 -24.74 45.90
C GLU E 420 20.73 -24.69 46.20
N HIS E 421 19.95 -25.59 45.60
CA HIS E 421 18.51 -25.59 45.84
C HIS E 421 17.98 -27.02 45.64
N ASN E 422 17.31 -27.56 46.65
CA ASN E 422 16.73 -28.90 46.53
C ASN E 422 17.71 -29.91 45.93
N GLY E 423 18.94 -29.93 46.43
CA GLY E 423 19.90 -30.96 46.07
C GLY E 423 20.56 -30.77 44.72
N ARG E 424 20.42 -29.57 44.15
CA ARG E 424 21.01 -29.32 42.86
C ARG E 424 21.77 -28.01 42.85
N LEU E 425 22.84 -27.94 42.07
CA LEU E 425 23.64 -26.72 41.94
C LEU E 425 23.34 -25.97 40.63
N TYR E 426 22.85 -24.73 40.75
CA TYR E 426 22.50 -23.91 39.60
C TYR E 426 23.51 -22.77 39.47
N HIS E 427 23.67 -22.22 38.27
CA HIS E 427 24.59 -21.11 38.06
C HIS E 427 23.86 -20.03 37.28
N PHE E 428 23.98 -18.77 37.72
CA PHE E 428 23.29 -17.64 37.08
C PHE E 428 24.26 -16.54 36.68
N GLY E 429 23.94 -15.87 35.59
CA GLY E 429 24.85 -14.89 35.02
C GLY E 429 24.75 -13.52 35.68
N SER E 430 23.85 -13.36 36.65
CA SER E 430 23.79 -12.12 37.40
C SER E 430 23.13 -12.37 38.73
N GLU E 431 23.26 -11.41 39.63
CA GLU E 431 22.55 -11.41 40.91
C GLU E 431 21.02 -11.38 40.69
N VAL E 432 20.58 -10.68 39.66
CA VAL E 432 19.15 -10.56 39.42
C VAL E 432 18.57 -11.86 38.88
N ASP E 433 19.31 -12.53 38.00
CA ASP E 433 18.83 -13.82 37.50
C ASP E 433 18.64 -14.84 38.61
N ARG E 434 19.60 -14.88 39.53
CA ARG E 434 19.48 -15.76 40.72
C ARG E 434 18.23 -15.39 41.53
N TRP E 435 18.00 -14.10 41.69
CA TRP E 435 16.83 -13.58 42.42
C TRP E 435 15.49 -13.93 41.74
N VAL E 436 15.46 -13.88 40.41
CA VAL E 436 14.28 -14.27 39.68
C VAL E 436 13.96 -15.75 39.99
N PHE E 437 14.98 -16.60 39.96
CA PHE E 437 14.78 -18.01 40.32
C PHE E 437 14.17 -18.15 41.72
N GLN E 438 14.76 -17.46 42.69
CA GLN E 438 14.31 -17.54 44.06
C GLN E 438 12.90 -16.96 44.26
N GLN E 439 12.46 -16.11 43.34
CA GLN E 439 11.09 -15.59 43.44
C GLN E 439 10.04 -16.66 43.19
N ASP E 440 10.35 -17.66 42.36
CA ASP E 440 9.34 -18.63 41.93
C ASP E 440 10.00 -19.95 41.54
N PRO E 441 10.62 -20.64 42.51
CA PRO E 441 11.39 -21.83 42.16
C PRO E 441 10.58 -22.91 41.43
N VAL E 442 9.29 -23.04 41.72
CA VAL E 442 8.51 -24.13 41.12
C VAL E 442 8.43 -23.95 39.59
N GLN E 443 8.52 -22.69 39.15
CA GLN E 443 8.52 -22.39 37.71
C GLN E 443 9.76 -22.93 36.99
N TYR E 444 10.87 -23.01 37.73
CA TYR E 444 12.19 -23.21 37.13
C TYR E 444 12.96 -24.42 37.59
N GLN E 445 12.66 -24.93 38.78
CA GLN E 445 13.63 -25.80 39.46
C GLN E 445 14.05 -27.07 38.72
N ASN E 446 13.15 -27.71 37.97
CA ASN E 446 13.54 -28.95 37.29
C ASN E 446 13.83 -28.73 35.81
N HIS E 447 13.85 -27.47 35.39
CA HIS E 447 14.32 -27.19 34.04
C HIS E 447 15.82 -27.45 33.91
N MET E 448 16.23 -28.04 32.79
N MET E 448 16.21 -27.99 32.77
CA MET E 448 17.64 -28.27 32.53
CA MET E 448 17.60 -28.32 32.44
C MET E 448 18.08 -27.47 31.33
C MET E 448 18.06 -27.42 31.30
N ASN E 449 19.15 -26.68 31.50
CA ASN E 449 19.64 -25.90 30.39
C ASN E 449 20.48 -26.80 29.45
N ILE E 450 20.94 -26.24 28.36
CA ILE E 450 21.49 -27.13 27.34
C ILE E 450 22.78 -27.83 27.80
N VAL E 451 23.56 -27.15 28.65
CA VAL E 451 24.76 -27.73 29.23
C VAL E 451 24.40 -28.82 30.28
N ASP E 452 23.33 -28.60 31.05
CA ASP E 452 22.82 -29.61 31.98
C ASP E 452 22.46 -30.86 31.21
N ARG E 453 21.81 -30.68 30.07
CA ARG E 453 21.42 -31.82 29.23
C ARG E 453 22.65 -32.56 28.67
N PHE E 454 23.63 -31.78 28.24
CA PHE E 454 24.90 -32.32 27.72
C PHE E 454 25.58 -33.19 28.77
N LEU E 455 25.65 -32.68 30.00
CA LEU E 455 26.28 -33.42 31.08
C LEU E 455 25.44 -34.63 31.54
N ALA E 456 24.15 -34.61 31.25
CA ALA E 456 23.28 -35.69 31.68
C ALA E 456 23.24 -36.84 30.66
N GLY E 457 23.95 -36.66 29.54
CA GLY E 457 23.95 -37.66 28.50
C GLY E 457 22.81 -37.61 27.51
N GLN E 458 22.08 -36.51 27.50
CA GLN E 458 20.96 -36.33 26.57
C GLN E 458 21.36 -35.96 25.16
N ILE E 459 22.60 -35.52 24.99
CA ILE E 459 23.13 -35.07 23.71
C ILE E 459 24.25 -36.04 23.26
N GLN E 460 23.94 -36.91 22.31
CA GLN E 460 24.90 -37.92 21.86
C GLN E 460 25.18 -37.79 20.36
N PRO E 461 26.45 -37.88 19.97
CA PRO E 461 27.60 -37.98 20.86
C PRO E 461 27.88 -36.65 21.57
N MET E 462 28.75 -36.68 22.59
CA MET E 462 29.06 -35.47 23.34
C MET E 462 30.18 -34.71 22.68
N THR E 463 29.86 -34.11 21.54
CA THR E 463 30.83 -33.46 20.69
C THR E 463 30.13 -32.28 20.06
N LEU E 464 30.86 -31.49 19.28
CA LEU E 464 30.27 -30.37 18.54
C LEU E 464 29.19 -30.86 17.58
N GLU E 465 29.54 -31.85 16.77
CA GLU E 465 28.59 -32.43 15.82
C GLU E 465 27.31 -32.89 16.51
N GLY E 466 27.45 -33.54 17.66
CA GLY E 466 26.32 -34.07 18.39
C GLY E 466 25.44 -32.95 18.86
N ALA E 467 26.07 -31.88 19.34
CA ALA E 467 25.28 -30.74 19.82
C ALA E 467 24.56 -30.12 18.66
N LEU E 468 25.25 -30.00 17.51
CA LEU E 468 24.62 -29.41 16.33
C LEU E 468 23.43 -30.25 15.84
N LYS E 469 23.58 -31.57 15.82
CA LYS E 469 22.43 -32.41 15.48
C LYS E 469 21.26 -32.23 16.46
N TYR E 470 21.57 -32.18 17.75
CA TYR E 470 20.53 -32.02 18.77
C TYR E 470 19.79 -30.68 18.62
N MET E 471 20.54 -29.65 18.24
CA MET E 471 19.97 -28.32 18.05
C MET E 471 19.15 -28.18 16.77
N GLY E 472 19.11 -29.23 15.94
CA GLY E 472 18.14 -29.24 14.86
C GLY E 472 18.61 -28.80 13.49
N PHE E 473 19.92 -28.61 13.33
CA PHE E 473 20.43 -28.30 12.00
C PHE E 473 20.29 -29.48 11.03
N GLN E 474 19.90 -29.17 9.81
CA GLN E 474 19.61 -30.18 8.80
C GLN E 474 20.57 -30.15 7.61
N SER E 475 21.43 -29.15 7.57
CA SER E 475 22.44 -29.12 6.51
C SER E 475 23.59 -28.18 6.89
N ILE E 476 24.72 -28.32 6.19
CA ILE E 476 25.89 -27.49 6.46
C ILE E 476 25.59 -25.99 6.28
N GLU E 477 24.79 -25.67 5.27
CA GLU E 477 24.47 -24.29 4.95
C GLU E 477 23.79 -23.55 6.08
N GLU E 478 23.06 -24.29 6.92
CA GLU E 478 22.22 -23.67 7.96
C GLU E 478 23.04 -23.19 9.14
N MET E 479 24.22 -23.75 9.31
N MET E 479 24.23 -23.74 9.33
CA MET E 479 25.09 -23.41 10.44
CA MET E 479 25.02 -23.37 10.49
C MET E 479 25.67 -22.01 10.23
C MET E 479 25.80 -22.09 10.29
N GLY E 480 25.75 -21.22 11.29
CA GLY E 480 26.27 -19.87 11.19
C GLY E 480 27.75 -19.85 10.85
N LYS E 481 28.12 -18.88 10.03
CA LYS E 481 29.52 -18.67 9.65
C LYS E 481 29.76 -17.17 9.81
N ASP E 482 31.01 -16.73 9.72
CA ASP E 482 31.26 -15.28 9.73
C ASP E 482 30.53 -14.63 8.55
N ALA E 483 29.82 -13.53 8.79
CA ALA E 483 28.97 -12.94 7.75
C ALA E 483 29.71 -12.56 6.47
N HIS E 484 30.98 -12.18 6.61
CA HIS E 484 31.78 -11.67 5.46
C HIS E 484 32.88 -12.63 5.08
N ASP E 485 32.77 -13.86 5.54
CA ASP E 485 33.81 -14.84 5.23
C ASP E 485 35.19 -14.30 5.61
N PHE E 486 35.21 -13.58 6.73
CA PHE E 486 36.45 -13.02 7.31
C PHE E 486 37.13 -11.95 6.49
N ALA E 487 36.40 -11.41 5.50
CA ALA E 487 37.00 -10.37 4.64
C ALA E 487 37.40 -9.14 5.46
N TRP E 488 36.76 -8.96 6.62
CA TRP E 488 37.09 -7.86 7.51
C TRP E 488 38.54 -7.89 7.98
N ALA E 489 39.15 -9.08 8.02
CA ALA E 489 40.54 -9.23 8.41
C ALA E 489 41.48 -8.50 7.45
N ASP E 490 41.04 -8.32 6.19
CA ASP E 490 41.86 -7.62 5.18
C ASP E 490 42.06 -6.15 5.53
N LYS E 491 41.13 -5.59 6.30
CA LYS E 491 41.20 -4.21 6.72
C LYS E 491 42.06 -4.05 7.97
N CYS E 492 42.47 -5.18 8.54
CA CYS E 492 43.29 -5.16 9.74
C CYS E 492 44.77 -5.37 9.37
N PHE F 3 26.70 -34.43 8.53
CA PHE F 3 25.98 -33.37 7.85
C PHE F 3 26.26 -33.33 6.34
N GLU F 4 25.29 -32.88 5.55
CA GLU F 4 25.49 -32.80 4.11
C GLU F 4 25.12 -31.40 3.68
N SER F 5 25.51 -31.06 2.46
CA SER F 5 25.16 -29.80 1.81
C SER F 5 23.84 -29.99 1.05
N LYS F 6 22.86 -29.12 1.31
CA LYS F 6 21.54 -29.27 0.66
C LYS F 6 21.15 -27.97 -0.03
N LYS F 7 20.38 -28.07 -1.11
CA LYS F 7 19.85 -26.88 -1.79
C LYS F 7 18.75 -26.18 -0.98
N PRO F 8 18.54 -24.89 -1.25
CA PRO F 8 17.40 -24.21 -0.62
C PRO F 8 16.11 -24.90 -0.99
N MET F 9 15.13 -24.76 -0.10
CA MET F 9 13.80 -25.33 -0.32
C MET F 9 12.86 -24.24 -0.83
N ARG F 10 11.91 -24.49 -1.54
CA ARG F 10 10.91 -23.61 -2.15
C ARG F 10 9.97 -23.00 -1.12
N THR F 11 9.91 -23.70 0.02
CA THR F 11 8.95 -23.29 1.06
C THR F 11 9.52 -23.81 2.36
N TRP F 12 8.74 -23.77 3.43
CA TRP F 12 9.25 -24.26 4.74
C TRP F 12 9.56 -25.75 4.66
N SER F 13 10.52 -26.19 5.45
CA SER F 13 10.90 -27.60 5.45
C SER F 13 9.73 -28.55 5.69
N HIS F 14 8.77 -28.16 6.54
CA HIS F 14 7.66 -29.06 6.85
C HIS F 14 6.61 -29.13 5.72
N LEU F 15 6.68 -28.19 4.78
CA LEU F 15 5.75 -28.14 3.66
C LEU F 15 6.43 -28.62 2.39
N ALA F 16 7.72 -28.94 2.47
CA ALA F 16 8.45 -29.17 1.22
C ALA F 16 8.01 -30.42 0.46
N GLU F 17 7.33 -31.34 1.13
CA GLU F 17 6.86 -32.55 0.46
C GLU F 17 5.43 -32.42 -0.10
N MET F 18 4.80 -31.25 0.04
CA MET F 18 3.48 -31.04 -0.54
C MET F 18 3.53 -31.29 -2.04
N ARG F 19 2.45 -31.82 -2.60
CA ARG F 19 2.42 -32.09 -4.03
C ARG F 19 2.20 -30.83 -4.85
N LYS F 20 1.61 -29.81 -4.25
CA LYS F 20 1.41 -28.58 -4.99
C LYS F 20 1.96 -27.41 -4.21
N LYS F 21 1.96 -26.25 -4.85
CA LYS F 21 2.53 -25.04 -4.27
C LYS F 21 1.76 -24.61 -3.03
N PRO F 22 2.47 -24.39 -1.92
CA PRO F 22 1.82 -23.94 -0.68
C PRO F 22 1.11 -22.61 -0.89
N SER F 23 -0.08 -22.49 -0.31
CA SER F 23 -0.86 -21.25 -0.37
C SER F 23 -0.47 -20.33 0.76
N GLU F 24 -0.97 -19.10 0.67
CA GLU F 24 -0.85 -18.14 1.78
C GLU F 24 -1.28 -18.78 3.11
N TYR F 25 -2.44 -19.42 3.11
CA TYR F 25 -2.92 -20.12 4.31
C TYR F 25 -1.88 -21.15 4.83
N ASP F 26 -1.36 -21.98 3.94
CA ASP F 26 -0.42 -23.04 4.37
C ASP F 26 0.81 -22.39 5.02
N ILE F 27 1.32 -21.37 4.36
CA ILE F 27 2.57 -20.73 4.78
C ILE F 27 2.46 -20.09 6.15
N VAL F 28 1.34 -19.41 6.41
CA VAL F 28 1.26 -18.61 7.65
C VAL F 28 0.52 -19.28 8.79
N SER F 29 -0.06 -20.47 8.56
CA SER F 29 -0.97 -21.06 9.55
C SER F 29 -0.52 -22.38 10.17
N ARG F 30 0.30 -23.14 9.46
CA ARG F 30 0.49 -24.56 9.80
C ARG F 30 1.63 -24.85 10.75
N LYS F 31 1.38 -25.75 11.70
CA LYS F 31 2.42 -26.28 12.59
C LYS F 31 3.18 -25.18 13.36
N LEU F 32 2.44 -24.34 14.08
CA LEU F 32 3.07 -23.27 14.84
C LEU F 32 3.08 -23.50 16.36
N HIS F 33 2.33 -24.47 16.86
CA HIS F 33 2.39 -24.73 18.34
C HIS F 33 3.60 -25.60 18.65
N TYR F 34 4.70 -25.00 19.09
CA TYR F 34 5.85 -25.79 19.49
C TYR F 34 5.57 -26.48 20.85
N SER F 35 4.51 -26.05 21.52
CA SER F 35 4.17 -26.57 22.85
C SER F 35 3.66 -28.02 22.80
N THR F 36 3.45 -28.56 21.60
CA THR F 36 3.05 -29.97 21.48
C THR F 36 4.24 -30.89 21.19
N ASN F 37 5.42 -30.32 21.00
CA ASN F 37 6.60 -31.10 20.63
C ASN F 37 7.13 -32.06 21.71
N ASN F 38 7.19 -31.56 22.94
CA ASN F 38 7.72 -32.33 24.07
C ASN F 38 6.59 -32.68 25.04
N PRO F 39 6.15 -33.95 25.04
CA PRO F 39 5.04 -34.33 25.90
C PRO F 39 5.28 -34.06 27.38
N ASP F 40 6.53 -34.19 27.85
N ASP F 40 6.52 -34.21 27.85
CA ASP F 40 6.85 -33.95 29.26
CA ASP F 40 6.83 -34.06 29.27
C ASP F 40 6.95 -32.45 29.59
C ASP F 40 7.00 -32.61 29.71
N SER F 41 7.38 -31.66 28.62
N SER F 41 7.16 -31.71 28.74
CA SER F 41 7.54 -30.23 28.82
CA SER F 41 7.34 -30.30 29.05
C SER F 41 6.88 -29.43 27.70
C SER F 41 6.88 -29.42 27.89
N PRO F 42 5.54 -29.24 27.76
CA PRO F 42 4.95 -28.44 26.70
C PRO F 42 5.70 -27.10 26.59
N TRP F 43 5.91 -26.44 27.73
CA TRP F 43 6.52 -25.11 27.78
C TRP F 43 7.95 -25.23 28.30
N GLU F 44 8.79 -24.28 27.90
CA GLU F 44 10.23 -24.38 28.15
C GLU F 44 10.55 -23.92 29.57
N LEU F 45 10.03 -24.66 30.54
CA LEU F 45 10.17 -24.30 31.95
C LEU F 45 10.35 -25.59 32.74
N SER F 46 10.26 -25.53 34.07
CA SER F 46 10.30 -26.75 34.85
C SER F 46 9.17 -27.65 34.32
N PRO F 47 9.43 -28.95 34.12
CA PRO F 47 8.37 -29.79 33.57
C PRO F 47 7.15 -29.87 34.49
N ASP F 48 7.31 -29.62 35.79
CA ASP F 48 6.11 -29.60 36.64
C ASP F 48 5.73 -28.17 37.10
N SER F 49 6.11 -27.18 36.31
CA SER F 49 5.56 -25.82 36.51
C SER F 49 4.04 -25.86 36.43
N PRO F 50 3.36 -24.90 37.04
CA PRO F 50 1.89 -25.01 37.06
C PRO F 50 1.28 -25.09 35.66
N MET F 51 1.76 -24.27 34.73
CA MET F 51 1.15 -24.27 33.40
C MET F 51 1.51 -25.52 32.62
N ASN F 52 2.69 -26.09 32.86
CA ASN F 52 2.99 -27.39 32.26
C ASN F 52 2.06 -28.50 32.75
N LEU F 53 1.73 -28.46 34.04
CA LEU F 53 0.81 -29.44 34.61
C LEU F 53 -0.58 -29.22 34.02
N TRP F 54 -0.97 -27.96 33.84
CA TRP F 54 -2.27 -27.62 33.24
C TRP F 54 -2.35 -28.21 31.85
N TYR F 55 -1.33 -27.96 31.00
CA TYR F 55 -1.38 -28.48 29.62
C TYR F 55 -1.28 -30.01 29.54
N LYS F 56 -0.45 -30.60 30.38
CA LYS F 56 -0.33 -32.06 30.35
C LYS F 56 -1.68 -32.71 30.70
N GLN F 57 -2.43 -32.11 31.63
CA GLN F 57 -3.73 -32.68 32.00
C GLN F 57 -4.82 -32.36 30.98
N TYR F 58 -4.96 -31.09 30.63
CA TYR F 58 -6.13 -30.64 29.87
C TYR F 58 -5.94 -30.59 28.36
N ARG F 59 -4.71 -30.66 27.89
CA ARG F 59 -4.51 -30.89 26.47
C ARG F 59 -4.01 -32.31 26.18
N ASN F 60 -2.80 -32.64 26.66
CA ASN F 60 -2.15 -33.90 26.26
C ASN F 60 -2.92 -35.15 26.67
N ALA F 61 -3.63 -35.06 27.79
CA ALA F 61 -4.34 -36.22 28.32
C ALA F 61 -5.81 -36.29 27.91
N SER F 62 -6.24 -35.46 26.95
CA SER F 62 -7.65 -35.51 26.54
C SER F 62 -7.95 -36.89 25.99
N PRO F 63 -9.17 -37.39 26.23
CA PRO F 63 -9.69 -38.63 25.62
C PRO F 63 -9.80 -38.49 24.10
N LEU F 64 -9.92 -37.27 23.59
CA LEU F 64 -9.98 -37.04 22.13
C LEU F 64 -8.55 -37.07 21.60
N LYS F 65 -8.21 -38.08 20.81
N LYS F 65 -8.25 -38.06 20.77
CA LYS F 65 -6.82 -38.29 20.43
CA LYS F 65 -6.87 -38.36 20.38
C LYS F 65 -6.62 -38.49 18.92
C LYS F 65 -6.69 -38.40 18.86
N HIS F 66 -5.54 -37.92 18.40
CA HIS F 66 -5.19 -38.01 16.98
C HIS F 66 -3.68 -37.92 16.91
N ASP F 67 -3.08 -38.68 16.00
CA ASP F 67 -1.63 -38.69 15.82
C ASP F 67 -1.12 -37.46 15.12
N ASN F 68 -2.00 -36.74 14.42
CA ASN F 68 -1.55 -35.57 13.67
C ASN F 68 -2.60 -34.47 13.65
N TRP F 69 -2.85 -33.85 14.80
CA TRP F 69 -3.84 -32.77 14.83
C TRP F 69 -3.40 -31.64 13.89
N ASP F 70 -2.09 -31.45 13.73
CA ASP F 70 -1.62 -30.38 12.86
C ASP F 70 -2.11 -30.40 11.43
N ALA F 71 -2.40 -31.58 10.93
CA ALA F 71 -2.88 -31.74 9.55
C ALA F 71 -4.27 -31.14 9.35
N PHE F 72 -4.96 -30.78 10.43
CA PHE F 72 -6.27 -30.17 10.29
C PHE F 72 -6.18 -28.92 9.42
N THR F 73 -7.19 -28.70 8.58
CA THR F 73 -7.26 -27.54 7.70
C THR F 73 -8.60 -26.84 7.84
N ASP F 74 -8.57 -25.51 8.02
CA ASP F 74 -9.79 -24.69 7.97
C ASP F 74 -10.35 -24.84 6.56
N PRO F 75 -11.59 -25.34 6.43
CA PRO F 75 -12.15 -25.49 5.09
C PRO F 75 -12.26 -24.17 4.34
N ASP F 76 -12.36 -23.05 5.08
CA ASP F 76 -12.40 -21.73 4.46
C ASP F 76 -10.98 -21.15 4.19
N GLN F 77 -9.96 -21.84 4.72
CA GLN F 77 -8.54 -21.39 4.64
C GLN F 77 -8.32 -19.92 4.95
N LEU F 78 -9.01 -19.42 5.98
CA LEU F 78 -8.90 -17.99 6.32
C LEU F 78 -7.58 -17.66 7.00
N VAL F 79 -7.05 -16.49 6.68
CA VAL F 79 -5.91 -15.96 7.42
C VAL F 79 -6.34 -14.59 7.94
N TYR F 80 -5.51 -13.94 8.74
CA TYR F 80 -5.91 -12.65 9.32
C TYR F 80 -6.31 -11.70 8.21
N ARG F 81 -5.48 -11.61 7.17
CA ARG F 81 -5.68 -10.62 6.10
C ARG F 81 -7.05 -10.83 5.43
N THR F 82 -7.35 -12.08 5.07
CA THR F 82 -8.60 -12.37 4.36
C THR F 82 -9.82 -12.31 5.27
N TYR F 83 -9.65 -12.60 6.56
CA TYR F 83 -10.73 -12.47 7.51
C TYR F 83 -11.13 -10.99 7.58
N ASN F 84 -10.17 -10.11 7.71
CA ASN F 84 -10.53 -8.69 7.77
C ASN F 84 -11.15 -8.14 6.50
N LEU F 85 -10.73 -8.64 5.35
CA LEU F 85 -11.36 -8.23 4.08
C LEU F 85 -12.83 -8.65 4.08
N MET F 86 -13.07 -9.90 4.44
CA MET F 86 -14.41 -10.44 4.46
C MET F 86 -15.27 -9.68 5.48
N GLN F 87 -14.76 -9.50 6.69
CA GLN F 87 -15.59 -8.97 7.74
C GLN F 87 -15.75 -7.45 7.63
N ASP F 88 -14.76 -6.76 7.05
CA ASP F 88 -14.96 -5.34 6.81
C ASP F 88 -16.12 -5.20 5.79
N GLY F 89 -16.23 -6.14 4.85
CA GLY F 89 -17.35 -6.12 3.92
C GLY F 89 -18.69 -6.33 4.60
N GLN F 90 -18.76 -7.35 5.43
N GLN F 90 -18.82 -7.38 5.40
CA GLN F 90 -19.99 -7.74 6.11
CA GLN F 90 -20.07 -7.67 6.10
C GLN F 90 -20.39 -6.74 7.20
C GLN F 90 -20.40 -6.58 7.11
N GLU F 91 -19.39 -6.19 7.88
CA GLU F 91 -19.63 -5.23 8.95
C GLU F 91 -19.96 -3.84 8.40
N SER F 92 -19.34 -3.44 7.30
N SER F 92 -19.33 -3.46 7.30
CA SER F 92 -19.68 -2.16 6.69
CA SER F 92 -19.64 -2.21 6.64
C SER F 92 -21.11 -2.19 6.18
C SER F 92 -21.10 -2.22 6.21
N TYR F 93 -21.53 -3.36 5.68
CA TYR F 93 -22.93 -3.59 5.29
C TYR F 93 -23.88 -3.45 6.49
N VAL F 94 -23.56 -4.09 7.60
CA VAL F 94 -24.41 -3.99 8.79
C VAL F 94 -24.45 -2.56 9.33
N GLN F 95 -23.31 -1.89 9.40
CA GLN F 95 -23.28 -0.50 9.85
C GLN F 95 -24.10 0.40 8.91
N SER F 96 -24.09 0.09 7.61
CA SER F 96 -24.90 0.85 6.66
C SER F 96 -26.38 0.61 6.87
N LEU F 97 -26.73 -0.65 7.20
CA LEU F 97 -28.11 -0.94 7.56
C LEU F 97 -28.51 -0.11 8.79
N PHE F 98 -27.65 -0.07 9.81
CA PHE F 98 -27.97 0.69 11.04
C PHE F 98 -28.22 2.15 10.67
N ASP F 99 -27.35 2.71 9.85
CA ASP F 99 -27.46 4.12 9.49
C ASP F 99 -28.79 4.41 8.77
N GLN F 100 -29.11 3.60 7.76
CA GLN F 100 -30.29 3.84 6.93
C GLN F 100 -31.59 3.54 7.67
N PHE F 101 -31.62 2.47 8.47
CA PHE F 101 -32.83 2.17 9.23
C PHE F 101 -33.08 3.23 10.30
N ASN F 102 -32.01 3.80 10.83
CA ASN F 102 -32.14 4.93 11.76
C ASN F 102 -32.68 6.18 11.05
N GLU F 103 -32.20 6.45 9.86
CA GLU F 103 -32.68 7.59 9.07
C GLU F 103 -34.18 7.48 8.82
N ARG F 104 -34.63 6.25 8.62
N ARG F 104 -34.65 6.26 8.61
CA ARG F 104 -36.03 5.97 8.28
CA ARG F 104 -36.06 6.05 8.29
C ARG F 104 -36.89 5.84 9.53
C ARG F 104 -36.89 5.80 9.54
N GLU F 105 -36.26 5.94 10.71
CA GLU F 105 -36.98 5.86 11.99
C GLU F 105 -37.67 4.51 12.19
N HIS F 106 -36.95 3.47 11.82
CA HIS F 106 -37.43 2.10 11.89
C HIS F 106 -37.98 1.73 13.26
N ASP F 107 -37.26 2.12 14.31
CA ASP F 107 -37.61 1.70 15.66
C ASP F 107 -38.96 2.23 16.10
N GLN F 108 -39.40 3.37 15.53
CA GLN F 108 -40.67 3.94 15.93
C GLN F 108 -41.85 3.13 15.40
N MET F 109 -41.60 2.33 14.37
N MET F 109 -41.59 2.31 14.39
CA MET F 109 -42.68 1.64 13.66
CA MET F 109 -42.67 1.64 13.66
C MET F 109 -42.89 0.17 14.05
C MET F 109 -42.88 0.17 14.04
N VAL F 110 -42.08 -0.34 14.97
CA VAL F 110 -42.29 -1.70 15.47
C VAL F 110 -43.62 -1.77 16.23
N ARG F 111 -44.16 -2.97 16.35
CA ARG F 111 -45.45 -3.18 16.94
C ARG F 111 -45.41 -2.78 18.41
N GLU F 112 -46.54 -2.33 18.94
CA GLU F 112 -46.63 -1.92 20.35
C GLU F 112 -46.08 -3.00 21.27
N GLY F 113 -45.16 -2.62 22.16
CA GLY F 113 -44.65 -3.53 23.17
C GLY F 113 -43.38 -4.26 22.78
N TRP F 114 -43.00 -4.18 21.51
CA TRP F 114 -41.82 -4.90 21.03
C TRP F 114 -40.57 -4.48 21.80
N GLU F 115 -40.52 -3.21 22.21
CA GLU F 115 -39.38 -2.74 22.98
C GLU F 115 -39.21 -3.53 24.28
N HIS F 116 -40.32 -3.95 24.89
CA HIS F 116 -40.24 -4.73 26.12
C HIS F 116 -39.74 -6.16 25.84
N THR F 117 -40.15 -6.71 24.71
CA THR F 117 -39.65 -8.03 24.31
C THR F 117 -38.14 -7.95 24.02
N MET F 118 -37.72 -6.88 23.35
CA MET F 118 -36.30 -6.66 23.10
C MET F 118 -35.51 -6.50 24.43
N ALA F 119 -36.06 -5.73 25.37
CA ALA F 119 -35.34 -5.47 26.62
C ALA F 119 -35.14 -6.76 27.41
N ARG F 120 -36.10 -7.66 27.25
CA ARG F 120 -36.08 -8.89 28.00
C ARG F 120 -35.34 -10.02 27.29
N CYS F 121 -35.52 -10.15 25.98
CA CYS F 121 -35.05 -11.35 25.30
C CYS F 121 -33.89 -11.08 24.35
N TYR F 122 -33.63 -9.81 24.08
CA TYR F 122 -32.57 -9.45 23.15
C TYR F 122 -31.35 -8.81 23.83
N SER F 123 -31.56 -7.70 24.55
CA SER F 123 -30.40 -6.99 25.08
C SER F 123 -29.52 -7.82 26.01
N PRO F 124 -30.09 -8.75 26.78
CA PRO F 124 -29.18 -9.50 27.66
C PRO F 124 -28.36 -10.53 26.91
N LEU F 125 -28.58 -10.66 25.60
CA LEU F 125 -27.74 -11.52 24.78
C LEU F 125 -26.27 -11.08 24.86
N ARG F 126 -26.02 -9.83 25.21
CA ARG F 126 -24.60 -9.44 25.34
C ARG F 126 -23.85 -10.36 26.32
N TYR F 127 -24.52 -10.81 27.38
CA TYR F 127 -23.89 -11.72 28.33
C TYR F 127 -23.63 -13.07 27.69
N LEU F 128 -24.63 -13.61 26.99
CA LEU F 128 -24.43 -14.91 26.36
C LEU F 128 -23.30 -14.84 25.31
N PHE F 129 -23.29 -13.76 24.52
CA PHE F 129 -22.28 -13.64 23.47
C PHE F 129 -20.91 -13.47 24.07
N HIS F 130 -20.81 -12.75 25.19
CA HIS F 130 -19.51 -12.64 25.83
C HIS F 130 -19.04 -13.98 26.38
N CYS F 131 -19.96 -14.78 26.91
CA CYS F 131 -19.59 -16.14 27.31
C CYS F 131 -19.01 -16.92 26.12
N LEU F 132 -19.60 -16.78 24.93
CA LEU F 132 -19.07 -17.49 23.75
C LEU F 132 -17.67 -17.00 23.41
N GLN F 133 -17.47 -15.70 23.61
CA GLN F 133 -16.20 -15.05 23.34
C GLN F 133 -15.11 -15.63 24.29
N MET F 134 -15.42 -15.66 25.58
CA MET F 134 -14.47 -16.18 26.57
C MET F 134 -14.19 -17.64 26.26
N SER F 135 -15.25 -18.37 25.91
CA SER F 135 -15.13 -19.82 25.71
C SER F 135 -14.32 -20.10 24.47
N SER F 136 -14.56 -19.33 23.41
CA SER F 136 -13.79 -19.49 22.18
C SER F 136 -12.30 -19.22 22.43
N ALA F 137 -11.99 -18.23 23.26
CA ALA F 137 -10.58 -17.95 23.58
C ALA F 137 -9.93 -19.10 24.37
N TYR F 138 -10.73 -19.80 25.19
CA TYR F 138 -10.19 -20.97 25.88
C TYR F 138 -9.87 -22.09 24.91
N VAL F 139 -10.76 -22.37 23.97
CA VAL F 139 -10.45 -23.44 23.02
C VAL F 139 -9.19 -23.00 22.24
N GLN F 140 -9.10 -21.72 21.87
CA GLN F 140 -7.87 -21.23 21.19
C GLN F 140 -6.58 -21.64 21.95
N GLN F 141 -6.54 -21.33 23.23
CA GLN F 141 -5.29 -21.45 23.95
C GLN F 141 -4.95 -22.90 24.26
N MET F 142 -5.95 -23.79 24.21
CA MET F 142 -5.72 -25.20 24.56
C MET F 142 -5.60 -26.15 23.36
N ALA F 143 -6.07 -25.74 22.18
CA ALA F 143 -6.15 -26.69 21.06
C ALA F 143 -4.76 -27.16 20.64
N PRO F 144 -4.65 -28.43 20.25
CA PRO F 144 -3.32 -28.98 19.97
C PRO F 144 -2.79 -28.75 18.55
N ALA F 145 -3.39 -27.85 17.77
CA ALA F 145 -2.83 -27.49 16.47
C ALA F 145 -3.08 -26.02 16.19
N SER F 146 -2.13 -25.33 15.56
CA SER F 146 -2.36 -23.92 15.27
C SER F 146 -3.49 -23.69 14.27
N THR F 147 -3.68 -24.61 13.33
CA THR F 147 -4.85 -24.47 12.43
C THR F 147 -6.18 -24.49 13.17
N ILE F 148 -6.27 -25.31 14.22
CA ILE F 148 -7.48 -25.33 15.03
C ILE F 148 -7.57 -24.01 15.79
N SER F 149 -6.47 -23.64 16.43
CA SER F 149 -6.48 -22.42 17.25
C SER F 149 -6.83 -21.19 16.43
N ASN F 150 -6.36 -21.13 15.18
CA ASN F 150 -6.70 -19.98 14.33
C ASN F 150 -8.20 -19.87 14.09
N CYS F 151 -8.86 -20.98 13.82
CA CYS F 151 -10.34 -20.91 13.68
C CYS F 151 -10.95 -20.36 14.96
N CYS F 152 -10.44 -20.77 16.10
CA CYS F 152 -10.92 -20.28 17.40
C CYS F 152 -10.66 -18.78 17.62
N ILE F 153 -9.52 -18.27 17.16
CA ILE F 153 -9.24 -16.85 17.32
C ILE F 153 -10.28 -16.04 16.54
N LEU F 154 -10.50 -16.44 15.29
CA LEU F 154 -11.47 -15.72 14.46
C LEU F 154 -12.88 -15.83 15.03
N GLN F 155 -13.21 -16.99 15.60
CA GLN F 155 -14.50 -17.19 16.27
C GLN F 155 -14.65 -16.33 17.52
N THR F 156 -13.56 -16.14 18.25
CA THR F 156 -13.54 -15.24 19.41
C THR F 156 -13.88 -13.83 18.94
N ALA F 157 -13.22 -13.38 17.88
CA ALA F 157 -13.52 -12.07 17.30
C ALA F 157 -14.96 -11.95 16.82
N ASP F 158 -15.47 -12.99 16.16
CA ASP F 158 -16.90 -12.95 15.75
C ASP F 158 -17.85 -12.82 16.94
N SER F 159 -17.51 -13.47 18.05
CA SER F 159 -18.37 -13.46 19.24
C SER F 159 -18.38 -12.03 19.75
N LEU F 160 -17.22 -11.38 19.71
CA LEU F 160 -17.19 -9.97 20.14
C LEU F 160 -17.98 -9.08 19.16
N ARG F 161 -17.93 -9.43 17.87
CA ARG F 161 -18.73 -8.72 16.86
C ARG F 161 -20.21 -8.77 17.22
N TRP F 162 -20.69 -9.95 17.59
CA TRP F 162 -22.10 -10.12 17.95
C TRP F 162 -22.42 -9.33 19.21
N LEU F 163 -21.53 -9.43 20.20
CA LEU F 163 -21.70 -8.63 21.42
C LEU F 163 -21.86 -7.14 21.09
N THR F 164 -21.01 -6.66 20.19
CA THR F 164 -20.97 -5.24 19.85
C THR F 164 -22.25 -4.81 19.12
N HIS F 165 -22.71 -5.62 18.17
CA HIS F 165 -24.00 -5.39 17.55
C HIS F 165 -25.08 -5.18 18.61
N THR F 166 -25.08 -6.06 19.59
CA THR F 166 -26.12 -6.08 20.61
C THR F 166 -26.01 -4.84 21.49
N ALA F 167 -24.79 -4.46 21.86
CA ALA F 167 -24.58 -3.23 22.65
C ALA F 167 -25.06 -2.02 21.86
N TYR F 168 -24.64 -1.94 20.61
CA TYR F 168 -25.06 -0.80 19.78
C TYR F 168 -26.58 -0.70 19.67
N ARG F 169 -27.24 -1.80 19.38
CA ARG F 169 -28.69 -1.75 19.16
C ARG F 169 -29.45 -1.53 20.48
N THR F 170 -28.90 -2.02 21.59
CA THR F 170 -29.56 -1.82 22.88
C THR F 170 -29.56 -0.32 23.19
N HIS F 171 -28.39 0.29 23.02
CA HIS F 171 -28.33 1.73 23.19
C HIS F 171 -29.24 2.48 22.21
N GLU F 172 -29.19 2.12 20.92
CA GLU F 172 -30.05 2.78 19.94
C GLU F 172 -31.55 2.64 20.25
N LEU F 173 -32.00 1.43 20.58
N LEU F 173 -32.00 1.42 20.54
CA LEU F 173 -33.40 1.21 20.90
CA LEU F 173 -33.39 1.23 20.90
C LEU F 173 -33.86 2.00 22.14
C LEU F 173 -33.80 2.16 22.05
N SER F 174 -32.93 2.28 23.05
CA SER F 174 -33.24 3.04 24.25
C SER F 174 -33.49 4.50 23.95
N LEU F 175 -32.97 5.00 22.82
CA LEU F 175 -33.20 6.41 22.45
C LEU F 175 -34.65 6.63 22.10
N THR F 176 -35.26 5.66 21.41
CA THR F 176 -36.67 5.76 21.06
C THR F 176 -37.58 5.30 22.20
N TYR F 177 -37.11 4.31 22.97
CA TYR F 177 -37.89 3.73 24.07
C TYR F 177 -37.11 3.83 25.38
N PRO F 178 -37.13 5.02 26.01
CA PRO F 178 -36.27 5.26 27.17
C PRO F 178 -36.81 4.67 28.47
N ASP F 179 -38.02 4.13 28.45
CA ASP F 179 -38.68 3.66 29.67
C ASP F 179 -38.86 2.15 29.70
N ALA F 180 -37.90 1.41 29.15
CA ALA F 180 -38.04 -0.05 29.06
C ALA F 180 -36.89 -0.79 29.74
N GLY F 181 -35.99 -0.04 30.38
CA GLY F 181 -34.85 -0.66 31.03
C GLY F 181 -33.71 -1.04 30.07
N LEU F 182 -33.85 -0.66 28.81
CA LEU F 182 -32.79 -0.94 27.81
C LEU F 182 -31.45 -0.31 28.19
N GLY F 183 -30.43 -1.14 28.31
CA GLY F 183 -29.12 -0.67 28.77
C GLY F 183 -28.99 -0.53 30.27
N GLU F 184 -30.05 -0.84 31.02
CA GLU F 184 -30.04 -0.65 32.45
C GLU F 184 -30.18 -1.95 33.24
N HIS F 185 -31.02 -2.86 32.76
CA HIS F 185 -31.42 -3.99 33.59
C HIS F 185 -30.92 -5.36 33.09
N GLU F 186 -30.07 -5.37 32.07
CA GLU F 186 -29.60 -6.65 31.50
C GLU F 186 -28.90 -7.60 32.48
N ARG F 187 -28.05 -7.08 33.35
CA ARG F 187 -27.36 -7.94 34.30
C ARG F 187 -28.36 -8.63 35.21
N GLU F 188 -29.32 -7.86 35.71
CA GLU F 188 -30.39 -8.41 36.55
C GLU F 188 -31.16 -9.53 35.84
N LEU F 189 -31.50 -9.28 34.57
CA LEU F 189 -32.22 -10.28 33.79
C LEU F 189 -31.37 -11.55 33.65
N TRP F 190 -30.12 -11.40 33.24
CA TRP F 190 -29.22 -12.53 33.09
C TRP F 190 -29.06 -13.31 34.40
N GLU F 191 -28.95 -12.58 35.52
CA GLU F 191 -28.82 -13.25 36.82
C GLU F 191 -30.11 -13.83 37.43
N LYS F 192 -31.25 -13.22 37.15
CA LYS F 192 -32.47 -13.55 37.90
C LYS F 192 -33.68 -14.02 37.08
N GLU F 193 -33.77 -13.64 35.82
CA GLU F 193 -34.95 -13.99 35.03
C GLU F 193 -34.94 -15.48 34.66
N PRO F 194 -36.05 -16.21 34.92
CA PRO F 194 -36.06 -17.66 34.64
C PRO F 194 -35.64 -18.00 33.22
N GLY F 195 -36.06 -17.19 32.25
CA GLY F 195 -35.79 -17.47 30.85
C GLY F 195 -34.32 -17.46 30.48
N TRP F 196 -33.50 -16.81 31.30
CA TRP F 196 -32.05 -16.78 31.06
C TRP F 196 -31.30 -17.81 31.91
N GLN F 197 -31.93 -18.38 32.93
CA GLN F 197 -31.17 -19.23 33.86
C GLN F 197 -30.67 -20.57 33.28
N GLY F 198 -31.39 -21.13 32.31
CA GLY F 198 -30.89 -22.32 31.63
C GLY F 198 -29.63 -22.03 30.84
N LEU F 199 -29.66 -20.97 30.03
CA LEU F 199 -28.48 -20.50 29.34
C LEU F 199 -27.32 -20.15 30.29
N ARG F 200 -27.60 -19.47 31.39
CA ARG F 200 -26.50 -19.07 32.28
C ARG F 200 -25.86 -20.27 32.98
N GLU F 201 -26.68 -21.23 33.42
CA GLU F 201 -26.16 -22.46 34.01
C GLU F 201 -25.33 -23.20 32.97
N LEU F 202 -25.87 -23.29 31.76
CA LEU F 202 -25.14 -23.98 30.69
C LEU F 202 -23.76 -23.34 30.48
N MET F 203 -23.70 -22.01 30.42
CA MET F 203 -22.43 -21.35 30.08
C MET F 203 -21.44 -21.36 31.25
N GLU F 204 -21.93 -21.18 32.48
CA GLU F 204 -21.05 -21.21 33.64
C GLU F 204 -20.39 -22.58 33.75
N LYS F 205 -21.19 -23.63 33.52
CA LYS F 205 -20.67 -25.00 33.51
C LYS F 205 -19.75 -25.28 32.30
N GLN F 206 -20.15 -24.82 31.12
CA GLN F 206 -19.32 -25.03 29.93
C GLN F 206 -17.96 -24.33 30.10
N LEU F 207 -17.97 -23.13 30.68
CA LEU F 207 -16.72 -22.40 30.91
C LEU F 207 -15.81 -23.06 31.93
N THR F 208 -16.30 -24.11 32.60
CA THR F 208 -15.45 -24.83 33.54
C THR F 208 -15.12 -26.24 33.07
N ALA F 209 -15.41 -26.53 31.80
CA ALA F 209 -14.93 -27.75 31.15
C ALA F 209 -13.54 -27.49 30.56
N PHE F 210 -12.51 -27.89 31.30
CA PHE F 210 -11.16 -27.46 30.95
C PHE F 210 -10.41 -28.37 29.98
N ASP F 211 -10.89 -29.60 29.79
CA ASP F 211 -10.29 -30.47 28.78
C ASP F 211 -10.54 -29.86 27.40
N TRP F 212 -9.50 -29.77 26.55
CA TRP F 212 -9.67 -29.04 25.28
C TRP F 212 -10.74 -29.66 24.38
N GLY F 213 -10.84 -30.99 24.43
CA GLY F 213 -11.70 -31.72 23.51
C GLY F 213 -13.12 -31.50 23.99
N GLU F 214 -13.31 -31.64 25.31
CA GLU F 214 -14.66 -31.44 25.85
C GLU F 214 -15.10 -29.99 25.65
N ALA F 215 -14.16 -29.07 25.82
CA ALA F 215 -14.43 -27.64 25.59
C ALA F 215 -14.90 -27.40 24.16
N PHE F 216 -14.13 -27.90 23.20
CA PHE F 216 -14.50 -27.82 21.77
C PHE F 216 -15.87 -28.43 21.48
N VAL F 217 -16.09 -29.67 21.94
CA VAL F 217 -17.34 -30.36 21.61
C VAL F 217 -18.54 -29.64 22.22
N SER F 218 -18.43 -29.30 23.51
CA SER F 218 -19.55 -28.67 24.18
C SER F 218 -19.84 -27.30 23.56
N LEU F 219 -18.78 -26.54 23.24
CA LEU F 219 -18.99 -25.17 22.72
C LEU F 219 -19.54 -25.19 21.29
N ASN F 220 -18.82 -25.90 20.43
CA ASN F 220 -19.11 -25.81 18.99
C ASN F 220 -20.12 -26.82 18.46
N LEU F 221 -20.24 -27.98 19.10
CA LEU F 221 -21.16 -29.01 18.62
C LEU F 221 -22.50 -29.01 19.37
N VAL F 222 -22.52 -28.45 20.58
CA VAL F 222 -23.75 -28.45 21.38
C VAL F 222 -24.31 -27.04 21.61
N VAL F 223 -23.53 -26.18 22.25
CA VAL F 223 -24.03 -24.86 22.59
C VAL F 223 -24.33 -24.01 21.37
N LYS F 224 -23.36 -23.87 20.47
CA LYS F 224 -23.52 -22.91 19.35
C LYS F 224 -24.63 -23.30 18.37
N PRO F 225 -24.75 -24.59 18.02
CA PRO F 225 -25.88 -24.97 17.16
C PRO F 225 -27.24 -24.74 17.85
N MET F 226 -27.29 -24.89 19.18
CA MET F 226 -28.53 -24.62 19.90
C MET F 226 -28.90 -23.14 19.76
N ILE F 227 -27.89 -22.28 19.85
CA ILE F 227 -28.14 -20.84 19.77
C ILE F 227 -28.71 -20.48 18.40
N VAL F 228 -28.21 -21.13 17.37
CA VAL F 228 -28.76 -20.89 16.03
C VAL F 228 -30.23 -21.27 15.95
N GLU F 229 -30.57 -22.49 16.40
CA GLU F 229 -31.92 -22.98 16.17
C GLU F 229 -32.94 -22.47 17.19
N SER F 230 -32.48 -22.14 18.39
CA SER F 230 -33.37 -21.83 19.49
C SER F 230 -33.38 -20.38 19.94
N ILE F 231 -32.41 -19.60 19.48
CA ILE F 231 -32.36 -18.18 19.79
C ILE F 231 -32.38 -17.30 18.51
N PHE F 232 -31.38 -17.43 17.65
CA PHE F 232 -31.35 -16.63 16.42
C PHE F 232 -32.59 -16.78 15.54
N LYS F 233 -32.93 -18.00 15.15
CA LYS F 233 -34.08 -18.13 14.23
C LYS F 233 -35.42 -17.75 14.84
N PRO F 234 -35.70 -18.18 16.10
CA PRO F 234 -36.95 -17.72 16.72
C PRO F 234 -37.02 -16.20 16.87
N LEU F 235 -35.90 -15.52 17.15
CA LEU F 235 -35.91 -14.06 17.19
C LEU F 235 -36.31 -13.48 15.85
N GLN F 236 -35.82 -14.09 14.77
CA GLN F 236 -36.15 -13.57 13.44
C GLN F 236 -37.63 -13.73 13.17
N GLN F 237 -38.19 -14.86 13.57
CA GLN F 237 -39.63 -15.09 13.41
C GLN F 237 -40.44 -14.08 14.22
N GLN F 238 -40.02 -13.84 15.46
CA GLN F 238 -40.77 -12.90 16.31
C GLN F 238 -40.62 -11.47 15.79
N ALA F 239 -39.43 -11.12 15.31
CA ALA F 239 -39.23 -9.79 14.72
C ALA F 239 -40.21 -9.61 13.57
N TRP F 240 -40.36 -10.65 12.76
CA TRP F 240 -41.29 -10.56 11.63
C TRP F 240 -42.74 -10.29 12.09
N GLU F 241 -43.18 -10.98 13.13
CA GLU F 241 -44.53 -10.79 13.64
C GLU F 241 -44.71 -9.41 14.29
N ASN F 242 -43.60 -8.71 14.53
CA ASN F 242 -43.68 -7.43 15.24
C ASN F 242 -43.19 -6.22 14.43
N ASN F 243 -43.14 -6.40 13.12
CA ASN F 243 -42.69 -5.34 12.21
C ASN F 243 -41.34 -4.77 12.57
N ASP F 244 -40.46 -5.63 13.03
CA ASP F 244 -39.05 -5.27 13.16
C ASP F 244 -38.35 -5.87 11.93
N THR F 245 -38.03 -5.03 10.94
CA THR F 245 -37.42 -5.53 9.71
C THR F 245 -35.88 -5.44 9.74
N LEU F 246 -35.33 -4.72 10.72
CA LEU F 246 -33.88 -4.68 10.87
C LEU F 246 -33.30 -5.95 11.51
N LEU F 247 -33.89 -6.41 12.61
CA LEU F 247 -33.34 -7.56 13.34
C LEU F 247 -33.16 -8.80 12.44
N PRO F 248 -34.12 -9.08 11.54
CA PRO F 248 -33.89 -10.27 10.72
C PRO F 248 -32.66 -10.12 9.81
N LEU F 249 -32.41 -8.93 9.28
CA LEU F 249 -31.21 -8.73 8.44
C LEU F 249 -29.92 -8.80 9.25
N LEU F 250 -29.92 -8.20 10.45
CA LEU F 250 -28.76 -8.26 11.35
C LEU F 250 -28.44 -9.72 11.67
N ILE F 251 -29.48 -10.47 12.05
CA ILE F 251 -29.28 -11.86 12.41
C ILE F 251 -28.81 -12.70 11.22
N ASP F 252 -29.28 -12.40 10.02
CA ASP F 252 -28.78 -13.13 8.85
C ASP F 252 -27.26 -12.93 8.72
N SER F 253 -26.76 -11.72 9.02
CA SER F 253 -25.31 -11.52 8.98
C SER F 253 -24.59 -12.34 10.06
N GLN F 254 -25.16 -12.34 11.27
CA GLN F 254 -24.59 -13.13 12.36
C GLN F 254 -24.64 -14.62 12.07
N LEU F 255 -25.71 -15.07 11.39
CA LEU F 255 -25.83 -16.48 11.04
C LEU F 255 -24.77 -16.94 10.02
N LYS F 256 -24.31 -16.02 9.19
CA LYS F 256 -23.20 -16.31 8.27
C LYS F 256 -21.95 -16.67 9.08
N ASP F 257 -21.67 -15.90 10.13
CA ASP F 257 -20.56 -16.21 11.02
C ASP F 257 -20.82 -17.56 11.69
N ALA F 258 -22.05 -17.76 12.19
CA ALA F 258 -22.35 -19.00 12.95
C ALA F 258 -22.17 -20.25 12.06
N GLU F 259 -22.54 -20.12 10.79
CA GLU F 259 -22.42 -21.27 9.88
C GLU F 259 -20.94 -21.51 9.61
N ARG F 260 -20.18 -20.43 9.49
CA ARG F 260 -18.73 -20.59 9.32
C ARG F 260 -18.13 -21.36 10.50
N HIS F 261 -18.56 -21.03 11.73
CA HIS F 261 -18.04 -21.75 12.90
C HIS F 261 -18.44 -23.25 12.84
N SER F 262 -19.65 -23.55 12.41
N SER F 262 -19.65 -23.54 12.38
CA SER F 262 -20.07 -24.94 12.27
CA SER F 262 -20.09 -24.93 12.27
C SER F 262 -19.26 -25.65 11.18
C SER F 262 -19.29 -25.65 11.17
N ARG F 263 -18.95 -24.92 10.11
CA ARG F 263 -18.17 -25.48 9.01
C ARG F 263 -16.79 -25.96 9.47
N TRP F 264 -16.02 -25.10 10.15
CA TRP F 264 -14.72 -25.56 10.60
C TRP F 264 -14.86 -26.64 11.66
N SER F 265 -15.87 -26.52 12.53
CA SER F 265 -16.09 -27.55 13.57
C SER F 265 -16.34 -28.93 12.96
N LYS F 266 -17.21 -28.99 11.96
CA LYS F 266 -17.51 -30.27 11.32
C LYS F 266 -16.26 -30.83 10.66
N ALA F 267 -15.45 -29.95 10.09
CA ALA F 267 -14.17 -30.38 9.51
C ALA F 267 -13.24 -30.97 10.57
N LEU F 268 -13.24 -30.39 11.77
CA LEU F 268 -12.42 -30.91 12.85
C LEU F 268 -12.94 -32.27 13.32
N VAL F 269 -14.27 -32.39 13.44
CA VAL F 269 -14.86 -33.66 13.75
C VAL F 269 -14.44 -34.73 12.74
N LYS F 270 -14.50 -34.41 11.46
CA LYS F 270 -14.16 -35.37 10.41
C LYS F 270 -12.69 -35.80 10.54
N HIS F 271 -11.82 -34.82 10.81
CA HIS F 271 -10.40 -35.11 11.04
C HIS F 271 -10.27 -36.04 12.26
N ALA F 272 -10.93 -35.68 13.37
CA ALA F 272 -10.87 -36.53 14.57
C ALA F 272 -11.36 -37.97 14.33
N LEU F 273 -12.38 -38.12 13.50
CA LEU F 273 -12.97 -39.45 13.31
C LEU F 273 -12.10 -40.40 12.48
N GLU F 274 -10.95 -39.91 11.99
CA GLU F 274 -9.98 -40.80 11.37
C GLU F 274 -9.51 -41.82 12.39
N ASN F 275 -9.54 -41.44 13.66
CA ASN F 275 -9.32 -42.39 14.75
C ASN F 275 -10.68 -42.89 15.22
N PRO F 276 -11.00 -44.16 14.92
CA PRO F 276 -12.30 -44.75 15.25
C PRO F 276 -12.69 -44.55 16.71
N ASP F 277 -11.71 -44.53 17.61
CA ASP F 277 -12.02 -44.40 19.04
C ASP F 277 -12.73 -43.09 19.35
N ASN F 278 -12.53 -42.08 18.51
CA ASN F 278 -13.07 -40.77 18.81
C ASN F 278 -14.58 -40.63 18.67
N HIS F 279 -15.20 -41.51 17.88
CA HIS F 279 -16.63 -41.51 17.76
C HIS F 279 -17.34 -41.59 19.14
N ALA F 280 -16.95 -42.57 19.97
CA ALA F 280 -17.57 -42.77 21.28
C ALA F 280 -17.30 -41.59 22.22
N VAL F 281 -16.09 -41.07 22.15
CA VAL F 281 -15.70 -39.88 22.93
C VAL F 281 -16.56 -38.65 22.62
N ILE F 282 -16.64 -38.29 21.34
CA ILE F 282 -17.46 -37.16 20.93
C ILE F 282 -18.94 -37.38 21.26
N GLU F 283 -19.46 -38.55 20.90
CA GLU F 283 -20.86 -38.84 21.17
C GLU F 283 -21.16 -38.75 22.67
N GLY F 284 -20.22 -39.20 23.50
CA GLY F 284 -20.43 -39.17 24.94
C GLY F 284 -20.52 -37.74 25.48
N TRP F 285 -19.65 -36.87 24.99
CA TRP F 285 -19.69 -35.45 25.39
C TRP F 285 -20.98 -34.79 24.89
N ILE F 286 -21.41 -35.16 23.70
CA ILE F 286 -22.66 -34.62 23.19
C ILE F 286 -23.84 -35.03 24.09
N GLU F 287 -23.93 -36.31 24.41
CA GLU F 287 -24.99 -36.79 25.29
C GLU F 287 -24.91 -36.14 26.66
N LYS F 288 -23.70 -35.87 27.13
CA LYS F 288 -23.51 -35.25 28.44
C LYS F 288 -24.06 -33.83 28.50
N TRP F 289 -23.84 -33.08 27.43
CA TRP F 289 -24.11 -31.66 27.40
C TRP F 289 -25.48 -31.32 26.81
N ARG F 290 -26.06 -32.24 26.06
CA ARG F 290 -27.33 -31.98 25.39
C ARG F 290 -28.47 -31.59 26.33
N PRO F 291 -28.58 -32.28 27.48
CA PRO F 291 -29.73 -31.97 28.34
C PRO F 291 -29.69 -30.52 28.84
N LEU F 292 -28.52 -30.05 29.29
CA LEU F 292 -28.36 -28.66 29.69
C LEU F 292 -28.72 -27.71 28.54
N ALA F 293 -28.30 -28.06 27.34
CA ALA F 293 -28.56 -27.22 26.18
C ALA F 293 -30.06 -27.18 25.87
N ASP F 294 -30.70 -28.34 25.94
CA ASP F 294 -32.13 -28.42 25.69
C ASP F 294 -32.89 -27.59 26.72
N ARG F 295 -32.49 -27.70 27.98
CA ARG F 295 -33.18 -26.96 29.04
C ARG F 295 -33.00 -25.46 28.83
N ALA F 296 -31.80 -25.07 28.41
CA ALA F 296 -31.51 -23.68 28.12
C ALA F 296 -32.45 -23.16 27.05
N ALA F 297 -32.57 -23.91 25.96
CA ALA F 297 -33.40 -23.52 24.84
C ALA F 297 -34.88 -23.39 25.24
N GLU F 298 -35.36 -24.38 25.98
CA GLU F 298 -36.75 -24.43 26.40
C GLU F 298 -37.10 -23.22 27.26
N ALA F 299 -36.26 -22.90 28.23
CA ALA F 299 -36.52 -21.78 29.11
C ALA F 299 -36.49 -20.46 28.34
N TYR F 300 -35.53 -20.34 27.42
CA TYR F 300 -35.43 -19.13 26.61
C TYR F 300 -36.71 -18.93 25.76
N LEU F 301 -37.14 -19.98 25.08
CA LEU F 301 -38.33 -19.90 24.22
C LEU F 301 -39.62 -19.60 24.98
N SER F 302 -39.76 -20.14 26.19
CA SER F 302 -40.95 -19.87 27.00
C SER F 302 -41.01 -18.37 27.32
N MET F 303 -39.85 -17.80 27.60
CA MET F 303 -39.75 -16.38 27.90
C MET F 303 -40.01 -15.54 26.63
N LEU F 304 -39.45 -15.93 25.50
CA LEU F 304 -39.66 -15.20 24.25
C LEU F 304 -41.13 -15.22 23.84
N SER F 305 -41.82 -16.32 24.16
CA SER F 305 -43.21 -16.53 23.75
C SER F 305 -44.22 -15.78 24.60
N SER F 306 -43.82 -15.39 25.81
CA SER F 306 -44.75 -14.74 26.72
C SER F 306 -44.73 -13.22 26.56
N ASP F 307 -45.34 -12.52 27.53
CA ASP F 307 -45.37 -11.05 27.52
C ASP F 307 -44.98 -10.47 28.87
N SER G 2 38.57 -40.72 36.36
CA SER G 2 37.28 -40.63 35.70
C SER G 2 36.86 -39.17 35.46
N ALA G 3 35.93 -38.97 34.53
CA ALA G 3 35.49 -37.64 34.09
C ALA G 3 34.95 -36.79 35.24
N PHE G 4 35.28 -35.50 35.21
CA PHE G 4 34.92 -34.58 36.27
C PHE G 4 34.71 -33.22 35.64
N PRO G 5 33.45 -32.84 35.43
CA PRO G 5 33.21 -31.57 34.74
C PRO G 5 33.37 -30.39 35.70
N VAL G 6 33.99 -29.33 35.22
CA VAL G 6 34.02 -28.07 35.98
C VAL G 6 33.59 -26.96 35.04
N HIS G 7 33.23 -25.82 35.62
CA HIS G 7 33.00 -24.61 34.84
C HIS G 7 34.16 -23.70 35.17
N ALA G 8 34.90 -23.29 34.16
CA ALA G 8 36.16 -22.61 34.43
C ALA G 8 36.21 -21.24 33.77
N ALA G 9 36.71 -20.26 34.53
CA ALA G 9 36.91 -18.89 34.04
C ALA G 9 38.39 -18.57 33.98
N PHE G 10 38.90 -18.31 32.79
CA PHE G 10 40.33 -18.12 32.62
C PHE G 10 40.66 -16.62 32.63
N GLU G 11 41.74 -16.25 33.32
CA GLU G 11 42.11 -14.85 33.48
C GLU G 11 42.20 -14.11 32.14
N LYS G 12 41.44 -13.01 32.05
CA LYS G 12 41.38 -12.12 30.88
C LYS G 12 40.46 -12.56 29.73
N ASP G 13 39.86 -13.74 29.85
CA ASP G 13 38.87 -14.20 28.86
C ASP G 13 37.53 -13.54 29.14
N PHE G 14 36.54 -13.78 28.29
CA PHE G 14 35.26 -13.08 28.41
C PHE G 14 34.14 -13.95 28.98
N LEU G 15 34.42 -15.23 29.26
CA LEU G 15 33.36 -16.15 29.63
C LEU G 15 33.84 -17.28 30.54
N VAL G 16 32.88 -18.07 31.01
CA VAL G 16 33.12 -19.30 31.74
C VAL G 16 32.79 -20.45 30.77
N GLN G 17 33.63 -21.48 30.72
CA GLN G 17 33.38 -22.64 29.84
C GLN G 17 33.30 -23.95 30.58
N LEU G 18 32.59 -24.90 30.02
CA LEU G 18 32.63 -26.26 30.52
C LEU G 18 33.96 -26.85 30.15
N VAL G 19 34.68 -27.44 31.12
CA VAL G 19 35.91 -28.15 30.82
C VAL G 19 35.88 -29.46 31.58
N VAL G 20 36.03 -30.58 30.88
CA VAL G 20 35.97 -31.86 31.60
C VAL G 20 37.39 -32.32 31.91
N VAL G 21 37.71 -32.47 33.19
CA VAL G 21 39.03 -32.90 33.63
C VAL G 21 38.91 -34.28 34.25
N ASP G 22 39.98 -34.76 34.86
N ASP G 22 39.97 -34.75 34.88
CA ASP G 22 39.92 -36.07 35.52
CA ASP G 22 39.95 -36.06 35.52
C ASP G 22 39.98 -35.91 37.03
C ASP G 22 40.02 -35.93 37.03
N LEU G 23 39.32 -36.82 37.72
CA LEU G 23 39.28 -36.82 39.19
C LEU G 23 40.66 -36.76 39.81
N ASN G 24 41.64 -37.37 39.16
CA ASN G 24 42.99 -37.45 39.72
C ASN G 24 44.01 -36.51 39.07
N ASP G 25 43.54 -35.56 38.26
CA ASP G 25 44.39 -34.50 37.72
C ASP G 25 44.85 -33.58 38.83
N SER G 26 46.13 -33.22 38.81
CA SER G 26 46.65 -32.14 39.64
C SER G 26 46.10 -30.79 39.16
N MET G 27 46.18 -29.79 40.03
CA MET G 27 45.78 -28.44 39.63
C MET G 27 46.56 -27.95 38.42
N ASP G 28 47.85 -28.29 38.36
CA ASP G 28 48.65 -27.93 37.20
C ASP G 28 48.05 -28.55 35.94
N GLN G 29 47.62 -29.82 36.01
CA GLN G 29 47.00 -30.47 34.84
C GLN G 29 45.65 -29.85 34.50
N VAL G 30 44.90 -29.51 35.54
CA VAL G 30 43.62 -28.85 35.35
C VAL G 30 43.79 -27.49 34.65
N ALA G 31 44.71 -26.67 35.13
CA ALA G 31 44.99 -25.37 34.50
C ALA G 31 45.35 -25.50 33.03
N GLU G 32 46.12 -26.52 32.68
CA GLU G 32 46.49 -26.70 31.27
C GLU G 32 45.30 -27.13 30.41
N LYS G 33 44.43 -27.97 30.95
CA LYS G 33 43.22 -28.37 30.24
C LYS G 33 42.28 -27.18 29.97
N VAL G 34 42.13 -26.28 30.95
CA VAL G 34 41.38 -25.04 30.69
C VAL G 34 42.11 -24.12 29.71
N ALA G 35 43.41 -23.96 29.88
CA ALA G 35 44.20 -23.10 28.98
C ALA G 35 44.02 -23.46 27.50
N TYR G 36 43.91 -24.75 27.22
CA TYR G 36 43.69 -25.24 25.84
C TYR G 36 42.55 -24.50 25.14
N HIS G 37 41.50 -24.18 25.89
CA HIS G 37 40.30 -23.57 25.31
C HIS G 37 40.29 -22.05 25.37
N CYS G 38 41.41 -21.45 25.76
CA CYS G 38 41.45 -19.99 26.04
C CYS G 38 42.68 -19.34 25.48
N VAL G 39 43.85 -19.84 25.88
CA VAL G 39 45.11 -19.23 25.47
C VAL G 39 45.33 -19.43 23.97
N ASN G 40 45.75 -18.36 23.29
CA ASN G 40 45.87 -18.35 21.82
C ASN G 40 44.55 -18.52 21.06
N ARG G 41 43.43 -18.43 21.79
CA ARG G 41 42.13 -18.36 21.14
C ARG G 41 41.53 -16.96 21.39
N ARG G 42 41.47 -16.55 22.66
CA ARG G 42 40.93 -15.23 23.00
C ARG G 42 41.82 -14.52 24.03
N VAL G 43 42.83 -15.23 24.52
CA VAL G 43 43.70 -14.71 25.58
C VAL G 43 45.15 -14.82 25.13
N ALA G 44 45.90 -13.72 25.24
CA ALA G 44 47.30 -13.71 24.86
C ALA G 44 48.12 -14.61 25.80
N PRO G 45 49.07 -15.36 25.22
CA PRO G 45 49.94 -16.17 26.08
C PRO G 45 50.87 -15.26 26.87
N ARG G 46 51.20 -15.66 28.09
CA ARG G 46 52.17 -14.95 28.91
C ARG G 46 53.04 -15.88 29.76
N GLU G 47 54.15 -15.37 30.25
CA GLU G 47 54.98 -16.09 31.21
C GLU G 47 54.34 -16.01 32.59
N GLY G 48 54.67 -16.96 33.46
CA GLY G 48 54.08 -16.98 34.79
C GLY G 48 53.48 -18.35 35.08
N VAL G 49 53.08 -18.57 36.33
CA VAL G 49 52.56 -19.85 36.77
C VAL G 49 51.05 -19.80 36.88
N MET G 50 50.36 -20.71 36.17
CA MET G 50 48.91 -20.80 36.27
C MET G 50 48.48 -21.53 37.55
N ARG G 51 47.53 -20.93 38.26
CA ARG G 51 47.03 -21.43 39.53
C ARG G 51 45.52 -21.60 39.46
N VAL G 52 44.99 -22.54 40.23
CA VAL G 52 43.55 -22.79 40.21
C VAL G 52 42.94 -22.42 41.55
N ARG G 53 41.74 -21.82 41.56
CA ARG G 53 41.08 -21.49 42.82
C ARG G 53 39.58 -21.65 42.63
N LYS G 54 38.83 -21.83 43.73
CA LYS G 54 37.38 -21.80 43.61
C LYS G 54 37.02 -20.39 43.15
N HIS G 55 35.97 -20.29 42.36
CA HIS G 55 35.55 -19.02 41.77
C HIS G 55 35.59 -17.86 42.78
N ARG G 56 36.41 -16.86 42.47
CA ARG G 56 36.47 -15.62 43.23
C ARG G 56 36.95 -15.77 44.67
N SER G 57 37.53 -16.92 44.98
CA SER G 57 38.09 -17.19 46.30
C SER G 57 39.38 -16.43 46.47
N THR G 58 39.80 -16.26 47.72
CA THR G 58 41.05 -15.59 47.99
C THR G 58 42.20 -16.60 48.04
N GLU G 59 41.88 -17.87 48.17
CA GLU G 59 42.93 -18.88 48.37
C GLU G 59 43.10 -19.70 47.11
N LEU G 60 44.33 -20.06 46.80
CA LEU G 60 44.63 -20.91 45.65
C LEU G 60 44.81 -22.36 46.08
N PHE G 61 44.39 -23.29 45.24
CA PHE G 61 44.72 -24.69 45.48
C PHE G 61 46.22 -24.95 45.22
N PRO G 62 46.86 -25.74 46.09
CA PRO G 62 48.24 -26.14 45.82
C PRO G 62 48.41 -26.72 44.41
N ARG G 63 49.54 -26.46 43.78
CA ARG G 63 49.76 -26.90 42.40
C ARG G 63 49.63 -28.42 42.22
N ASP G 64 50.15 -29.17 43.19
CA ASP G 64 50.17 -30.63 43.08
C ASP G 64 48.93 -31.33 43.65
N MET G 65 48.00 -30.56 44.23
CA MET G 65 46.79 -31.13 44.75
C MET G 65 45.95 -31.65 43.59
N THR G 66 45.33 -32.81 43.76
CA THR G 66 44.43 -33.34 42.73
C THR G 66 42.98 -32.86 42.94
N ILE G 67 42.19 -32.97 41.88
CA ILE G 67 40.77 -32.65 41.96
C ILE G 67 40.13 -33.45 43.10
N ALA G 68 40.47 -34.73 43.21
CA ALA G 68 39.91 -35.59 44.25
C ALA G 68 40.25 -35.07 45.65
N GLU G 69 41.48 -34.62 45.81
CA GLU G 69 41.94 -34.15 47.12
C GLU G 69 41.38 -32.79 47.50
N SER G 70 40.91 -32.04 46.51
CA SER G 70 40.57 -30.63 46.68
C SER G 70 39.23 -30.35 47.37
N GLY G 71 38.32 -31.31 47.33
CA GLY G 71 37.01 -31.11 47.90
C GLY G 71 36.03 -30.45 46.93
N LEU G 72 36.48 -30.16 45.70
CA LEU G 72 35.55 -29.66 44.67
C LEU G 72 34.48 -30.68 44.35
N ASN G 73 33.28 -30.17 44.06
CA ASN G 73 32.16 -30.98 43.59
C ASN G 73 32.04 -30.80 42.08
N PRO G 74 31.58 -31.85 41.38
CA PRO G 74 31.41 -31.71 39.93
C PRO G 74 30.47 -30.53 39.60
N THR G 75 30.81 -29.80 38.53
CA THR G 75 30.08 -28.63 38.03
C THR G 75 30.24 -27.39 38.89
N GLU G 76 31.10 -27.44 39.91
CA GLU G 76 31.48 -26.21 40.60
C GLU G 76 32.32 -25.29 39.71
N VAL G 77 32.35 -24.00 40.03
CA VAL G 77 33.05 -23.03 39.20
C VAL G 77 34.45 -22.77 39.78
N ILE G 78 35.45 -22.79 38.91
CA ILE G 78 36.83 -22.46 39.30
C ILE G 78 37.36 -21.34 38.41
N ASP G 79 38.34 -20.58 38.92
CA ASP G 79 39.08 -19.62 38.08
C ASP G 79 40.48 -20.18 37.85
N VAL G 80 41.09 -19.85 36.70
CA VAL G 80 42.51 -20.14 36.48
C VAL G 80 43.17 -18.78 36.31
N VAL G 81 44.12 -18.47 37.18
CA VAL G 81 44.71 -17.13 37.23
C VAL G 81 46.22 -17.28 37.38
N PHE G 82 46.93 -16.18 37.16
CA PHE G 82 48.38 -16.23 37.20
C PHE G 82 48.90 -15.71 38.52
N GLU G 83 49.99 -16.29 39.00
CA GLU G 83 50.66 -15.79 40.19
C GLU G 83 51.18 -14.37 39.97
N SER H 2 24.10 6.92 37.75
CA SER H 2 25.00 7.82 37.04
C SER H 2 24.27 9.10 36.65
N THR H 3 25.03 10.17 36.47
CA THR H 3 24.41 11.43 36.10
C THR H 3 23.73 11.32 34.73
N LEU H 4 24.33 10.62 33.77
CA LEU H 4 23.70 10.50 32.46
C LEU H 4 22.34 9.80 32.57
N ALA H 5 22.27 8.71 33.35
CA ALA H 5 21.00 7.98 33.49
C ALA H 5 19.99 8.80 34.26
N ASP H 6 20.44 9.48 35.30
CA ASP H 6 19.59 10.37 36.12
C ASP H 6 18.93 11.41 35.24
N GLN H 7 19.76 12.08 34.45
CA GLN H 7 19.28 13.12 33.56
C GLN H 7 18.28 12.59 32.57
N ALA H 8 18.54 11.40 32.02
CA ALA H 8 17.62 10.82 31.05
C ALA H 8 16.27 10.46 31.67
N LEU H 9 16.29 10.00 32.92
CA LEU H 9 15.05 9.57 33.57
C LEU H 9 14.22 10.79 33.99
N HIS H 10 14.89 11.82 34.47
CA HIS H 10 14.22 13.02 34.96
C HIS H 10 13.85 13.95 33.79
N ASN H 11 12.89 13.50 33.01
CA ASN H 11 12.34 14.30 31.94
C ASN H 11 10.83 14.24 32.10
N ASN H 12 10.12 15.19 31.48
CA ASN H 12 8.66 15.15 31.47
C ASN H 12 8.14 15.22 30.04
N ASN H 13 8.88 14.60 29.12
CA ASN H 13 8.55 14.66 27.69
C ASN H 13 7.40 13.74 27.36
N VAL H 14 6.36 14.27 26.69
CA VAL H 14 5.22 13.47 26.30
C VAL H 14 4.91 13.77 24.84
N GLY H 15 4.31 12.79 24.14
CA GLY H 15 3.97 13.02 22.75
C GLY H 15 4.08 11.78 21.89
N PRO H 16 3.61 11.88 20.65
CA PRO H 16 3.55 10.74 19.73
C PRO H 16 4.88 10.41 19.08
N ILE H 17 5.10 9.12 18.86
CA ILE H 17 6.16 8.67 17.99
C ILE H 17 5.45 8.24 16.71
N ILE H 18 5.66 8.99 15.61
CA ILE H 18 4.92 8.71 14.36
C ILE H 18 5.87 7.98 13.38
N ARG H 19 5.40 6.89 12.79
CA ARG H 19 6.26 6.14 11.90
C ARG H 19 6.31 6.86 10.56
N ALA H 20 7.35 6.55 9.77
CA ALA H 20 7.58 7.21 8.49
C ALA H 20 6.33 7.07 7.62
N GLY H 21 5.92 8.19 7.02
CA GLY H 21 4.76 8.19 6.15
C GLY H 21 4.10 9.55 6.11
N ASP H 22 2.85 9.60 5.70
CA ASP H 22 2.15 10.85 5.43
C ASP H 22 1.62 11.59 6.66
N LEU H 23 1.82 11.02 7.85
CA LEU H 23 1.34 11.68 9.06
C LEU H 23 2.42 12.47 9.81
N VAL H 24 3.69 12.28 9.44
CA VAL H 24 4.78 12.86 10.23
C VAL H 24 4.68 14.40 10.22
N GLU H 25 4.63 14.99 9.03
CA GLU H 25 4.60 16.46 9.00
C GLU H 25 3.28 17.05 9.53
N PRO H 26 2.14 16.47 9.15
CA PRO H 26 0.89 16.98 9.72
C PRO H 26 0.83 16.87 11.25
N VAL H 27 1.39 15.83 11.84
CA VAL H 27 1.37 15.70 13.30
C VAL H 27 2.29 16.74 13.96
N ILE H 28 3.46 16.97 13.37
CA ILE H 28 4.37 17.99 13.90
C ILE H 28 3.68 19.36 13.86
N GLU H 29 3.11 19.69 12.71
CA GLU H 29 2.41 20.97 12.57
C GLU H 29 1.23 21.11 13.54
N THR H 30 0.52 20.02 13.76
CA THR H 30 -0.62 20.04 14.66
C THR H 30 -0.15 20.23 16.11
N ALA H 31 0.93 19.55 16.48
CA ALA H 31 1.47 19.70 17.84
C ALA H 31 1.81 21.16 18.09
N GLU H 32 2.44 21.81 17.11
CA GLU H 32 2.80 23.22 17.26
C GLU H 32 1.56 24.12 17.41
N ILE H 33 0.56 23.89 16.57
CA ILE H 33 -0.64 24.72 16.55
C ILE H 33 -1.49 24.54 17.80
N ASP H 34 -1.66 23.29 18.23
CA ASP H 34 -2.59 22.98 19.30
C ASP H 34 -1.94 23.15 20.69
N ASN H 35 -0.64 23.42 20.74
CA ASN H 35 0.05 23.62 22.02
C ASN H 35 0.86 24.91 21.97
N PRO H 36 0.17 26.04 21.76
CA PRO H 36 0.88 27.31 21.63
C PRO H 36 1.54 27.60 22.98
N GLY H 37 2.71 28.18 22.99
CA GLY H 37 3.38 28.36 24.27
C GLY H 37 3.92 27.08 24.90
N LYS H 38 4.01 26.00 24.12
CA LYS H 38 4.93 24.93 24.44
C LYS H 38 5.93 24.90 23.29
N GLU H 39 7.19 24.62 23.58
CA GLU H 39 8.15 24.27 22.54
C GLU H 39 7.89 22.81 22.18
N ILE H 40 7.79 22.52 20.90
CA ILE H 40 7.69 21.14 20.46
C ILE H 40 9.08 20.70 20.01
N THR H 41 9.56 19.58 20.55
CA THR H 41 10.82 19.03 20.08
C THR H 41 10.58 17.87 19.11
N VAL H 42 11.47 17.73 18.14
CA VAL H 42 11.35 16.68 17.15
C VAL H 42 12.70 15.97 16.99
N GLU H 43 12.70 14.65 17.12
CA GLU H 43 13.91 13.88 16.88
C GLU H 43 13.62 12.95 15.72
N ASP H 44 14.36 13.13 14.64
CA ASP H 44 14.09 12.39 13.43
C ASP H 44 14.99 11.15 13.34
N ARG H 45 14.40 9.95 13.39
CA ARG H 45 15.18 8.73 13.26
C ARG H 45 14.86 8.01 11.95
N ARG H 46 14.34 8.77 11.00
CA ARG H 46 14.08 8.31 9.62
C ARG H 46 12.90 7.32 9.51
N ALA H 47 12.95 6.22 10.25
CA ALA H 47 11.85 5.26 10.23
C ALA H 47 10.73 5.73 11.15
N TYR H 48 11.07 6.64 12.04
CA TYR H 48 10.10 7.21 12.97
C TYR H 48 10.58 8.57 13.42
N VAL H 49 9.63 9.37 13.93
CA VAL H 49 9.92 10.69 14.45
C VAL H 49 9.33 10.82 15.87
N ARG H 50 10.16 11.27 16.81
CA ARG H 50 9.75 11.41 18.21
C ARG H 50 9.40 12.87 18.47
N ILE H 51 8.12 13.11 18.73
CA ILE H 51 7.60 14.47 18.83
C ILE H 51 7.15 14.71 20.28
N ALA H 52 7.61 15.77 20.92
CA ALA H 52 7.35 15.88 22.34
C ALA H 52 7.19 17.32 22.84
N ALA H 53 6.48 17.45 23.96
CA ALA H 53 6.42 18.70 24.71
C ALA H 53 6.53 18.37 26.18
N GLU H 54 6.73 19.39 27.01
CA GLU H 54 6.81 19.21 28.44
C GLU H 54 5.42 19.06 29.08
N GLY H 55 5.21 17.94 29.76
CA GLY H 55 4.04 17.76 30.62
C GLY H 55 2.76 17.30 29.95
N GLU H 56 2.42 17.94 28.82
CA GLU H 56 1.18 17.67 28.16
C GLU H 56 1.31 18.04 26.69
N LEU H 57 0.86 17.17 25.80
CA LEU H 57 0.80 17.53 24.39
C LEU H 57 -0.52 17.08 23.81
N ILE H 58 -1.28 18.02 23.21
CA ILE H 58 -2.58 17.69 22.66
C ILE H 58 -2.53 17.68 21.14
N LEU H 59 -3.18 16.68 20.54
CA LEU H 59 -3.42 16.71 19.11
C LEU H 59 -4.93 16.70 18.87
N THR H 60 -5.49 17.79 18.34
CA THR H 60 -6.92 17.77 18.04
C THR H 60 -7.23 17.23 16.64
N ARG H 61 -8.37 16.56 16.53
CA ARG H 61 -8.80 15.97 15.28
C ARG H 61 -8.95 17.07 14.23
N LYS H 62 -9.54 18.19 14.64
CA LYS H 62 -9.87 19.25 13.69
C LYS H 62 -8.60 19.83 13.08
N THR H 63 -7.64 20.17 13.94
CA THR H 63 -6.37 20.71 13.46
C THR H 63 -5.63 19.67 12.60
N LEU H 64 -5.62 18.42 13.05
CA LEU H 64 -4.91 17.38 12.30
C LEU H 64 -5.52 17.17 10.92
N GLU H 65 -6.84 17.21 10.83
CA GLU H 65 -7.48 17.12 9.52
C GLU H 65 -7.04 18.27 8.62
N GLU H 66 -6.97 19.48 9.17
CA GLU H 66 -6.59 20.63 8.37
C GLU H 66 -5.14 20.52 7.88
N GLN H 67 -4.24 20.07 8.73
CA GLN H 67 -2.83 19.97 8.34
C GLN H 67 -2.55 18.77 7.42
N LEU H 68 -3.35 17.71 7.56
CA LEU H 68 -3.19 16.51 6.73
C LEU H 68 -3.78 16.73 5.34
N GLY H 69 -4.86 17.50 5.28
CA GLY H 69 -5.46 17.91 4.01
C GLY H 69 -6.50 16.98 3.42
N ARG H 70 -7.01 16.05 4.22
CA ARG H 70 -8.07 15.13 3.78
C ARG H 70 -8.94 14.73 5.00
N PRO H 71 -10.15 14.25 4.76
CA PRO H 71 -11.04 13.91 5.88
C PRO H 71 -10.38 12.88 6.79
N PHE H 72 -10.51 13.06 8.10
CA PHE H 72 -9.71 12.29 9.06
C PHE H 72 -10.50 12.12 10.36
N ASN H 73 -10.63 10.87 10.81
CA ASN H 73 -11.22 10.55 12.13
C ASN H 73 -10.07 10.25 13.09
N MET H 74 -10.22 10.63 14.35
CA MET H 74 -9.13 10.53 15.30
C MET H 74 -8.62 9.07 15.39
N GLN H 75 -9.52 8.11 15.32
CA GLN H 75 -9.15 6.69 15.49
C GLN H 75 -8.11 6.26 14.45
N GLU H 76 -8.12 6.89 13.28
CA GLU H 76 -7.20 6.53 12.21
C GLU H 76 -5.74 6.78 12.57
N LEU H 77 -5.50 7.61 13.56
CA LEU H 77 -4.10 7.91 13.91
C LEU H 77 -3.37 6.61 14.25
N GLU H 78 -4.11 5.59 14.68
CA GLU H 78 -3.48 4.31 15.00
C GLU H 78 -2.68 3.72 13.82
N ILE H 79 -3.07 4.03 12.61
CA ILE H 79 -2.31 3.54 11.46
C ILE H 79 -0.85 4.01 11.49
N ASN H 80 -0.61 5.15 12.14
CA ASN H 80 0.73 5.75 12.10
C ASN H 80 1.35 6.04 13.46
N LEU H 81 0.62 5.76 14.53
CA LEU H 81 1.12 6.06 15.87
C LEU H 81 1.90 4.83 16.37
N ALA H 82 3.22 4.84 16.17
CA ALA H 82 4.06 3.67 16.42
C ALA H 82 4.33 3.46 17.90
N SER H 83 4.40 4.55 18.63
CA SER H 83 4.52 4.51 20.09
C SER H 83 4.14 5.90 20.61
N PHE H 84 4.24 6.11 21.92
CA PHE H 84 4.05 7.45 22.49
C PHE H 84 4.65 7.51 23.87
N ALA H 85 5.09 8.69 24.28
CA ALA H 85 5.52 8.96 25.66
C ALA H 85 4.39 9.67 26.38
N GLY H 86 4.28 9.40 27.68
CA GLY H 86 3.20 9.94 28.50
C GLY H 86 2.04 8.96 28.54
N GLN H 87 1.11 9.19 29.44
CA GLN H 87 -0.16 8.49 29.46
C GLN H 87 -1.06 9.08 28.37
N ILE H 88 -2.03 8.30 27.90
CA ILE H 88 -2.89 8.73 26.80
C ILE H 88 -4.34 8.86 27.28
N GLN H 89 -4.96 9.99 26.96
CA GLN H 89 -6.39 10.16 27.10
C GLN H 89 -6.95 10.46 25.73
N ALA H 90 -7.70 9.52 25.15
CA ALA H 90 -8.14 9.66 23.76
C ALA H 90 -9.65 9.77 23.68
N ASP H 91 -10.15 10.54 22.71
CA ASP H 91 -11.58 10.63 22.50
C ASP H 91 -11.76 11.04 21.05
N GLU H 92 -13.00 11.21 20.62
CA GLU H 92 -13.24 11.44 19.20
C GLU H 92 -12.73 12.80 18.70
N ASP H 93 -12.53 13.75 19.62
CA ASP H 93 -12.07 15.09 19.23
C ASP H 93 -10.58 15.34 19.31
N GLN H 94 -9.85 14.53 20.09
CA GLN H 94 -8.43 14.80 20.29
C GLN H 94 -7.78 13.62 20.99
N ILE H 95 -6.44 13.60 20.99
CA ILE H 95 -5.68 12.72 21.89
C ILE H 95 -4.79 13.63 22.74
N ARG H 96 -4.75 13.38 24.06
CA ARG H 96 -3.90 14.12 24.98
C ARG H 96 -2.84 13.15 25.55
N PHE H 97 -1.56 13.50 25.41
CA PHE H 97 -0.47 12.75 26.03
C PHE H 97 -0.06 13.57 27.25
N TYR H 98 0.15 12.94 28.41
CA TYR H 98 0.34 13.72 29.63
C TYR H 98 1.00 12.89 30.73
N PHE H 99 1.63 13.56 31.70
CA PHE H 99 2.08 12.86 32.90
C PHE H 99 1.32 13.37 34.11
N ASP H 100 1.08 12.46 35.07
CA ASP H 100 0.59 12.84 36.39
C ASP H 100 1.65 13.49 37.28
N LYS H 101 2.89 13.03 37.17
CA LYS H 101 3.95 13.53 38.04
C LYS H 101 4.87 14.51 37.31
N THR H 102 5.61 15.30 38.08
CA THR H 102 6.64 16.18 37.53
C THR H 102 8.01 15.76 38.04
N MET H 103 8.90 15.36 37.14
N MET H 103 8.89 15.33 37.15
CA MET H 103 10.27 14.99 37.52
CA MET H 103 10.25 14.97 37.52
C MET H 103 11.26 16.11 37.25
C MET H 103 11.24 15.93 36.90
#